data_3S4G
# 
_entry.id   3S4G 
# 
_audit_conform.dict_name       mmcif_pdbx.dic 
_audit_conform.dict_version    5.387 
_audit_conform.dict_location   http://mmcif.pdb.org/dictionaries/ascii/mmcif_pdbx.dic 
# 
loop_
_database_2.database_id 
_database_2.database_code 
_database_2.pdbx_database_accession 
_database_2.pdbx_DOI 
PDB   3S4G         pdb_00003s4g 10.2210/pdb3s4g/pdb 
NDB   NA1233       ?            ?                   
RCSB  RCSB065748   ?            ?                   
WWPDB D_1000065748 ?            ?                   
# 
loop_
_pdbx_audit_revision_history.ordinal 
_pdbx_audit_revision_history.data_content_type 
_pdbx_audit_revision_history.major_revision 
_pdbx_audit_revision_history.minor_revision 
_pdbx_audit_revision_history.revision_date 
1 'Structure model' 1 0 2011-08-03 
2 'Structure model' 1 1 2011-10-05 
3 'Structure model' 1 2 2012-05-23 
4 'Structure model' 1 3 2017-11-08 
5 'Structure model' 1 4 2024-02-28 
# 
_pdbx_audit_revision_details.ordinal             1 
_pdbx_audit_revision_details.revision_ordinal    1 
_pdbx_audit_revision_details.data_content_type   'Structure model' 
_pdbx_audit_revision_details.provider            repository 
_pdbx_audit_revision_details.type                'Initial release' 
_pdbx_audit_revision_details.description         ? 
_pdbx_audit_revision_details.details             ? 
# 
loop_
_pdbx_audit_revision_group.ordinal 
_pdbx_audit_revision_group.revision_ordinal 
_pdbx_audit_revision_group.data_content_type 
_pdbx_audit_revision_group.group 
1 2 'Structure model' 'Database references'    
2 3 'Structure model' 'Database references'    
3 4 'Structure model' 'Refinement description' 
4 5 'Structure model' 'Data collection'        
5 5 'Structure model' 'Database references'    
6 5 'Structure model' 'Derived calculations'   
7 5 'Structure model' 'Source and taxonomy'    
8 5 'Structure model' 'Structure summary'      
# 
loop_
_pdbx_audit_revision_category.ordinal 
_pdbx_audit_revision_category.revision_ordinal 
_pdbx_audit_revision_category.data_content_type 
_pdbx_audit_revision_category.category 
1  4 'Structure model' software              
2  5 'Structure model' chem_comp_atom        
3  5 'Structure model' chem_comp_bond        
4  5 'Structure model' database_2            
5  5 'Structure model' entity                
6  5 'Structure model' entity_name_com       
7  5 'Structure model' entity_src_gen        
8  5 'Structure model' pdbx_entity_src_syn   
9  5 'Structure model' pdbx_struct_oper_list 
10 5 'Structure model' struct_ref            
11 5 'Structure model' struct_ref_seq        
# 
loop_
_pdbx_audit_revision_item.ordinal 
_pdbx_audit_revision_item.revision_ordinal 
_pdbx_audit_revision_item.data_content_type 
_pdbx_audit_revision_item.item 
1  5 'Structure model' '_database_2.pdbx_DOI'                          
2  5 'Structure model' '_database_2.pdbx_database_accession'           
3  5 'Structure model' '_entity.pdbx_description'                      
4  5 'Structure model' '_entity_src_gen.pdbx_beg_seq_num'              
5  5 'Structure model' '_entity_src_gen.pdbx_end_seq_num'              
6  5 'Structure model' '_entity_src_gen.pdbx_gene_src_scientific_name' 
7  5 'Structure model' '_entity_src_gen.pdbx_seq_type'                 
8  5 'Structure model' '_pdbx_struct_oper_list.name'                   
9  5 'Structure model' '_pdbx_struct_oper_list.symmetry_operation'     
10 5 'Structure model' '_pdbx_struct_oper_list.type'                   
# 
_pdbx_database_status.status_code                     REL 
_pdbx_database_status.entry_id                        3S4G 
_pdbx_database_status.recvd_initial_deposition_date   2011-05-19 
_pdbx_database_status.deposit_site                    RCSB 
_pdbx_database_status.process_site                    RCSB 
_pdbx_database_status.status_code_sf                  REL 
_pdbx_database_status.status_code_mr                  ? 
_pdbx_database_status.SG_entry                        ? 
_pdbx_database_status.status_code_cs                  ? 
_pdbx_database_status.pdb_format_compatible           Y 
_pdbx_database_status.methods_development_category    ? 
_pdbx_database_status.status_code_nmr_data            ? 
# 
loop_
_pdbx_database_related.db_name 
_pdbx_database_related.db_id 
_pdbx_database_related.details 
_pdbx_database_related.content_type 
PDB 3RQV . unspecified 
PDB 1VTZ . unspecified 
# 
loop_
_audit_author.name 
_audit_author.pdbx_ordinal 
'Lane, S.W.'       1 
'Dennis, C.A.'     2 
'Lane, C.L.'       3 
'Trinh, C.H.'      4 
'Rizkallah, P.J.'  5 
'Stockley, P.G.'   6 
'Phillips, S.E.V.' 7 
# 
_citation.id                        primary 
_citation.title                     'Construction and crystal structure of recombinant STNV capsids.' 
_citation.journal_abbrev            J.Mol.Biol. 
_citation.journal_volume            413 
_citation.page_first                41 
_citation.page_last                 50 
_citation.year                      2011 
_citation.journal_id_ASTM           JMOBAK 
_citation.country                   UK 
_citation.journal_id_ISSN           0022-2836 
_citation.journal_id_CSD            0070 
_citation.book_publisher            ? 
_citation.pdbx_database_id_PubMed   21839089 
_citation.pdbx_database_id_DOI      10.1016/j.jmb.2011.07.062 
# 
loop_
_citation_author.citation_id 
_citation_author.name 
_citation_author.ordinal 
_citation_author.identifier_ORCID 
primary 'Lane, S.W.'      1 ? 
primary 'Dennis, C.A.'    2 ? 
primary 'Lane, C.L.'      3 ? 
primary 'Trinh, C.H.'     4 ? 
primary 'Rizkallah, P.J.' 5 ? 
primary 'Stockley, P.G.'  6 ? 
primary 'Phillips, S.E.'  7 ? 
# 
loop_
_entity.id 
_entity.type 
_entity.src_method 
_entity.pdbx_description 
_entity.formula_weight 
_entity.pdbx_number_of_molecules 
_entity.pdbx_ec 
_entity.pdbx_mutation 
_entity.pdbx_fragment 
_entity.details 
1 polymer man 'Capsid protein'              21739.645 1 ? ? ? ? 
2 polymer syn 
;RNA (5'-R(P*AP*AP*A)-3')
;
942.660   1 ? ? ? ? 
3 polymer syn 
;RNA (5'-R(P*UP*UP*UP*U)-3')
;
1179.706  1 ? ? ? ? 
# 
_entity_name_com.entity_id   1 
_entity_name_com.name        'Coat protein' 
# 
loop_
_entity_poly.entity_id 
_entity_poly.type 
_entity_poly.nstd_linkage 
_entity_poly.nstd_monomer 
_entity_poly.pdbx_seq_one_letter_code 
_entity_poly.pdbx_seq_one_letter_code_can 
_entity_poly.pdbx_strand_id 
_entity_poly.pdbx_target_identifier 
1 'polypeptide(L)'   no no 
;MAKQQNNRRKSATMRAVKRMINTHLEHKRFALINSGNTNATAGTVQNLSNGIIQGDDINQRSGDQVRIVSHKLHVRGTAI
TVSQTFRFIWFRDNMNRGTTPTVLEVLNTANFMSQYNPITLQQKRFTILKDVTLNCSLTGESIKDRIINLPGQLVNYNGA
TAVAASNGPGAIFMLQIGDSLVGLWDSSYEAVYTDA
;
;MAKQQNNRRKSATMRAVKRMINTHLEHKRFALINSGNTNATAGTVQNLSNGIIQGDDINQRSGDQVRIVSHKLHVRGTAI
TVSQTFRFIWFRDNMNRGTTPTVLEVLNTANFMSQYNPITLQQKRFTILKDVTLNCSLTGESIKDRIINLPGQLVNYNGA
TAVAASNGPGAIFMLQIGDSLVGLWDSSYEAVYTDA
;
A ? 
2 polyribonucleotide no no AAA AAA B ? 
3 polyribonucleotide no no UUUU UUUU C ? 
# 
loop_
_entity_poly_seq.entity_id 
_entity_poly_seq.num 
_entity_poly_seq.mon_id 
_entity_poly_seq.hetero 
1 1   MET n 
1 2   ALA n 
1 3   LYS n 
1 4   GLN n 
1 5   GLN n 
1 6   ASN n 
1 7   ASN n 
1 8   ARG n 
1 9   ARG n 
1 10  LYS n 
1 11  SER n 
1 12  ALA n 
1 13  THR n 
1 14  MET n 
1 15  ARG n 
1 16  ALA n 
1 17  VAL n 
1 18  LYS n 
1 19  ARG n 
1 20  MET n 
1 21  ILE n 
1 22  ASN n 
1 23  THR n 
1 24  HIS n 
1 25  LEU n 
1 26  GLU n 
1 27  HIS n 
1 28  LYS n 
1 29  ARG n 
1 30  PHE n 
1 31  ALA n 
1 32  LEU n 
1 33  ILE n 
1 34  ASN n 
1 35  SER n 
1 36  GLY n 
1 37  ASN n 
1 38  THR n 
1 39  ASN n 
1 40  ALA n 
1 41  THR n 
1 42  ALA n 
1 43  GLY n 
1 44  THR n 
1 45  VAL n 
1 46  GLN n 
1 47  ASN n 
1 48  LEU n 
1 49  SER n 
1 50  ASN n 
1 51  GLY n 
1 52  ILE n 
1 53  ILE n 
1 54  GLN n 
1 55  GLY n 
1 56  ASP n 
1 57  ASP n 
1 58  ILE n 
1 59  ASN n 
1 60  GLN n 
1 61  ARG n 
1 62  SER n 
1 63  GLY n 
1 64  ASP n 
1 65  GLN n 
1 66  VAL n 
1 67  ARG n 
1 68  ILE n 
1 69  VAL n 
1 70  SER n 
1 71  HIS n 
1 72  LYS n 
1 73  LEU n 
1 74  HIS n 
1 75  VAL n 
1 76  ARG n 
1 77  GLY n 
1 78  THR n 
1 79  ALA n 
1 80  ILE n 
1 81  THR n 
1 82  VAL n 
1 83  SER n 
1 84  GLN n 
1 85  THR n 
1 86  PHE n 
1 87  ARG n 
1 88  PHE n 
1 89  ILE n 
1 90  TRP n 
1 91  PHE n 
1 92  ARG n 
1 93  ASP n 
1 94  ASN n 
1 95  MET n 
1 96  ASN n 
1 97  ARG n 
1 98  GLY n 
1 99  THR n 
1 100 THR n 
1 101 PRO n 
1 102 THR n 
1 103 VAL n 
1 104 LEU n 
1 105 GLU n 
1 106 VAL n 
1 107 LEU n 
1 108 ASN n 
1 109 THR n 
1 110 ALA n 
1 111 ASN n 
1 112 PHE n 
1 113 MET n 
1 114 SER n 
1 115 GLN n 
1 116 TYR n 
1 117 ASN n 
1 118 PRO n 
1 119 ILE n 
1 120 THR n 
1 121 LEU n 
1 122 GLN n 
1 123 GLN n 
1 124 LYS n 
1 125 ARG n 
1 126 PHE n 
1 127 THR n 
1 128 ILE n 
1 129 LEU n 
1 130 LYS n 
1 131 ASP n 
1 132 VAL n 
1 133 THR n 
1 134 LEU n 
1 135 ASN n 
1 136 CYS n 
1 137 SER n 
1 138 LEU n 
1 139 THR n 
1 140 GLY n 
1 141 GLU n 
1 142 SER n 
1 143 ILE n 
1 144 LYS n 
1 145 ASP n 
1 146 ARG n 
1 147 ILE n 
1 148 ILE n 
1 149 ASN n 
1 150 LEU n 
1 151 PRO n 
1 152 GLY n 
1 153 GLN n 
1 154 LEU n 
1 155 VAL n 
1 156 ASN n 
1 157 TYR n 
1 158 ASN n 
1 159 GLY n 
1 160 ALA n 
1 161 THR n 
1 162 ALA n 
1 163 VAL n 
1 164 ALA n 
1 165 ALA n 
1 166 SER n 
1 167 ASN n 
1 168 GLY n 
1 169 PRO n 
1 170 GLY n 
1 171 ALA n 
1 172 ILE n 
1 173 PHE n 
1 174 MET n 
1 175 LEU n 
1 176 GLN n 
1 177 ILE n 
1 178 GLY n 
1 179 ASP n 
1 180 SER n 
1 181 LEU n 
1 182 VAL n 
1 183 GLY n 
1 184 LEU n 
1 185 TRP n 
1 186 ASP n 
1 187 SER n 
1 188 SER n 
1 189 TYR n 
1 190 GLU n 
1 191 ALA n 
1 192 VAL n 
1 193 TYR n 
1 194 THR n 
1 195 ASP n 
1 196 ALA n 
2 1   A   n 
2 2   A   n 
2 3   A   n 
3 1   U   n 
3 2   U   n 
3 3   U   n 
3 4   U   n 
# 
_entity_src_gen.entity_id                          1 
_entity_src_gen.pdbx_src_id                        1 
_entity_src_gen.pdbx_alt_source_flag               sample 
_entity_src_gen.pdbx_seq_type                      'Biological sequence' 
_entity_src_gen.pdbx_beg_seq_num                   1 
_entity_src_gen.pdbx_end_seq_num                   196 
_entity_src_gen.gene_src_common_name               ? 
_entity_src_gen.gene_src_genus                     ? 
_entity_src_gen.pdbx_gene_src_gene                 ? 
_entity_src_gen.gene_src_species                   ? 
_entity_src_gen.gene_src_strain                    ? 
_entity_src_gen.gene_src_tissue                    ? 
_entity_src_gen.gene_src_tissue_fraction           ? 
_entity_src_gen.gene_src_details                   ? 
_entity_src_gen.pdbx_gene_src_fragment             ? 
_entity_src_gen.pdbx_gene_src_scientific_name      'Satellite tobacco necrosis virus 1' 
_entity_src_gen.pdbx_gene_src_ncbi_taxonomy_id     12445 
_entity_src_gen.pdbx_gene_src_variant              ? 
_entity_src_gen.pdbx_gene_src_cell_line            ? 
_entity_src_gen.pdbx_gene_src_atcc                 ? 
_entity_src_gen.pdbx_gene_src_organ                ? 
_entity_src_gen.pdbx_gene_src_organelle            ? 
_entity_src_gen.pdbx_gene_src_cell                 ? 
_entity_src_gen.pdbx_gene_src_cellular_location    ? 
_entity_src_gen.host_org_common_name               ? 
_entity_src_gen.pdbx_host_org_scientific_name      'Escherichia coli' 
_entity_src_gen.pdbx_host_org_ncbi_taxonomy_id     469008 
_entity_src_gen.host_org_genus                     ? 
_entity_src_gen.pdbx_host_org_gene                 ? 
_entity_src_gen.pdbx_host_org_organ                ? 
_entity_src_gen.host_org_species                   ? 
_entity_src_gen.pdbx_host_org_tissue               ? 
_entity_src_gen.pdbx_host_org_tissue_fraction      ? 
_entity_src_gen.pdbx_host_org_strain               'BL21(DE3) pLysS' 
_entity_src_gen.pdbx_host_org_variant              ? 
_entity_src_gen.pdbx_host_org_cell_line            ? 
_entity_src_gen.pdbx_host_org_atcc                 ? 
_entity_src_gen.pdbx_host_org_culture_collection   ? 
_entity_src_gen.pdbx_host_org_cell                 ? 
_entity_src_gen.pdbx_host_org_organelle            ? 
_entity_src_gen.pdbx_host_org_cellular_location    ? 
_entity_src_gen.pdbx_host_org_vector_type          Plasmid 
_entity_src_gen.pdbx_host_org_vector               ? 
_entity_src_gen.host_org_details                   ? 
_entity_src_gen.expression_system_id               ? 
_entity_src_gen.plasmid_name                       pET22b 
_entity_src_gen.plasmid_details                    ? 
_entity_src_gen.pdbx_description                   ? 
# 
loop_
_pdbx_entity_src_syn.entity_id 
_pdbx_entity_src_syn.pdbx_src_id 
_pdbx_entity_src_syn.pdbx_alt_source_flag 
_pdbx_entity_src_syn.pdbx_beg_seq_num 
_pdbx_entity_src_syn.pdbx_end_seq_num 
_pdbx_entity_src_syn.organism_scientific 
_pdbx_entity_src_syn.organism_common_name 
_pdbx_entity_src_syn.ncbi_taxonomy_id 
_pdbx_entity_src_syn.details 
2 1 sample 1 3 'Synthetic construct' ? 32630 'Arbitrary modelled RNA structure' 
3 1 sample 1 4 'Synthetic construct' ? 32630 ?                                  
# 
loop_
_chem_comp.id 
_chem_comp.type 
_chem_comp.mon_nstd_flag 
_chem_comp.name 
_chem_comp.pdbx_synonyms 
_chem_comp.formula 
_chem_comp.formula_weight 
A   'RNA linking'       y "ADENOSINE-5'-MONOPHOSPHATE" ? 'C10 H14 N5 O7 P' 347.221 
ALA 'L-peptide linking' y ALANINE                      ? 'C3 H7 N O2'      89.093  
ARG 'L-peptide linking' y ARGININE                     ? 'C6 H15 N4 O2 1'  175.209 
ASN 'L-peptide linking' y ASPARAGINE                   ? 'C4 H8 N2 O3'     132.118 
ASP 'L-peptide linking' y 'ASPARTIC ACID'              ? 'C4 H7 N O4'      133.103 
CYS 'L-peptide linking' y CYSTEINE                     ? 'C3 H7 N O2 S'    121.158 
GLN 'L-peptide linking' y GLUTAMINE                    ? 'C5 H10 N2 O3'    146.144 
GLU 'L-peptide linking' y 'GLUTAMIC ACID'              ? 'C5 H9 N O4'      147.129 
GLY 'peptide linking'   y GLYCINE                      ? 'C2 H5 N O2'      75.067  
HIS 'L-peptide linking' y HISTIDINE                    ? 'C6 H10 N3 O2 1'  156.162 
ILE 'L-peptide linking' y ISOLEUCINE                   ? 'C6 H13 N O2'     131.173 
LEU 'L-peptide linking' y LEUCINE                      ? 'C6 H13 N O2'     131.173 
LYS 'L-peptide linking' y LYSINE                       ? 'C6 H15 N2 O2 1'  147.195 
MET 'L-peptide linking' y METHIONINE                   ? 'C5 H11 N O2 S'   149.211 
PHE 'L-peptide linking' y PHENYLALANINE                ? 'C9 H11 N O2'     165.189 
PRO 'L-peptide linking' y PROLINE                      ? 'C5 H9 N O2'      115.130 
SER 'L-peptide linking' y SERINE                       ? 'C3 H7 N O3'      105.093 
THR 'L-peptide linking' y THREONINE                    ? 'C4 H9 N O3'      119.119 
TRP 'L-peptide linking' y TRYPTOPHAN                   ? 'C11 H12 N2 O2'   204.225 
TYR 'L-peptide linking' y TYROSINE                     ? 'C9 H11 N O3'     181.189 
U   'RNA linking'       y "URIDINE-5'-MONOPHOSPHATE"   ? 'C9 H13 N2 O9 P'  324.181 
VAL 'L-peptide linking' y VALINE                       ? 'C5 H11 N O2'     117.146 
# 
loop_
_pdbx_poly_seq_scheme.asym_id 
_pdbx_poly_seq_scheme.entity_id 
_pdbx_poly_seq_scheme.seq_id 
_pdbx_poly_seq_scheme.mon_id 
_pdbx_poly_seq_scheme.ndb_seq_num 
_pdbx_poly_seq_scheme.pdb_seq_num 
_pdbx_poly_seq_scheme.auth_seq_num 
_pdbx_poly_seq_scheme.pdb_mon_id 
_pdbx_poly_seq_scheme.auth_mon_id 
_pdbx_poly_seq_scheme.pdb_strand_id 
_pdbx_poly_seq_scheme.pdb_ins_code 
_pdbx_poly_seq_scheme.hetero 
A 1 1   MET 1   0   ?   ?   ?   A . n 
A 1 2   ALA 2   1   ?   ?   ?   A . n 
A 1 3   LYS 3   2   ?   ?   ?   A . n 
A 1 4   GLN 4   3   ?   ?   ?   A . n 
A 1 5   GLN 5   4   ?   ?   ?   A . n 
A 1 6   ASN 6   5   ?   ?   ?   A . n 
A 1 7   ASN 7   6   ?   ?   ?   A . n 
A 1 8   ARG 8   7   ?   ?   ?   A . n 
A 1 9   ARG 9   8   ?   ?   ?   A . n 
A 1 10  LYS 10  9   ?   ?   ?   A . n 
A 1 11  SER 11  10  ?   ?   ?   A . n 
A 1 12  ALA 12  11  ?   ?   ?   A . n 
A 1 13  THR 13  12  12  THR THR A . n 
A 1 14  MET 14  13  13  MET MET A . n 
A 1 15  ARG 15  14  14  ARG ARG A . n 
A 1 16  ALA 16  15  15  ALA ALA A . n 
A 1 17  VAL 17  16  16  VAL VAL A . n 
A 1 18  LYS 18  17  17  LYS LYS A . n 
A 1 19  ARG 19  18  18  ARG ARG A . n 
A 1 20  MET 20  19  19  MET MET A . n 
A 1 21  ILE 21  20  20  ILE ILE A . n 
A 1 22  ASN 22  21  21  ASN ASN A . n 
A 1 23  THR 23  22  22  THR THR A . n 
A 1 24  HIS 24  23  23  HIS HIS A . n 
A 1 25  LEU 25  24  24  LEU LEU A . n 
A 1 26  GLU 26  25  25  GLU GLU A . n 
A 1 27  HIS 27  26  26  HIS HIS A . n 
A 1 28  LYS 28  27  27  LYS LYS A . n 
A 1 29  ARG 29  28  28  ARG ARG A . n 
A 1 30  PHE 30  29  29  PHE PHE A . n 
A 1 31  ALA 31  30  30  ALA ALA A . n 
A 1 32  LEU 32  31  31  LEU LEU A . n 
A 1 33  ILE 33  32  32  ILE ILE A . n 
A 1 34  ASN 34  33  33  ASN ASN A . n 
A 1 35  SER 35  34  34  SER SER A . n 
A 1 36  GLY 36  35  35  GLY GLY A . n 
A 1 37  ASN 37  36  36  ASN ASN A . n 
A 1 38  THR 38  37  37  THR THR A . n 
A 1 39  ASN 39  38  38  ASN ASN A . n 
A 1 40  ALA 40  39  39  ALA ALA A . n 
A 1 41  THR 41  40  40  THR THR A . n 
A 1 42  ALA 42  41  41  ALA ALA A . n 
A 1 43  GLY 43  42  42  GLY GLY A . n 
A 1 44  THR 44  43  43  THR THR A . n 
A 1 45  VAL 45  44  44  VAL VAL A . n 
A 1 46  GLN 46  45  45  GLN GLN A . n 
A 1 47  ASN 47  46  46  ASN ASN A . n 
A 1 48  LEU 48  47  47  LEU LEU A . n 
A 1 49  SER 49  48  48  SER SER A . n 
A 1 50  ASN 50  49  49  ASN ASN A . n 
A 1 51  GLY 51  50  50  GLY GLY A . n 
A 1 52  ILE 52  51  51  ILE ILE A . n 
A 1 53  ILE 53  52  52  ILE ILE A . n 
A 1 54  GLN 54  53  53  GLN GLN A . n 
A 1 55  GLY 55  54  54  GLY GLY A . n 
A 1 56  ASP 56  55  55  ASP ASP A . n 
A 1 57  ASP 57  56  56  ASP ASP A . n 
A 1 58  ILE 58  57  57  ILE ILE A . n 
A 1 59  ASN 59  58  58  ASN ASN A . n 
A 1 60  GLN 60  59  59  GLN GLN A . n 
A 1 61  ARG 61  60  60  ARG ARG A . n 
A 1 62  SER 62  61  61  SER SER A . n 
A 1 63  GLY 63  62  62  GLY GLY A . n 
A 1 64  ASP 64  63  63  ASP ASP A . n 
A 1 65  GLN 65  64  64  GLN GLN A . n 
A 1 66  VAL 66  65  65  VAL VAL A . n 
A 1 67  ARG 67  66  66  ARG ARG A . n 
A 1 68  ILE 68  67  67  ILE ILE A . n 
A 1 69  VAL 69  68  68  VAL VAL A . n 
A 1 70  SER 70  69  69  SER SER A . n 
A 1 71  HIS 71  70  70  HIS HIS A . n 
A 1 72  LYS 72  71  71  LYS LYS A . n 
A 1 73  LEU 73  72  72  LEU LEU A . n 
A 1 74  HIS 74  73  73  HIS HIS A . n 
A 1 75  VAL 75  74  74  VAL VAL A . n 
A 1 76  ARG 76  75  75  ARG ARG A . n 
A 1 77  GLY 77  76  76  GLY GLY A . n 
A 1 78  THR 78  77  77  THR THR A . n 
A 1 79  ALA 79  78  78  ALA ALA A . n 
A 1 80  ILE 80  79  79  ILE ILE A . n 
A 1 81  THR 81  80  80  THR THR A . n 
A 1 82  VAL 82  81  81  VAL VAL A . n 
A 1 83  SER 83  82  82  SER SER A . n 
A 1 84  GLN 84  83  83  GLN GLN A . n 
A 1 85  THR 85  84  84  THR THR A . n 
A 1 86  PHE 86  85  85  PHE PHE A . n 
A 1 87  ARG 87  86  86  ARG ARG A . n 
A 1 88  PHE 88  87  87  PHE PHE A . n 
A 1 89  ILE 89  88  88  ILE ILE A . n 
A 1 90  TRP 90  89  89  TRP TRP A . n 
A 1 91  PHE 91  90  90  PHE PHE A . n 
A 1 92  ARG 92  91  91  ARG ARG A . n 
A 1 93  ASP 93  92  92  ASP ASP A . n 
A 1 94  ASN 94  93  93  ASN ASN A . n 
A 1 95  MET 95  94  94  MET MET A . n 
A 1 96  ASN 96  95  95  ASN ASN A . n 
A 1 97  ARG 97  96  96  ARG ARG A . n 
A 1 98  GLY 98  97  97  GLY GLY A . n 
A 1 99  THR 99  98  98  THR THR A . n 
A 1 100 THR 100 99  99  THR THR A . n 
A 1 101 PRO 101 100 100 PRO PRO A . n 
A 1 102 THR 102 101 101 THR THR A . n 
A 1 103 VAL 103 102 102 VAL VAL A . n 
A 1 104 LEU 104 103 103 LEU LEU A . n 
A 1 105 GLU 105 104 104 GLU GLU A . n 
A 1 106 VAL 106 105 105 VAL VAL A . n 
A 1 107 LEU 107 106 106 LEU LEU A . n 
A 1 108 ASN 108 107 107 ASN ASN A . n 
A 1 109 THR 109 108 108 THR THR A . n 
A 1 110 ALA 110 109 109 ALA ALA A . n 
A 1 111 ASN 111 110 110 ASN ASN A . n 
A 1 112 PHE 112 111 111 PHE PHE A . n 
A 1 113 MET 113 112 112 MET MET A . n 
A 1 114 SER 114 113 113 SER SER A . n 
A 1 115 GLN 115 114 114 GLN GLN A . n 
A 1 116 TYR 116 115 115 TYR TYR A . n 
A 1 117 ASN 117 116 116 ASN ASN A . n 
A 1 118 PRO 118 117 117 PRO PRO A . n 
A 1 119 ILE 119 118 118 ILE ILE A . n 
A 1 120 THR 120 119 119 THR THR A . n 
A 1 121 LEU 121 120 120 LEU LEU A . n 
A 1 122 GLN 122 121 121 GLN GLN A . n 
A 1 123 GLN 123 122 122 GLN GLN A . n 
A 1 124 LYS 124 123 123 LYS LYS A . n 
A 1 125 ARG 125 124 124 ARG ARG A . n 
A 1 126 PHE 126 125 125 PHE PHE A . n 
A 1 127 THR 127 126 126 THR THR A . n 
A 1 128 ILE 128 127 127 ILE ILE A . n 
A 1 129 LEU 129 128 128 LEU LEU A . n 
A 1 130 LYS 130 129 129 LYS LYS A . n 
A 1 131 ASP 131 130 130 ASP ASP A . n 
A 1 132 VAL 132 131 131 VAL VAL A . n 
A 1 133 THR 133 132 132 THR THR A . n 
A 1 134 LEU 134 133 133 LEU LEU A . n 
A 1 135 ASN 135 134 134 ASN ASN A . n 
A 1 136 CYS 136 135 135 CYS CYS A . n 
A 1 137 SER 137 136 136 SER SER A . n 
A 1 138 LEU 138 137 137 LEU LEU A . n 
A 1 139 THR 139 138 138 THR THR A . n 
A 1 140 GLY 140 139 139 GLY GLY A . n 
A 1 141 GLU 141 140 140 GLU GLU A . n 
A 1 142 SER 142 141 141 SER SER A . n 
A 1 143 ILE 143 142 142 ILE ILE A . n 
A 1 144 LYS 144 143 143 LYS LYS A . n 
A 1 145 ASP 145 144 144 ASP ASP A . n 
A 1 146 ARG 146 145 145 ARG ARG A . n 
A 1 147 ILE 147 146 146 ILE ILE A . n 
A 1 148 ILE 148 147 147 ILE ILE A . n 
A 1 149 ASN 149 148 148 ASN ASN A . n 
A 1 150 LEU 150 149 149 LEU LEU A . n 
A 1 151 PRO 151 150 150 PRO PRO A . n 
A 1 152 GLY 152 151 151 GLY GLY A . n 
A 1 153 GLN 153 152 152 GLN GLN A . n 
A 1 154 LEU 154 153 153 LEU LEU A . n 
A 1 155 VAL 155 154 154 VAL VAL A . n 
A 1 156 ASN 156 155 155 ASN ASN A . n 
A 1 157 TYR 157 156 156 TYR TYR A . n 
A 1 158 ASN 158 157 157 ASN ASN A . n 
A 1 159 GLY 159 158 158 GLY GLY A . n 
A 1 160 ALA 160 159 159 ALA ALA A . n 
A 1 161 THR 161 160 160 THR THR A . n 
A 1 162 ALA 162 161 161 ALA ALA A . n 
A 1 163 VAL 163 162 162 VAL VAL A . n 
A 1 164 ALA 164 163 163 ALA ALA A . n 
A 1 165 ALA 165 164 164 ALA ALA A . n 
A 1 166 SER 166 165 165 SER SER A . n 
A 1 167 ASN 167 166 166 ASN ASN A . n 
A 1 168 GLY 168 167 167 GLY GLY A . n 
A 1 169 PRO 169 168 168 PRO PRO A . n 
A 1 170 GLY 170 169 169 GLY GLY A . n 
A 1 171 ALA 171 170 170 ALA ALA A . n 
A 1 172 ILE 172 171 171 ILE ILE A . n 
A 1 173 PHE 173 172 172 PHE PHE A . n 
A 1 174 MET 174 173 173 MET MET A . n 
A 1 175 LEU 175 174 174 LEU LEU A . n 
A 1 176 GLN 176 175 175 GLN GLN A . n 
A 1 177 ILE 177 176 176 ILE ILE A . n 
A 1 178 GLY 178 177 177 GLY GLY A . n 
A 1 179 ASP 179 178 178 ASP ASP A . n 
A 1 180 SER 180 179 179 SER SER A . n 
A 1 181 LEU 181 180 180 LEU LEU A . n 
A 1 182 VAL 182 181 181 VAL VAL A . n 
A 1 183 GLY 183 182 182 GLY GLY A . n 
A 1 184 LEU 184 183 183 LEU LEU A . n 
A 1 185 TRP 185 184 184 TRP TRP A . n 
A 1 186 ASP 186 185 185 ASP ASP A . n 
A 1 187 SER 187 186 186 SER SER A . n 
A 1 188 SER 188 187 187 SER SER A . n 
A 1 189 TYR 189 188 188 TYR TYR A . n 
A 1 190 GLU 190 189 189 GLU GLU A . n 
A 1 191 ALA 191 190 190 ALA ALA A . n 
A 1 192 VAL 192 191 191 VAL VAL A . n 
A 1 193 TYR 193 192 192 TYR TYR A . n 
A 1 194 THR 194 193 193 THR THR A . n 
A 1 195 ASP 195 194 194 ASP ASP A . n 
A 1 196 ALA 196 195 195 ALA ALA A . n 
B 2 1   A   1   196 196 A   A   B . n 
B 2 2   A   2   197 197 A   A   B . n 
B 2 3   A   3   198 198 A   A   B . n 
C 3 1   U   1   199 199 U   U   C . n 
C 3 2   U   2   200 200 U   U   C . n 
C 3 3   U   3   201 201 U   U   C . n 
C 3 4   U   4   202 202 U   U   C . n 
# 
loop_
_software.name 
_software.classification 
_software.version 
_software.citation_id 
_software.pdbx_ordinal 
ADSC   'data collection' Quantum ? 1 
FFT    'model building'  .       ? 2 
MOSFLM 'data reduction'  .       ? 3 
SCALA  'data scaling'    .       ? 4 
CNS    refinement        .       ? 5 
# 
_cell.entry_id           3S4G 
_cell.length_a           313.146 
_cell.length_b           302.121 
_cell.length_c           183.385 
_cell.angle_alpha        90.00 
_cell.angle_beta         93.82 
_cell.angle_gamma        90.00 
_cell.Z_PDB              240 
_cell.pdbx_unique_axis   ? 
_cell.length_a_esd       ? 
_cell.length_b_esd       ? 
_cell.length_c_esd       ? 
_cell.angle_alpha_esd    ? 
_cell.angle_beta_esd     ? 
_cell.angle_gamma_esd    ? 
# 
_symmetry.entry_id                         3S4G 
_symmetry.space_group_name_H-M             'C 1 2 1' 
_symmetry.pdbx_full_space_group_name_H-M   ? 
_symmetry.cell_setting                     ? 
_symmetry.Int_Tables_number                5 
_symmetry.space_group_name_Hall            ? 
# 
_exptl.entry_id          3S4G 
_exptl.method            'X-RAY DIFFRACTION' 
_exptl.crystals_number   1 
# 
_exptl_crystal.id                    1 
_exptl_crystal.density_meas          ? 
_exptl_crystal.density_Matthews      ? 
_exptl_crystal.density_percent_sol   ? 
_exptl_crystal.description           ? 
_exptl_crystal.F_000                 ? 
_exptl_crystal.preparation           ? 
# 
_exptl_crystal_grow.crystal_id      1 
_exptl_crystal_grow.method          'VAPOR DIFFUSION, HANGING DROP' 
_exptl_crystal_grow.temp            298 
_exptl_crystal_grow.temp_details    ? 
_exptl_crystal_grow.pH              6.2 
_exptl_crystal_grow.pdbx_details    '0.4 % PEG 6000, pH 6.2-7.0, 1 mM MgCl2, VAPOR DIFFUSION, HANGING DROP, temperature 298K' 
_exptl_crystal_grow.pdbx_pH_range   ? 
# 
_diffrn.id                     1 
_diffrn.ambient_temp           100 
_diffrn.ambient_temp_details   ? 
_diffrn.crystal_id             1 
# 
_diffrn_detector.diffrn_id              1 
_diffrn_detector.detector               CCD 
_diffrn_detector.type                   'ADSC QUANTUM 4r' 
_diffrn_detector.pdbx_collection_date   2007-01-01 
_diffrn_detector.details                ? 
# 
_diffrn_radiation.diffrn_id                        1 
_diffrn_radiation.wavelength_id                    1 
_diffrn_radiation.pdbx_monochromatic_or_laue_m_l   M 
_diffrn_radiation.monochromator                    'SAGITALLY FOCUSED Si(111)' 
_diffrn_radiation.pdbx_diffrn_protocol             'SINGLE WAVELENGTH' 
_diffrn_radiation.pdbx_scattering_type             x-ray 
# 
_diffrn_radiation_wavelength.id           1 
_diffrn_radiation_wavelength.wavelength   1.488 
_diffrn_radiation_wavelength.wt           1.0 
# 
_diffrn_source.diffrn_id                   1 
_diffrn_source.source                      SYNCHROTRON 
_diffrn_source.type                        'SRS BEAMLINE PX14.1' 
_diffrn_source.pdbx_synchrotron_site       SRS 
_diffrn_source.pdbx_synchrotron_beamline   PX14.1 
_diffrn_source.pdbx_wavelength             ? 
_diffrn_source.pdbx_wavelength_list        1.488 
# 
_reflns.entry_id                     3S4G 
_reflns.observed_criterion_sigma_I   1 
_reflns.observed_criterion_sigma_F   1 
_reflns.d_resolution_low             140 
_reflns.d_resolution_high            6 
_reflns.number_obs                   24647 
_reflns.number_all                   ? 
_reflns.percent_possible_obs         99 
_reflns.pdbx_Rmerge_I_obs            0.128 
_reflns.pdbx_Rsym_value              ? 
_reflns.pdbx_netI_over_sigmaI        11.8 
_reflns.B_iso_Wilson_estimate        ? 
_reflns.pdbx_redundancy              3.9 
_reflns.R_free_details               ? 
_reflns.limit_h_max                  ? 
_reflns.limit_h_min                  ? 
_reflns.limit_k_max                  ? 
_reflns.limit_k_min                  ? 
_reflns.limit_l_max                  ? 
_reflns.limit_l_min                  ? 
_reflns.observed_criterion_F_max     ? 
_reflns.observed_criterion_F_min     ? 
_reflns.pdbx_chi_squared             ? 
_reflns.pdbx_scaling_rejects         ? 
_reflns.pdbx_ordinal                 1 
_reflns.pdbx_diffrn_id               1 
# 
_reflns_shell.d_res_high             6 
_reflns_shell.d_res_low              6.32 
_reflns_shell.percent_possible_all   97 
_reflns_shell.Rmerge_I_obs           ? 
_reflns_shell.pdbx_Rsym_value        ? 
_reflns_shell.meanI_over_sigI_obs    ? 
_reflns_shell.pdbx_redundancy        ? 
_reflns_shell.percent_possible_obs   ? 
_reflns_shell.number_unique_all      ? 
_reflns_shell.number_measured_all    ? 
_reflns_shell.number_measured_obs    ? 
_reflns_shell.number_unique_obs      ? 
_reflns_shell.pdbx_chi_squared       ? 
_reflns_shell.pdbx_ordinal           1 
_reflns_shell.pdbx_diffrn_id         1 
# 
_refine.entry_id                                 3S4G 
_refine.ls_number_reflns_obs                     24647 
_refine.ls_number_reflns_all                     ? 
_refine.pdbx_ls_sigma_I                          ? 
_refine.pdbx_ls_sigma_F                          ? 
_refine.pdbx_data_cutoff_high_absF               ? 
_refine.pdbx_data_cutoff_low_absF                ? 
_refine.pdbx_data_cutoff_high_rms_absF           ? 
_refine.ls_d_res_low                             95.85 
_refine.ls_d_res_high                            6.0 
_refine.ls_percent_reflns_obs                    ? 
_refine.ls_R_factor_obs                          0.38 
_refine.ls_R_factor_all                          ? 
_refine.ls_R_factor_R_work                       ? 
_refine.ls_R_factor_R_free                       0.43 
_refine.ls_R_factor_R_free_error                 ? 
_refine.ls_R_factor_R_free_error_details         ? 
_refine.ls_percent_reflns_R_free                 ? 
_refine.ls_number_reflns_R_free                  ? 
_refine.ls_number_parameters                     ? 
_refine.ls_number_restraints                     ? 
_refine.occupancy_min                            ? 
_refine.occupancy_max                            ? 
_refine.correlation_coeff_Fo_to_Fc               ? 
_refine.correlation_coeff_Fo_to_Fc_free          ? 
_refine.B_iso_mean                               ? 
_refine.aniso_B[1][1]                            ? 
_refine.aniso_B[2][2]                            ? 
_refine.aniso_B[3][3]                            ? 
_refine.aniso_B[1][2]                            ? 
_refine.aniso_B[1][3]                            ? 
_refine.aniso_B[2][3]                            ? 
_refine.solvent_model_details                    ? 
_refine.solvent_model_param_ksol                 ? 
_refine.solvent_model_param_bsol                 ? 
_refine.pdbx_solvent_vdw_probe_radii             ? 
_refine.pdbx_solvent_ion_probe_radii             ? 
_refine.pdbx_solvent_shrinkage_radii             ? 
_refine.pdbx_ls_cross_valid_method               ? 
_refine.details                                  ? 
_refine.pdbx_starting_model                      ? 
_refine.pdbx_method_to_determine_struct          'FOURIER SYNTHESIS' 
_refine.pdbx_isotropic_thermal_model             ? 
_refine.pdbx_stereochemistry_target_values       NR 
_refine.pdbx_stereochem_target_val_spec_case     ? 
_refine.pdbx_R_Free_selection_details            NR 
_refine.pdbx_overall_ESU_R_Free                  ? 
_refine.overall_SU_ML                            ? 
_refine.pdbx_overall_phase_error                 ? 
_refine.overall_SU_B                             ? 
_refine.overall_SU_R_Cruickshank_DPI             ? 
_refine.ls_redundancy_reflns_obs                 ? 
_refine.B_iso_min                                ? 
_refine.B_iso_max                                ? 
_refine.overall_SU_R_free                        ? 
_refine.ls_wR_factor_R_free                      ? 
_refine.ls_wR_factor_R_work                      ? 
_refine.overall_FOM_free_R_set                   ? 
_refine.overall_FOM_work_R_set                   ? 
_refine.pdbx_diffrn_id                           1 
_refine.pdbx_refine_id                           'X-RAY DIFFRACTION' 
_refine.pdbx_overall_ESU_R                       ? 
_refine.pdbx_TLS_residual_ADP_flag               ? 
_refine.pdbx_overall_SU_R_free_Cruickshank_DPI   ? 
_refine.pdbx_overall_SU_R_Blow_DPI               ? 
_refine.pdbx_overall_SU_R_free_Blow_DPI          ? 
# 
_refine_hist.pdbx_refine_id                   'X-RAY DIFFRACTION' 
_refine_hist.cycle_id                         LAST 
_refine_hist.pdbx_number_atoms_protein        1427 
_refine_hist.pdbx_number_atoms_nucleic_acid   147 
_refine_hist.pdbx_number_atoms_ligand         0 
_refine_hist.number_atoms_solvent             0 
_refine_hist.number_atoms_total               1574 
_refine_hist.d_res_high                       6.0 
_refine_hist.d_res_low                        95.85 
# 
loop_
_struct_ncs_oper.id 
_struct_ncs_oper.code 
_struct_ncs_oper.details 
_struct_ncs_oper.matrix[1][1] 
_struct_ncs_oper.matrix[1][2] 
_struct_ncs_oper.matrix[1][3] 
_struct_ncs_oper.matrix[2][1] 
_struct_ncs_oper.matrix[2][2] 
_struct_ncs_oper.matrix[2][3] 
_struct_ncs_oper.matrix[3][1] 
_struct_ncs_oper.matrix[3][2] 
_struct_ncs_oper.matrix[3][3] 
_struct_ncs_oper.vector[1] 
_struct_ncs_oper.vector[2] 
_struct_ncs_oper.vector[3] 
1  given    ? 1.00000000  0.00000000  0.00000000  0.00000000  1.00000000  0.00000000  0.00000000  0.00000000  1.00000000  0.00000   0.00000    0.00000    
2  generate ? -0.74817026 -0.14667627 0.64709075  -0.15654031 -0.90870981 -0.38696642 0.64478506  -0.39081117 0.65691006  115.12884 -74.80088  -62.15030  
3  generate ? -0.67798393 -0.37332889 0.63321535  0.69193044  -0.61490948 0.37831894  0.24813164  0.69462650  0.67521341  102.82624 -80.06674  -1.47110   
4  generate ? 0.40871186  -0.53126965 0.74209327  -0.86416520 0.03625905  0.50189622  -0.29354605 -0.84642786 -0.44429091 42.30726  32.47556   -70.76320  
5  generate ? -0.13913519 -0.18771224 -0.97231995 0.70209625  -0.71112673 0.03682365  -0.69835952 -0.67753847 0.23073192  17.20594  -97.41476  -16.36343  
6  generate ? -0.36521785 -0.15131792 -0.91853957 0.84034536  0.37095251  -0.39524025 0.40054422  -0.91624295 -0.00832466 32.75448  -83.17877  -94.00209  
7  generate ? 0.38941833  0.89060688  0.23488425  0.89048801  -0.42919953 0.15101945  0.23530690  0.15034429  -0.96021880 73.87554  -93.02691  -84.20666  
8  generate ? 0.58474246  0.42235799  -0.69259356 0.79976297  -0.15712852 0.57939326  0.13588797  -0.89270751 -0.42966393 10.44953  -61.61793  -95.21795  
9  generate ? 0.07659720  0.29091744  0.95367660  0.29485356  -0.92031323 0.25705251  0.95246885  0.26151055  -0.15626397 97.88477  -73.86253  -87.99722  
10 generate ? -0.49539504 -0.83998045 -0.22139449 0.84115878  -0.40023466 -0.36368601 0.21687755  -0.36639566 0.90482970  43.14217  -109.57142 -28.04876  
11 generate ? 0.36143868  -0.80011169 0.47872810  0.92138125  0.38518429  -0.05187553 -0.14288558 0.45983998  0.87642703  25.35394  -73.93710  19.22395   
12 generate ? 0.69847208  -0.62348238 -0.35128065 0.06564377  -0.43297739 0.89901002  -0.71261783 -0.65099851 -0.26149469 -19.44029 -18.79559  -33.85858  
13 generate ? -0.60975495 -0.79248042 -0.01303441 -0.04090370 0.04788593  -0.99801032 0.79153325  -0.60801534 -0.06162098 58.67101  -71.03786  -106.22645 
14 generate ? 0.92806929  -0.09419793 0.36030138  0.13984461  -0.80853015 -0.57159195 0.34514895  0.58086815  -0.73719913 14.69894  -93.77107  -66.49203  
15 generate ? 0.92913899  0.13347531  0.34480837  -0.09922256 -0.80836232 0.58026786  0.35617812  -0.57335508 -0.73783667 22.19707  -36.02088  -108.12244 
16 generate ? 0.16023084  -0.78221556 0.60204813  0.49344490  -0.46478020 -0.73518593 0.85489275  0.41487344  0.31149936  41.51413  -107.29693 -59.02008  
17 generate ? 0.40810897  -0.86380925 -0.29544223 -0.53357383 0.03689729  -0.84494567 0.74077195  0.50246109  -0.44584626 -10.15848 -38.52786  -79.25401  
18 generate ? 0.56492406  -0.62122498 -0.54308755 0.81983260  0.34800600  0.45471479  -0.09349120 -0.70212083 0.70589994  -19.58595 -49.67506  -31.15542  
19 generate ? -0.46974094 -0.86871784 0.15709187  -0.86811872 0.42223109  -0.26093631 0.16035437  -0.25894493 -0.95249015 55.16291  16.49046   -94.05254  
20 generate ? 0.51118630  0.08519662  -0.85523193 -0.64593964 0.69450315  -0.31689883 0.56696539  0.71442497  0.41006055  -4.12128  11.80883   -28.49086  
21 generate ? 0.38546931  0.45452115  0.80301224  -0.77297066 0.63432645  0.01200747  -0.50392239 -0.62532747 0.59584424  80.91752  29.33559   -10.41269  
22 generate ? 0.56408255  0.82009857  -0.09618457 -0.62423511 0.34727510  -0.69980714 -0.54051368 0.45479779  0.70782235  48.85608  -16.78700  34.14128   
23 generate ? -0.45023373 -0.18961481 0.87254485  -0.35043067 0.93631229  0.02265261  -0.82127192 -0.29556224 -0.48800856 106.15257 17.61705   -24.14305  
24 generate ? 0.43649740  0.31390060  -0.84316882 0.23370402  0.86543832  0.44317765  0.86882530  -0.39049843 0.30439428  8.16611   -0.23340   -88.20761  
25 generate ? 0.25109149  0.96617153  0.05884384  0.13357537  -0.09479606 0.98649744  0.95869877  -0.23984668 -0.15285543 77.25111  -7.60523   -105.81025 
26 generate ? -0.27477926 -0.50727378 -0.81679982 -0.95968956 0.19698209  0.20050433  0.05918379  0.83897218  -0.54095284 19.22858  31.55822   -34.00914  
27 generate ? 0.60265882  -0.77347156 -0.19635480 -0.77363142 -0.62663663 0.09394190  -0.19569838 0.09529573  -0.97602218 -13.55525 -11.88143  -63.57268  
28 generate ? 0.51119120  -0.64950860 0.56286391  0.09095607  0.69210391  0.71604713  -0.85464207 -0.31484317 0.41287488  25.58481  12.56397   12.19943   
29 generate ? 0.18701946  -0.61603063 0.76519374  -0.61730650 -0.67962836 -0.39628012 0.76416909  -0.39824754 -0.50738109 52.04501  -41.86952  -114.72234 
30 generate ? 0.44204381  0.23258124  0.86631810  0.30843625  0.86749395  -0.39028341 -0.84229825 0.43972403  0.31173225  72.59111  -36.91921  34.38893   
31 generate ? -0.27540843 -0.95945146 0.05997833  -0.50808896 0.19824598  0.83818345  -0.81608645 0.20037175  -0.54208755 37.56195  32.03415   -8.97680   
32 generate ? 0.69902176  0.06087153  -0.71250117 -0.62440946 -0.43367381 -0.64964200 -0.34854984 0.89901190  -0.26513794 -9.46965  -42.33656  1.24541    
33 generate ? 0.74228469  0.27058890  -0.61302444 0.27180409  -0.95777909 -0.09366409 -0.61248965 -0.09709517 -0.78449561 -0.44199  -87.65150  -40.10144  
34 generate ? 0.25388806  0.13278054  0.95807678  0.96533303  -0.09680537 -0.24240680 0.06056085  0.98640575  -0.15275269 83.10176  -100.88161 -13.52649  
35 generate ? -0.29397440 -0.93986322 -0.17390911 0.54888507  -0.31495228 0.77429012  -0.78250345 0.13216536  0.60846668  30.23057  -46.04567  31.93569   
36 generate ? 0.15612155  0.49020110  0.85751399  -0.77999020 -0.47146080 0.41152416  0.60600981  -0.73310233 0.30873926  96.52723  6.33431    -85.61887  
37 generate ? 0.97253782  -0.18145359 0.14573040  0.19706621  0.30889900  -0.93045502 0.12382331  0.93362611  0.33617318  0.81764   -71.66782  0.24094    
38 generate ? -0.49475186 -0.39808417 0.77249212  0.56595817  0.52695736  0.63403394  -0.65947433 0.75089264  -0.03541550 97.28414  -22.83871  21.82252   
39 generate ? -0.08530410 -0.40482513 -0.91041042 -0.40666678 -0.82001702 0.40273597  -0.90958287 0.40458618  -0.09467888 8.70957   -26.51723  20.78504   
40 generate ? 0.58263679  0.80058958  0.13997077  0.42518608  -0.15348191 -0.89199356 -0.69263687 0.57922072  -0.42982488 56.49259  -98.84180  2.10688    
41 generate ? -0.24307348 0.81886639  -0.51996548 0.81747920  -0.11561710 -0.56422919 -0.52215704 -0.56221006 -0.64130943 76.21155  -106.22149 -56.03682  
42 generate ? 0.38635294  -0.77155165 -0.50540587 0.45715086  0.63609674  -0.62159085 0.80108655  0.00910514  0.59848033  -13.86528 -61.86075  -59.23121  
43 generate ? -0.65466189 0.59736807  0.46321092  0.59953780  0.03711397  0.79948386  0.46039588  0.80110632  -0.38244208 129.23288 -35.33218  -50.88489  
44 generate ? -0.91980640 -0.01990259 -0.39187224 -0.02457574 -0.99383467 0.10815490  -0.39160424 0.10910290  0.91364107  88.19479  -65.33633  21.63970   
45 generate ? -0.94736131 -0.20464349 -0.24621395 -0.20441116 -0.20526017 0.95712022  -0.24641203 0.95707455  0.15262149  88.84931  5.91824    13.87496   
46 generate ? -0.13896080 0.70668714  -0.69375171 -0.19475610 -0.70635760 -0.68052249 -0.97096008 0.04054716  0.23578840  59.63219  -77.08716  24.14640   
47 generate ? -0.67916574 0.69043521  0.24906668  -0.37269062 -0.61673830 0.69335296  0.63232446  0.37807579  0.67618404  125.32363 -9.76296   -33.49424  
48 generate ? -0.46191401 0.68781965  0.55994215  0.73334649  0.65127337  -0.19505174 -0.49883714 0.32054060  -0.80523936 125.76462 -60.05959  -32.45798  
49 generate ? -0.99280647 0.11193347  -0.04256365 0.11188303  0.74036642  -0.66282678 -0.04268782 -0.66282069 -0.74755995 110.49738 -41.58910  -89.55415  
50 generate ? -0.48929888 0.56832705  -0.66150622 -0.39937592 0.52828140  0.74928277  0.77530045  0.63081401  -0.03151252 75.29558  34.17036   -59.87935  
51 generate ? -0.50044031 0.83918550  0.21288255  -0.83686611 -0.40587429 -0.36732142 -0.22184392 -0.36197356 0.90540461  119.44153 -18.80015  -4.52606   
52 generate ? -0.29548129 0.54933867  -0.78161374 -0.93949325 -0.31552390 0.13340229  -0.17333217 0.77374531  0.60932519  58.98990  9.68646    21.50111   
53 generate ? -0.36479090 0.83799923  0.40582134  -0.15366396 0.37569880  -0.91391520 -0.91831714 -0.39574428 -0.00827790 119.75313 -49.72291  -3.79676   
54 generate ? 0.97241517  0.19686325  0.12511568  -0.18253989 0.30830339  0.93360981  0.14521852  -0.93069981 0.33573144  13.32536  22.03169   -66.93435  
55 generate ? -0.99215277 -0.12112923 -0.03085652 -0.12091893 0.86746399  0.48257676  -0.03168095 0.48251685  -0.87531122 102.71162 20.63361   -54.81321  
56 generate ? 0.35536663  0.92335596  -0.14532747 -0.79990769 0.38085583  0.46378272  0.48358777  -0.04856552 0.87394753  61.76063  39.70915   -32.53855  
57 generate ? -0.60794295 -0.03722413 0.79310476  -0.79379704 0.04954122  -0.60615439 -0.01672759 -0.99807449 -0.05966828 117.13767 -14.36952  -75.90484  
58 generate ? -0.94800538 0.17637530  -0.26491489 0.17348633  -0.41144925 -0.89476377 -0.26682261 -0.89420568 0.35945463  101.63525 -94.73496  -42.28354  
59 generate ? -0.44974101 -0.35137656 -0.82114193 -0.19779076 0.93571954  -0.29207917 0.87098412  0.03105842  -0.49032853 34.00883  -3.76621   -104.72148 
60 generate ? -0.46257371 0.73582212  -0.49455459 0.68983620  0.64911970  0.32056974  0.55691417  -0.19287635 -0.80786598 86.01356  -37.32588  -108.14567  
# 
_struct.entry_id                  3S4G 
_struct.title                     'Low Resolution Structure of STNV complexed with RNA' 
_struct.pdbx_model_details        ? 
_struct.pdbx_CASP_flag            ? 
_struct.pdbx_model_type_details   ? 
# 
_struct_keywords.entry_id        3S4G 
_struct_keywords.pdbx_keywords   VIRUS 
_struct_keywords.text            'Protein-RNA complex, Low resolution structure, jelly-roll -sandwich, Virus Capsid Protein, VIRUS' 
# 
loop_
_struct_asym.id 
_struct_asym.pdbx_blank_PDB_chainid_flag 
_struct_asym.pdbx_modified 
_struct_asym.entity_id 
_struct_asym.details 
A N N 1 ? 
B N N 2 ? 
C N N 3 ? 
# 
loop_
_struct_ref.id 
_struct_ref.db_name 
_struct_ref.db_code 
_struct_ref.pdbx_db_accession 
_struct_ref.pdbx_db_isoform 
_struct_ref.entity_id 
_struct_ref.pdbx_seq_one_letter_code 
_struct_ref.pdbx_align_begin 
1 UNP CAPSD_STNV1 P03606 ? 1 
;MAKQQNNRRKSATMRAVKRMINTHLEHKRFALINSGNTNATAGTVQNLSNGIIQGDDINQRSGDQVRIVSHKLHVRGTAI
TVSQTFRFIWFRDNMNRGTTPTVLEVLNTANFMSQYNPITLQQKRFTILKDVTLNCSLTGESIKDRIINLPGQLVNYNGA
TAVAASNGPGAIFMLQIGDSLVGLWDSSYEAVYTDA
;
1 
2 PDB 3S4G        3S4G   ? 2 ? 1 
3 PDB 3S4G        3S4G   ? 3 ? 1 
# 
loop_
_struct_ref_seq.align_id 
_struct_ref_seq.ref_id 
_struct_ref_seq.pdbx_PDB_id_code 
_struct_ref_seq.pdbx_strand_id 
_struct_ref_seq.seq_align_beg 
_struct_ref_seq.pdbx_seq_align_beg_ins_code 
_struct_ref_seq.seq_align_end 
_struct_ref_seq.pdbx_seq_align_end_ins_code 
_struct_ref_seq.pdbx_db_accession 
_struct_ref_seq.db_align_beg 
_struct_ref_seq.pdbx_db_align_beg_ins_code 
_struct_ref_seq.db_align_end 
_struct_ref_seq.pdbx_db_align_end_ins_code 
_struct_ref_seq.pdbx_auth_seq_align_beg 
_struct_ref_seq.pdbx_auth_seq_align_end 
1 1 3S4G A 1 ? 196 ? P03606 1   ? 196 ? 0   195 
2 2 3S4G B 1 ? 3   ? 3S4G   196 ? 198 ? 196 198 
3 3 3S4G C 1 ? 4   ? 3S4G   199 ? 202 ? 199 202 
# 
loop_
_pdbx_struct_assembly.id 
_pdbx_struct_assembly.details 
_pdbx_struct_assembly.method_details 
_pdbx_struct_assembly.oligomeric_details 
_pdbx_struct_assembly.oligomeric_count 
1 'complete icosahedral assembly'                ? 180-MERIC      180 
2 'icosahedral asymmetric unit'                  ? trimeric       3   
3 'icosahedral pentamer'                         ? pentadecameric 15  
4 'icosahedral 23 hexamer'                       ? octadecameric  18  
5 'icosahedral asymmetric unit, std point frame' ? trimeric       3   
6 'crystal asymmetric unit, crystal frame'       ? 180-meric      180 
# 
loop_
_pdbx_struct_assembly_gen.assembly_id 
_pdbx_struct_assembly_gen.oper_expression 
_pdbx_struct_assembly_gen.asym_id_list 
1 '(1-60)'           A,B,C 
2 1                  A,B,C 
3 '(1-5)'            A,B,C 
4 '(1,2,6,10,23,24)' A,B,C 
5 P                  A,B,C 
6 '(X0)(1-60)'       A,B,C 
# 
loop_
_pdbx_struct_oper_list.id 
_pdbx_struct_oper_list.type 
_pdbx_struct_oper_list.name 
_pdbx_struct_oper_list.symmetry_operation 
_pdbx_struct_oper_list.matrix[1][1] 
_pdbx_struct_oper_list.matrix[1][2] 
_pdbx_struct_oper_list.matrix[1][3] 
_pdbx_struct_oper_list.vector[1] 
_pdbx_struct_oper_list.matrix[2][1] 
_pdbx_struct_oper_list.matrix[2][2] 
_pdbx_struct_oper_list.matrix[2][3] 
_pdbx_struct_oper_list.vector[2] 
_pdbx_struct_oper_list.matrix[3][1] 
_pdbx_struct_oper_list.matrix[3][2] 
_pdbx_struct_oper_list.matrix[3][3] 
_pdbx_struct_oper_list.vector[3] 
P  'transform to point frame' ?     ?     0.16178076  0.54256631  -0.82428683 -21.85589 -0.41522904 -0.72032030 -0.55562892 -24.77947  -0.89521608 0.43215790  0.10875532  68.19694   
X0 'identity operation'       1_555 x,y,z 1.00000000  0.00000000  0.00000000  0.00000   0.00000000  1.00000000  0.00000000  0.00000    0.00000000  0.00000000  1.00000000  0.00000    
1  'identity operation'       1_555 x,y,z 1.00000000  0.00000000  0.00000000  0.00000   0.00000000  1.00000000  0.00000000  0.00000    0.00000000  0.00000000  1.00000000  0.00000    
2  'point symmetry operation' ?     ?     0.97238670  0.19733065  0.12459829  13.38154  -0.18232845 0.30910181  0.93338760  21.98814   0.14567243  -0.93033149 0.33654549  -66.90952  
3  'point symmetry operation' ?     ?     0.92770742  0.13695925  0.34727669  22.39569  -0.09768298 -0.80879493 0.57992137  -36.10764  0.36030123  -0.57192037 -0.73694648 -107.93455 
4  'point symmetry operation' ?     ?     0.92770742  -0.09768299 0.36030122  14.58520  0.13695925  -0.80879493 -0.57192038 -94.00094  0.34727669  0.57992135  -0.73694647 -66.37989  
5  'point symmetry operation' ?     ?     0.97238670  -0.18232846 0.14567242  0.74390   0.19733066  0.30910182  -0.93033150 -71.68520  0.12459829  0.93338759  0.33654548  0.32733    
6  'point symmetry operation' ?     ?     0.60282365  -0.77374940 -0.19471903 -13.50659 -0.77374941 -0.62647910 0.09399895  -11.98177  -0.19471903 0.09399895  -0.97634456 -63.56743  
7  'point symmetry operation' ?     ?     0.69888903  0.06094149  -0.71262912 -9.42463  -0.62446560 -0.43378047 -0.64952075 -42.40026  -0.34870736 0.89895529  -0.26510856 1.22054    
8  'point symmetry operation' ?     ?     0.56466861  0.81973065  -0.09586970 48.94924  -0.62274879 0.34696107  -0.70128594 -16.83547  -0.54160253 0.45569691  0.70640430  34.05893   
9  'point symmetry operation' ?     ?     0.38565046  0.45399726  0.80321866  80.94432  -0.77097153 0.63678726  0.01024111  29.38292   -0.50682998 -0.62320820 0.59559626  -10.43379  
10 'point symmetry operation' ?     ?     0.40923156  -0.53082758 0.74212641  42.34449  -0.86429505 0.03516816  0.50175420  32.38267   -0.29244419 -0.84674983 -0.44439973 -70.77020  
11 'point symmetry operation' ?     ?     -0.65516968 0.59819582  0.46142653  129.17371 0.59819583  0.03772270  0.80046159  -35.22715  0.46142653  0.80046158  -0.38255301 -50.86460  
12 'point symmetry operation' ?     ?     -0.67892928 -0.37366127 0.63200656  102.68592 0.69140492  -0.61499210 0.37913581  -79.95142  0.24701067  0.69437883  0.67588739  -1.49292   
13 'point symmetry operation' ?     ?     -0.49998678 -0.83744854 -0.22066528 43.09743  0.83967314  -0.40638177 -0.36028168 -109.58968 0.21204303  -0.36542278 0.90636855  -28.14273  
14 'point symmetry operation' ?     ?     -0.36563465 -0.15222772 -0.91822548 32.75753  0.83809884  0.37526130  -0.39594104 -83.18287  0.40484769  -0.91433346 -0.00962665 -93.98492  
15 'point symmetry operation' ?     ?     -0.46154295 0.73504929  -0.49666956 85.95559  0.68885765  0.64973295  0.32143776  -37.22430  0.55897517  -0.19377729 -0.80622399 -108.02781 
16 'point symmetry operation' ?     ?     -0.94765397 0.17555358  -0.26670750 101.52367 0.17555357  -0.41124360 -0.89446053 -94.64200  -0.26670750 -0.89446053 0.35889757  -42.36994  
17 'point symmetry operation' ?     ?     -0.99234645 0.11538914  -0.04397574 110.54797 0.11538913  0.73967076  -0.66300266 -41.48738  -0.04397573 -0.66300264 -0.74732431 -89.62007  
18 'point symmetry operation' ?     ?     -0.99238926 -0.11924137 -0.03074172 102.74844 -0.11924137 0.86821563  0.48164625  20.68187   -0.03074172 0.48164625  -0.87582637 -54.78362  
19 'point symmetry operation' ?     ?     -0.94772323 -0.20408655 -0.24529440 88.90376  -0.20408655 -0.20325363 0.95762031  5.94996    -0.24529441 0.95762029  0.15097687  13.99662   
20 'point symmetry operation' ?     ?     -0.92007531 -0.02189325 -0.39112928 88.14682  -0.02189326 -0.99400292 0.10713954  -65.32411  -0.39112927 0.10713953  0.91407823  21.66870   
21 'point symmetry operation' ?     ?     0.15971491  0.48946785  0.85727030  96.58883  -0.78169257 -0.46763933 0.41263810  6.57323    0.60286639  -0.73602627 0.30792441  -85.96547  
22 'point symmetry operation' ?     ?     0.19094138  -0.61473350 0.76527389  52.12900  -0.61473350 -0.68269028 -0.39501483 -41.77896  0.76527388  -0.39501482 -0.50825110 -114.68510 
23 'point symmetry operation' ?     ?     0.40923156  -0.86429504 -0.29244419 -10.03686 -0.53082758 0.03516816  -0.84674984 -38.58587  0.74212641  0.50175420  -0.44439972 -79.12336  
24 'point symmetry operation' ?     ?     0.51291585  0.08566880  -0.85415349 -3.99764  -0.64592993 0.69388003  -0.31828452 11.73975   0.56541299  0.71497648  0.41123811  -28.42536  
25 'point symmetry operation' ?     ?     0.35870607  0.92234029  -0.14359087 61.90066  -0.80097302 0.38312791  0.46006003  39.64961   0.47934556  -0.05001393 0.87619999  -32.65401  
26 'point symmetry operation' ?     ?     -0.44937238 -0.34963819 -0.82208126 34.07247  -0.18973561 0.93658797  -0.29462415 -3.49597   0.87296326  0.02358213  -0.48721558 -104.86320 
27 'point symmetry operation' ?     ?     -0.49296930 0.56805933  -0.65900672 75.37634  -0.39818163 0.52615851  0.75140443  34.27206   0.77358429  0.63282369  -0.03318921 -60.06372  
28 'point symmetry operation' ?     ?     -0.67892928 0.69140491  0.24701067  125.36404 -0.37366128 -0.61499210 0.69437885  -9.76309   0.63200655  0.37913580  0.67588739  -33.57668  
29 'point symmetry operation' ?     ?     -0.75026194 -0.15006085 0.64388568  114.95427 -0.15006085 -0.90983250 -0.38689349 -74.74633  0.64388568  -0.38689349 0.66009443  -62.00628  
30 'point symmetry operation' ?     ?     -0.60838798 -0.79346087 -0.01684947 58.53297  -0.03638854 0.04909672  -0.99813095 -70.87304  0.79280511  -0.60663773 -0.05874273 -106.06376 
31 'point symmetry operation' ?     ?     0.58372452  0.80021677  0.13754559  56.37253  0.42280353  -0.15494490 -0.89287696 -98.91598  -0.69318313 0.57934892  -0.42877962 2.17469    
32 'point symmetry operation' ?     ?     0.44174028  0.23457220  0.86593384  72.57582  0.30931185  0.86620989  -0.39243675 -36.92320  -0.84213521 0.44119871  0.31008383  34.32706   
33 'point symmetry operation' ?     ?     0.51291586  -0.64592993 0.56541300  25.70557  0.08566880  0.69388002  0.71497648  12.51996   -0.85415349 -0.31828452 0.41123811  12.01158   
34 'point symmetry operation' ?     ?     0.69888904  -0.62446560 -0.34870736 -19.46512 0.06094149  -0.43378048 0.89895531  -18.91527  -0.71262911 -0.64952074 -0.26510856 -33.93253  
35 'point symmetry operation' ?     ?     0.74265120  0.26930221  -0.61314395 -0.51191  0.26930221  -0.95838314 -0.09475277 -87.78647  -0.61314395 -0.09475277 -0.78426807 -40.01207  
36 'point symmetry operation' ?     ?     -0.29406705 -0.94004644 -0.17273463 30.15696  0.54862463  -0.31400374 0.77486300  -46.01221  -0.78264652 0.13309521  0.60807079  31.85201   
37 'point symmetry operation' ?     ?     -0.13971234 -0.18789804 -0.97220100 17.10962  0.70360328  -0.70967812 0.03604714  -97.42083  -0.69672296 -0.67900757 0.23135647  -16.38021  
38 'point symmetry operation' ?     ?     -0.24321814 0.81882006  -0.51997948 76.15803  0.81882005  -0.11405609 -0.56260549 -106.02193 -0.51997947 -0.56260548 -0.64272576 -56.11349  
39 'point symmetry operation' ?     ?     -0.46154295 0.68885765  0.55897517  125.69930 0.73504929  0.64973295  -0.19377729 -59.92908  -0.49666956 0.32143776  -0.80622399 -32.43779  
40 'point symmetry operation' ?     ?     -0.49296930 -0.39818163 0.77358430  97.26908  0.56805934  0.52615851  0.63282369  -22.84103  -0.65900672 0.75140443  -0.03318920 21.92788   
41 'point symmetry operation' ?     ?     0.15971491  -0.78169256 0.60286639  41.53726  0.48946787  -0.46763932 -0.73602627 -107.47607 0.85727030  0.41263809  0.30792441  -59.04424  
42 'point symmetry operation' ?     ?     0.38565046  -0.77097153 -0.50682998 -13.85098 0.45399726  0.63678726  -0.62320820 -61.96159  0.80321866  0.01024111  0.59559626  -59.10257  
43 'point symmetry operation' ?     ?     0.44174027  0.30931185  -0.84213521 8.26914   0.23457221  0.86620990  0.44119871  -0.18609   0.86593385  -0.39243675 0.31008383  -87.98015  
44 'point symmetry operation' ?     ?     0.25047013  0.96624265  0.06033113  77.32836  0.13443067  -0.09642572 0.98622031  -7.52121   0.95874559  -0.23890838 -0.15404441 -105.76914 
45 'point symmetry operation' ?     ?     0.07616887  0.29196485  0.95339123  97.88918  0.29196485  -0.92078987 0.25865525  -73.83006  0.95339122  0.25865524  -0.15537900 -87.88576  
46 'point symmetry operation' ?     ?     0.58372452  0.42280354  -0.69318313 10.42345  0.80021679  -0.15494490 0.57934894  -61.69667  0.13754559  -0.89287695 -0.42877962 -95.14113  
47 'point symmetry operation' ?     ?     0.38953918  0.89076617  0.23408300  73.91178  0.89076618  -0.42897300 0.15005927  -93.15944  0.23408300  0.15005926  -0.96056617 -84.24382  
48 'point symmetry operation' ?     ?     0.25047013  0.13443066  0.95874559  83.04833  0.96624266  -0.09642572 -0.23890838 -100.71233 0.06033112  0.98622029  -0.15404442 -13.54088  
49 'point symmetry operation' ?     ?     0.35870608  -0.80097301 0.47934557  25.20668  0.92234029  0.38312791  -0.05001391 -73.91750  -0.14359086 0.46006002  0.87619999  19.25862   
50 'point symmetry operation' ?     ?     0.56466862  -0.62274878 -0.54160253 -19.67797 0.81973066  0.34696107  0.45569691  -49.80449  -0.09586970 -0.70128594 0.70640430  -31.17311  
51 'point symmetry operation' ?     ?     -0.29406705 0.54862463  -0.78264653 59.04046  -0.94004644 -0.31400373 0.13309521  9.66159    -0.17273463 0.77486299  0.60807079  21.49403   
52 'point symmetry operation' ?     ?     -0.49998678 0.83967313  0.21204302  119.53512 -0.83744854 -0.40638175 -0.36542278 -18.72736  -0.22066527 -0.36028168 0.90636855  -4.46536   
53 'point symmetry operation' ?     ?     -0.60838798 -0.03638853 0.79280511  117.11968 -0.79346088 0.04909672  -0.60663775 -14.41903  -0.01684947 -0.99813094 -0.05874273 -75.98480  
54 'point symmetry operation' ?     ?     -0.46946386 -0.86887291 0.15704627  55.13219  -0.86887292 0.42297593  -0.25719880 16.63263   0.15704627  -0.25719879 -0.95351206 -94.22686  
55 'point symmetry operation' ?     ?     -0.27520285 -0.50731489 -0.81663639 19.23726  -0.95946779 0.19856751  0.19998131  31.51528   0.06070395  0.83857172  -0.54139864 -33.98163  
56 'point symmetry operation' ?     ?     -0.44937238 -0.18973560 0.87296326  106.18964 -0.34963820 0.93658796  0.02358213  17.66022   -0.82208126 -0.29462414 -0.48721558 -24.11064  
57 'point symmetry operation' ?     ?     -0.27520285 -0.95946777 0.06070395  37.59486  -0.50731490 0.19856751  0.83857173  31.99747   -0.81663638 0.19998131  -0.54139864 -8.99022   
58 'point symmetry operation' ?     ?     -0.08382242 -0.40735399 -0.90941549 8.75365   -0.40735399 -0.81888089 0.40434741  -26.53348  -0.90941548 0.40434740  -0.09729669 20.70386   
59 'point symmetry operation' ?     ?     -0.13971235 0.70360328  -0.69672296 59.52357  -0.18789805 -0.70967812 -0.67900759 -77.04486  -0.97220100 0.03604714  0.23135647  23.93540   
60 'point symmetry operation' ?     ?     -0.36563465 0.83809883  0.40484768  119.74232 -0.15222773 0.37526130  -0.91433347 -49.73165  -0.91822548 -0.39594103 -0.00962665 -3.76148  
# 
_struct_biol.id        1 
_struct_biol.details   
;The biological assembly is 60 capsid subunits generated from a monomer  
using the matrices provided.
;
# 
loop_
_struct_conf.conf_type_id 
_struct_conf.id 
_struct_conf.pdbx_PDB_helix_id 
_struct_conf.beg_label_comp_id 
_struct_conf.beg_label_asym_id 
_struct_conf.beg_label_seq_id 
_struct_conf.pdbx_beg_PDB_ins_code 
_struct_conf.end_label_comp_id 
_struct_conf.end_label_asym_id 
_struct_conf.end_label_seq_id 
_struct_conf.pdbx_end_PDB_ins_code 
_struct_conf.beg_auth_comp_id 
_struct_conf.beg_auth_asym_id 
_struct_conf.beg_auth_seq_id 
_struct_conf.end_auth_comp_id 
_struct_conf.end_auth_asym_id 
_struct_conf.end_auth_seq_id 
_struct_conf.pdbx_PDB_helix_class 
_struct_conf.details 
_struct_conf.pdbx_PDB_helix_length 
HELX_P HELX_P1 1 ARG A 15  ? HIS A 24  ? ARG A 14  HIS A 23  1 ? 10 
HELX_P HELX_P2 2 THR A 102 ? LEU A 107 ? THR A 101 LEU A 106 1 ? 6  
HELX_P HELX_P3 3 ASN A 117 ? GLN A 123 ? ASN A 116 GLN A 122 1 ? 7  
HELX_P HELX_P4 4 VAL A 163 ? ASN A 167 ? VAL A 162 ASN A 166 5 ? 5  
# 
_struct_conf_type.id          HELX_P 
_struct_conf_type.criteria    ? 
_struct_conf_type.reference   ? 
# 
loop_
_struct_conn.id 
_struct_conn.conn_type_id 
_struct_conn.pdbx_leaving_atom_flag 
_struct_conn.pdbx_PDB_id 
_struct_conn.ptnr1_label_asym_id 
_struct_conn.ptnr1_label_comp_id 
_struct_conn.ptnr1_label_seq_id 
_struct_conn.ptnr1_label_atom_id 
_struct_conn.pdbx_ptnr1_label_alt_id 
_struct_conn.pdbx_ptnr1_PDB_ins_code 
_struct_conn.pdbx_ptnr1_standard_comp_id 
_struct_conn.ptnr1_symmetry 
_struct_conn.ptnr2_label_asym_id 
_struct_conn.ptnr2_label_comp_id 
_struct_conn.ptnr2_label_seq_id 
_struct_conn.ptnr2_label_atom_id 
_struct_conn.pdbx_ptnr2_label_alt_id 
_struct_conn.pdbx_ptnr2_PDB_ins_code 
_struct_conn.ptnr1_auth_asym_id 
_struct_conn.ptnr1_auth_comp_id 
_struct_conn.ptnr1_auth_seq_id 
_struct_conn.ptnr2_auth_asym_id 
_struct_conn.ptnr2_auth_comp_id 
_struct_conn.ptnr2_auth_seq_id 
_struct_conn.ptnr2_symmetry 
_struct_conn.pdbx_ptnr3_label_atom_id 
_struct_conn.pdbx_ptnr3_label_seq_id 
_struct_conn.pdbx_ptnr3_label_comp_id 
_struct_conn.pdbx_ptnr3_label_asym_id 
_struct_conn.pdbx_ptnr3_label_alt_id 
_struct_conn.pdbx_ptnr3_PDB_ins_code 
_struct_conn.details 
_struct_conn.pdbx_dist_value 
_struct_conn.pdbx_value_order 
_struct_conn.pdbx_role 
hydrog1 hydrog ? ? B A 1 N1 ? ? ? 1_555 C U 3 N3 ? ? B A 196 C U 201 1_555 ? ? ? ? ? ? WATSON-CRICK ? ? ? 
hydrog2 hydrog ? ? B A 1 N6 ? ? ? 1_555 C U 3 O4 ? ? B A 196 C U 201 1_555 ? ? ? ? ? ? WATSON-CRICK ? ? ? 
hydrog3 hydrog ? ? B A 3 N1 ? ? ? 1_555 C U 1 N3 ? ? B A 198 C U 199 1_555 ? ? ? ? ? ? WATSON-CRICK ? ? ? 
hydrog4 hydrog ? ? B A 3 N6 ? ? ? 1_555 C U 1 O4 ? ? B A 198 C U 199 1_555 ? ? ? ? ? ? WATSON-CRICK ? ? ? 
# 
_struct_conn_type.id          hydrog 
_struct_conn_type.criteria    ? 
_struct_conn_type.reference   ? 
# 
loop_
_struct_sheet.id 
_struct_sheet.type 
_struct_sheet.number_strands 
_struct_sheet.details 
A ? 4 ? 
B ? 4 ? 
C ? 4 ? 
# 
loop_
_struct_sheet_order.sheet_id 
_struct_sheet_order.range_id_1 
_struct_sheet_order.range_id_2 
_struct_sheet_order.offset 
_struct_sheet_order.sense 
A 1 2 ? anti-parallel 
A 2 3 ? anti-parallel 
A 3 4 ? anti-parallel 
B 1 2 ? anti-parallel 
B 2 3 ? anti-parallel 
B 3 4 ? anti-parallel 
C 1 2 ? anti-parallel 
C 2 3 ? anti-parallel 
C 3 4 ? anti-parallel 
# 
loop_
_struct_sheet_range.sheet_id 
_struct_sheet_range.id 
_struct_sheet_range.beg_label_comp_id 
_struct_sheet_range.beg_label_asym_id 
_struct_sheet_range.beg_label_seq_id 
_struct_sheet_range.pdbx_beg_PDB_ins_code 
_struct_sheet_range.end_label_comp_id 
_struct_sheet_range.end_label_asym_id 
_struct_sheet_range.end_label_seq_id 
_struct_sheet_range.pdbx_end_PDB_ins_code 
_struct_sheet_range.beg_auth_comp_id 
_struct_sheet_range.beg_auth_asym_id 
_struct_sheet_range.beg_auth_seq_id 
_struct_sheet_range.end_auth_comp_id 
_struct_sheet_range.end_auth_asym_id 
_struct_sheet_range.end_auth_seq_id 
A 1 HIS A 27  ? THR A 38  ? HIS A 26  THR A 37  
A 2 LEU A 184 ? THR A 194 ? LEU A 183 THR A 193 
A 3 GLN A 65  ? THR A 78  ? GLN A 64  THR A 77  
A 4 ILE A 143 ? PRO A 151 ? ILE A 142 PRO A 150 
B 1 HIS A 27  ? THR A 38  ? HIS A 26  THR A 37  
B 2 LEU A 184 ? THR A 194 ? LEU A 183 THR A 193 
B 3 GLN A 65  ? THR A 78  ? GLN A 64  THR A 77  
B 4 LEU A 154 ? ASN A 156 ? LEU A 153 ASN A 155 
C 1 THR A 44  ? ASN A 47  ? THR A 43  ASN A 46  
C 2 ILE A 172 ? GLY A 178 ? ILE A 171 GLY A 177 
C 3 GLN A 84  ? ASP A 93  ? GLN A 83  ASP A 92  
C 4 PHE A 126 ? CYS A 136 ? PHE A 125 CYS A 135 
# 
loop_
_pdbx_struct_sheet_hbond.sheet_id 
_pdbx_struct_sheet_hbond.range_id_1 
_pdbx_struct_sheet_hbond.range_id_2 
_pdbx_struct_sheet_hbond.range_1_label_atom_id 
_pdbx_struct_sheet_hbond.range_1_label_comp_id 
_pdbx_struct_sheet_hbond.range_1_label_asym_id 
_pdbx_struct_sheet_hbond.range_1_label_seq_id 
_pdbx_struct_sheet_hbond.range_1_PDB_ins_code 
_pdbx_struct_sheet_hbond.range_1_auth_atom_id 
_pdbx_struct_sheet_hbond.range_1_auth_comp_id 
_pdbx_struct_sheet_hbond.range_1_auth_asym_id 
_pdbx_struct_sheet_hbond.range_1_auth_seq_id 
_pdbx_struct_sheet_hbond.range_2_label_atom_id 
_pdbx_struct_sheet_hbond.range_2_label_comp_id 
_pdbx_struct_sheet_hbond.range_2_label_asym_id 
_pdbx_struct_sheet_hbond.range_2_label_seq_id 
_pdbx_struct_sheet_hbond.range_2_PDB_ins_code 
_pdbx_struct_sheet_hbond.range_2_auth_atom_id 
_pdbx_struct_sheet_hbond.range_2_auth_comp_id 
_pdbx_struct_sheet_hbond.range_2_auth_asym_id 
_pdbx_struct_sheet_hbond.range_2_auth_seq_id 
A 1 2 N ASN A 34  ? N ASN A 33  O SER A 187 ? O SER A 186 
A 2 3 O VAL A 192 ? O VAL A 191 N SER A 70  ? N SER A 69  
A 3 4 N LEU A 73  ? N LEU A 72  O ILE A 148 ? O ILE A 147 
B 1 2 N ASN A 34  ? N ASN A 33  O SER A 187 ? O SER A 186 
B 2 3 O VAL A 192 ? O VAL A 191 N SER A 70  ? N SER A 69  
B 3 4 N VAL A 66  ? N VAL A 65  O VAL A 155 ? O VAL A 154 
C 1 2 N GLN A 46  ? N GLN A 45  O MET A 174 ? O MET A 173 
C 2 3 O LEU A 175 ? O LEU A 174 N ILE A 89  ? N ILE A 88  
C 3 4 N PHE A 86  ? N PHE A 85  O LEU A 134 ? O LEU A 133 
# 
loop_
_pdbx_validate_close_contact.id 
_pdbx_validate_close_contact.PDB_model_num 
_pdbx_validate_close_contact.auth_atom_id_1 
_pdbx_validate_close_contact.auth_asym_id_1 
_pdbx_validate_close_contact.auth_comp_id_1 
_pdbx_validate_close_contact.auth_seq_id_1 
_pdbx_validate_close_contact.PDB_ins_code_1 
_pdbx_validate_close_contact.label_alt_id_1 
_pdbx_validate_close_contact.auth_atom_id_2 
_pdbx_validate_close_contact.auth_asym_id_2 
_pdbx_validate_close_contact.auth_comp_id_2 
_pdbx_validate_close_contact.auth_seq_id_2 
_pdbx_validate_close_contact.PDB_ins_code_2 
_pdbx_validate_close_contact.label_alt_id_2 
_pdbx_validate_close_contact.dist 
1 1 NH2 A ARG 18 ? ? "O5'" C U 201 ? ? 2.06 
2 1 NH1 A ARG 18 ? ? OP2   C U 201 ? ? 2.09 
# 
_pdbx_validate_rmsd_bond.id                        1 
_pdbx_validate_rmsd_bond.PDB_model_num             1 
_pdbx_validate_rmsd_bond.auth_atom_id_1            "O3'" 
_pdbx_validate_rmsd_bond.auth_asym_id_1            B 
_pdbx_validate_rmsd_bond.auth_comp_id_1            A 
_pdbx_validate_rmsd_bond.auth_seq_id_1             196 
_pdbx_validate_rmsd_bond.PDB_ins_code_1            ? 
_pdbx_validate_rmsd_bond.label_alt_id_1            ? 
_pdbx_validate_rmsd_bond.auth_atom_id_2            "C3'" 
_pdbx_validate_rmsd_bond.auth_asym_id_2            B 
_pdbx_validate_rmsd_bond.auth_comp_id_2            A 
_pdbx_validate_rmsd_bond.auth_seq_id_2             196 
_pdbx_validate_rmsd_bond.PDB_ins_code_2            ? 
_pdbx_validate_rmsd_bond.label_alt_id_2            ? 
_pdbx_validate_rmsd_bond.bond_value                1.512 
_pdbx_validate_rmsd_bond.bond_target_value         1.427 
_pdbx_validate_rmsd_bond.bond_deviation            0.085 
_pdbx_validate_rmsd_bond.bond_standard_deviation   0.012 
_pdbx_validate_rmsd_bond.linker_flag               N 
# 
loop_
_pdbx_validate_rmsd_angle.id 
_pdbx_validate_rmsd_angle.PDB_model_num 
_pdbx_validate_rmsd_angle.auth_atom_id_1 
_pdbx_validate_rmsd_angle.auth_asym_id_1 
_pdbx_validate_rmsd_angle.auth_comp_id_1 
_pdbx_validate_rmsd_angle.auth_seq_id_1 
_pdbx_validate_rmsd_angle.PDB_ins_code_1 
_pdbx_validate_rmsd_angle.label_alt_id_1 
_pdbx_validate_rmsd_angle.auth_atom_id_2 
_pdbx_validate_rmsd_angle.auth_asym_id_2 
_pdbx_validate_rmsd_angle.auth_comp_id_2 
_pdbx_validate_rmsd_angle.auth_seq_id_2 
_pdbx_validate_rmsd_angle.PDB_ins_code_2 
_pdbx_validate_rmsd_angle.label_alt_id_2 
_pdbx_validate_rmsd_angle.auth_atom_id_3 
_pdbx_validate_rmsd_angle.auth_asym_id_3 
_pdbx_validate_rmsd_angle.auth_comp_id_3 
_pdbx_validate_rmsd_angle.auth_seq_id_3 
_pdbx_validate_rmsd_angle.PDB_ins_code_3 
_pdbx_validate_rmsd_angle.label_alt_id_3 
_pdbx_validate_rmsd_angle.angle_value 
_pdbx_validate_rmsd_angle.angle_target_value 
_pdbx_validate_rmsd_angle.angle_deviation 
_pdbx_validate_rmsd_angle.angle_standard_deviation 
_pdbx_validate_rmsd_angle.linker_flag 
1 1 "O3'" B A 196 ? ? P B A 197 ? ? OP2 B A 197 ? ? 89.55  105.20 -15.65 2.20 Y 
2 1 "O3'" B A 196 ? ? P B A 197 ? ? OP1 B A 197 ? ? 121.83 110.50 11.33  1.10 Y 
3 1 "O5'" C U 201 ? ? P C U 201 ? ? OP2 C U 201 ? ? 100.15 105.70 -5.55  0.90 N 
4 1 "O5'" C U 202 ? ? P C U 202 ? ? OP2 C U 202 ? ? 97.49  105.70 -8.21  0.90 N 
# 
loop_
_pdbx_validate_torsion.id 
_pdbx_validate_torsion.PDB_model_num 
_pdbx_validate_torsion.auth_comp_id 
_pdbx_validate_torsion.auth_asym_id 
_pdbx_validate_torsion.auth_seq_id 
_pdbx_validate_torsion.PDB_ins_code 
_pdbx_validate_torsion.label_alt_id 
_pdbx_validate_torsion.phi 
_pdbx_validate_torsion.psi 
1 1 ARG A 14  ? ? 69.09   -27.85 
2 1 LEU A 47  ? ? -121.78 -50.36 
3 1 THR A 80  ? ? 71.95   -51.17 
4 1 ASP A 194 ? ? -143.42 48.45  
# 
_pdbx_point_symmetry.entry_id             3S4G 
_pdbx_point_symmetry.Schoenflies_symbol   I 
_pdbx_point_symmetry.circular_symmetry    ? 
_pdbx_point_symmetry.H-M_notation         ? 
# 
loop_
_pdbx_unobs_or_zero_occ_residues.id 
_pdbx_unobs_or_zero_occ_residues.PDB_model_num 
_pdbx_unobs_or_zero_occ_residues.polymer_flag 
_pdbx_unobs_or_zero_occ_residues.occupancy_flag 
_pdbx_unobs_or_zero_occ_residues.auth_asym_id 
_pdbx_unobs_or_zero_occ_residues.auth_comp_id 
_pdbx_unobs_or_zero_occ_residues.auth_seq_id 
_pdbx_unobs_or_zero_occ_residues.PDB_ins_code 
_pdbx_unobs_or_zero_occ_residues.label_asym_id 
_pdbx_unobs_or_zero_occ_residues.label_comp_id 
_pdbx_unobs_or_zero_occ_residues.label_seq_id 
1  1 Y 1 A MET 0  ? A MET 1  
2  1 Y 1 A ALA 1  ? A ALA 2  
3  1 Y 1 A LYS 2  ? A LYS 3  
4  1 Y 1 A GLN 3  ? A GLN 4  
5  1 Y 1 A GLN 4  ? A GLN 5  
6  1 Y 1 A ASN 5  ? A ASN 6  
7  1 Y 1 A ASN 6  ? A ASN 7  
8  1 Y 1 A ARG 7  ? A ARG 8  
9  1 Y 1 A ARG 8  ? A ARG 9  
10 1 Y 1 A LYS 9  ? A LYS 10 
11 1 Y 1 A SER 10 ? A SER 11 
12 1 Y 1 A ALA 11 ? A ALA 12 
# 
loop_
_chem_comp_atom.comp_id 
_chem_comp_atom.atom_id 
_chem_comp_atom.type_symbol 
_chem_comp_atom.pdbx_aromatic_flag 
_chem_comp_atom.pdbx_stereo_config 
_chem_comp_atom.pdbx_ordinal 
A   OP3    O N N 1   
A   P      P N N 2   
A   OP1    O N N 3   
A   OP2    O N N 4   
A   "O5'"  O N N 5   
A   "C5'"  C N N 6   
A   "C4'"  C N R 7   
A   "O4'"  O N N 8   
A   "C3'"  C N S 9   
A   "O3'"  O N N 10  
A   "C2'"  C N R 11  
A   "O2'"  O N N 12  
A   "C1'"  C N R 13  
A   N9     N Y N 14  
A   C8     C Y N 15  
A   N7     N Y N 16  
A   C5     C Y N 17  
A   C6     C Y N 18  
A   N6     N N N 19  
A   N1     N Y N 20  
A   C2     C Y N 21  
A   N3     N Y N 22  
A   C4     C Y N 23  
A   HOP3   H N N 24  
A   HOP2   H N N 25  
A   "H5'"  H N N 26  
A   "H5''" H N N 27  
A   "H4'"  H N N 28  
A   "H3'"  H N N 29  
A   "HO3'" H N N 30  
A   "H2'"  H N N 31  
A   "HO2'" H N N 32  
A   "H1'"  H N N 33  
A   H8     H N N 34  
A   H61    H N N 35  
A   H62    H N N 36  
A   H2     H N N 37  
ALA N      N N N 38  
ALA CA     C N S 39  
ALA C      C N N 40  
ALA O      O N N 41  
ALA CB     C N N 42  
ALA OXT    O N N 43  
ALA H      H N N 44  
ALA H2     H N N 45  
ALA HA     H N N 46  
ALA HB1    H N N 47  
ALA HB2    H N N 48  
ALA HB3    H N N 49  
ALA HXT    H N N 50  
ARG N      N N N 51  
ARG CA     C N S 52  
ARG C      C N N 53  
ARG O      O N N 54  
ARG CB     C N N 55  
ARG CG     C N N 56  
ARG CD     C N N 57  
ARG NE     N N N 58  
ARG CZ     C N N 59  
ARG NH1    N N N 60  
ARG NH2    N N N 61  
ARG OXT    O N N 62  
ARG H      H N N 63  
ARG H2     H N N 64  
ARG HA     H N N 65  
ARG HB2    H N N 66  
ARG HB3    H N N 67  
ARG HG2    H N N 68  
ARG HG3    H N N 69  
ARG HD2    H N N 70  
ARG HD3    H N N 71  
ARG HE     H N N 72  
ARG HH11   H N N 73  
ARG HH12   H N N 74  
ARG HH21   H N N 75  
ARG HH22   H N N 76  
ARG HXT    H N N 77  
ASN N      N N N 78  
ASN CA     C N S 79  
ASN C      C N N 80  
ASN O      O N N 81  
ASN CB     C N N 82  
ASN CG     C N N 83  
ASN OD1    O N N 84  
ASN ND2    N N N 85  
ASN OXT    O N N 86  
ASN H      H N N 87  
ASN H2     H N N 88  
ASN HA     H N N 89  
ASN HB2    H N N 90  
ASN HB3    H N N 91  
ASN HD21   H N N 92  
ASN HD22   H N N 93  
ASN HXT    H N N 94  
ASP N      N N N 95  
ASP CA     C N S 96  
ASP C      C N N 97  
ASP O      O N N 98  
ASP CB     C N N 99  
ASP CG     C N N 100 
ASP OD1    O N N 101 
ASP OD2    O N N 102 
ASP OXT    O N N 103 
ASP H      H N N 104 
ASP H2     H N N 105 
ASP HA     H N N 106 
ASP HB2    H N N 107 
ASP HB3    H N N 108 
ASP HD2    H N N 109 
ASP HXT    H N N 110 
CYS N      N N N 111 
CYS CA     C N R 112 
CYS C      C N N 113 
CYS O      O N N 114 
CYS CB     C N N 115 
CYS SG     S N N 116 
CYS OXT    O N N 117 
CYS H      H N N 118 
CYS H2     H N N 119 
CYS HA     H N N 120 
CYS HB2    H N N 121 
CYS HB3    H N N 122 
CYS HG     H N N 123 
CYS HXT    H N N 124 
GLN N      N N N 125 
GLN CA     C N S 126 
GLN C      C N N 127 
GLN O      O N N 128 
GLN CB     C N N 129 
GLN CG     C N N 130 
GLN CD     C N N 131 
GLN OE1    O N N 132 
GLN NE2    N N N 133 
GLN OXT    O N N 134 
GLN H      H N N 135 
GLN H2     H N N 136 
GLN HA     H N N 137 
GLN HB2    H N N 138 
GLN HB3    H N N 139 
GLN HG2    H N N 140 
GLN HG3    H N N 141 
GLN HE21   H N N 142 
GLN HE22   H N N 143 
GLN HXT    H N N 144 
GLU N      N N N 145 
GLU CA     C N S 146 
GLU C      C N N 147 
GLU O      O N N 148 
GLU CB     C N N 149 
GLU CG     C N N 150 
GLU CD     C N N 151 
GLU OE1    O N N 152 
GLU OE2    O N N 153 
GLU OXT    O N N 154 
GLU H      H N N 155 
GLU H2     H N N 156 
GLU HA     H N N 157 
GLU HB2    H N N 158 
GLU HB3    H N N 159 
GLU HG2    H N N 160 
GLU HG3    H N N 161 
GLU HE2    H N N 162 
GLU HXT    H N N 163 
GLY N      N N N 164 
GLY CA     C N N 165 
GLY C      C N N 166 
GLY O      O N N 167 
GLY OXT    O N N 168 
GLY H      H N N 169 
GLY H2     H N N 170 
GLY HA2    H N N 171 
GLY HA3    H N N 172 
GLY HXT    H N N 173 
HIS N      N N N 174 
HIS CA     C N S 175 
HIS C      C N N 176 
HIS O      O N N 177 
HIS CB     C N N 178 
HIS CG     C Y N 179 
HIS ND1    N Y N 180 
HIS CD2    C Y N 181 
HIS CE1    C Y N 182 
HIS NE2    N Y N 183 
HIS OXT    O N N 184 
HIS H      H N N 185 
HIS H2     H N N 186 
HIS HA     H N N 187 
HIS HB2    H N N 188 
HIS HB3    H N N 189 
HIS HD1    H N N 190 
HIS HD2    H N N 191 
HIS HE1    H N N 192 
HIS HE2    H N N 193 
HIS HXT    H N N 194 
ILE N      N N N 195 
ILE CA     C N S 196 
ILE C      C N N 197 
ILE O      O N N 198 
ILE CB     C N S 199 
ILE CG1    C N N 200 
ILE CG2    C N N 201 
ILE CD1    C N N 202 
ILE OXT    O N N 203 
ILE H      H N N 204 
ILE H2     H N N 205 
ILE HA     H N N 206 
ILE HB     H N N 207 
ILE HG12   H N N 208 
ILE HG13   H N N 209 
ILE HG21   H N N 210 
ILE HG22   H N N 211 
ILE HG23   H N N 212 
ILE HD11   H N N 213 
ILE HD12   H N N 214 
ILE HD13   H N N 215 
ILE HXT    H N N 216 
LEU N      N N N 217 
LEU CA     C N S 218 
LEU C      C N N 219 
LEU O      O N N 220 
LEU CB     C N N 221 
LEU CG     C N N 222 
LEU CD1    C N N 223 
LEU CD2    C N N 224 
LEU OXT    O N N 225 
LEU H      H N N 226 
LEU H2     H N N 227 
LEU HA     H N N 228 
LEU HB2    H N N 229 
LEU HB3    H N N 230 
LEU HG     H N N 231 
LEU HD11   H N N 232 
LEU HD12   H N N 233 
LEU HD13   H N N 234 
LEU HD21   H N N 235 
LEU HD22   H N N 236 
LEU HD23   H N N 237 
LEU HXT    H N N 238 
LYS N      N N N 239 
LYS CA     C N S 240 
LYS C      C N N 241 
LYS O      O N N 242 
LYS CB     C N N 243 
LYS CG     C N N 244 
LYS CD     C N N 245 
LYS CE     C N N 246 
LYS NZ     N N N 247 
LYS OXT    O N N 248 
LYS H      H N N 249 
LYS H2     H N N 250 
LYS HA     H N N 251 
LYS HB2    H N N 252 
LYS HB3    H N N 253 
LYS HG2    H N N 254 
LYS HG3    H N N 255 
LYS HD2    H N N 256 
LYS HD3    H N N 257 
LYS HE2    H N N 258 
LYS HE3    H N N 259 
LYS HZ1    H N N 260 
LYS HZ2    H N N 261 
LYS HZ3    H N N 262 
LYS HXT    H N N 263 
MET N      N N N 264 
MET CA     C N S 265 
MET C      C N N 266 
MET O      O N N 267 
MET CB     C N N 268 
MET CG     C N N 269 
MET SD     S N N 270 
MET CE     C N N 271 
MET OXT    O N N 272 
MET H      H N N 273 
MET H2     H N N 274 
MET HA     H N N 275 
MET HB2    H N N 276 
MET HB3    H N N 277 
MET HG2    H N N 278 
MET HG3    H N N 279 
MET HE1    H N N 280 
MET HE2    H N N 281 
MET HE3    H N N 282 
MET HXT    H N N 283 
PHE N      N N N 284 
PHE CA     C N S 285 
PHE C      C N N 286 
PHE O      O N N 287 
PHE CB     C N N 288 
PHE CG     C Y N 289 
PHE CD1    C Y N 290 
PHE CD2    C Y N 291 
PHE CE1    C Y N 292 
PHE CE2    C Y N 293 
PHE CZ     C Y N 294 
PHE OXT    O N N 295 
PHE H      H N N 296 
PHE H2     H N N 297 
PHE HA     H N N 298 
PHE HB2    H N N 299 
PHE HB3    H N N 300 
PHE HD1    H N N 301 
PHE HD2    H N N 302 
PHE HE1    H N N 303 
PHE HE2    H N N 304 
PHE HZ     H N N 305 
PHE HXT    H N N 306 
PRO N      N N N 307 
PRO CA     C N S 308 
PRO C      C N N 309 
PRO O      O N N 310 
PRO CB     C N N 311 
PRO CG     C N N 312 
PRO CD     C N N 313 
PRO OXT    O N N 314 
PRO H      H N N 315 
PRO HA     H N N 316 
PRO HB2    H N N 317 
PRO HB3    H N N 318 
PRO HG2    H N N 319 
PRO HG3    H N N 320 
PRO HD2    H N N 321 
PRO HD3    H N N 322 
PRO HXT    H N N 323 
SER N      N N N 324 
SER CA     C N S 325 
SER C      C N N 326 
SER O      O N N 327 
SER CB     C N N 328 
SER OG     O N N 329 
SER OXT    O N N 330 
SER H      H N N 331 
SER H2     H N N 332 
SER HA     H N N 333 
SER HB2    H N N 334 
SER HB3    H N N 335 
SER HG     H N N 336 
SER HXT    H N N 337 
THR N      N N N 338 
THR CA     C N S 339 
THR C      C N N 340 
THR O      O N N 341 
THR CB     C N R 342 
THR OG1    O N N 343 
THR CG2    C N N 344 
THR OXT    O N N 345 
THR H      H N N 346 
THR H2     H N N 347 
THR HA     H N N 348 
THR HB     H N N 349 
THR HG1    H N N 350 
THR HG21   H N N 351 
THR HG22   H N N 352 
THR HG23   H N N 353 
THR HXT    H N N 354 
TRP N      N N N 355 
TRP CA     C N S 356 
TRP C      C N N 357 
TRP O      O N N 358 
TRP CB     C N N 359 
TRP CG     C Y N 360 
TRP CD1    C Y N 361 
TRP CD2    C Y N 362 
TRP NE1    N Y N 363 
TRP CE2    C Y N 364 
TRP CE3    C Y N 365 
TRP CZ2    C Y N 366 
TRP CZ3    C Y N 367 
TRP CH2    C Y N 368 
TRP OXT    O N N 369 
TRP H      H N N 370 
TRP H2     H N N 371 
TRP HA     H N N 372 
TRP HB2    H N N 373 
TRP HB3    H N N 374 
TRP HD1    H N N 375 
TRP HE1    H N N 376 
TRP HE3    H N N 377 
TRP HZ2    H N N 378 
TRP HZ3    H N N 379 
TRP HH2    H N N 380 
TRP HXT    H N N 381 
TYR N      N N N 382 
TYR CA     C N S 383 
TYR C      C N N 384 
TYR O      O N N 385 
TYR CB     C N N 386 
TYR CG     C Y N 387 
TYR CD1    C Y N 388 
TYR CD2    C Y N 389 
TYR CE1    C Y N 390 
TYR CE2    C Y N 391 
TYR CZ     C Y N 392 
TYR OH     O N N 393 
TYR OXT    O N N 394 
TYR H      H N N 395 
TYR H2     H N N 396 
TYR HA     H N N 397 
TYR HB2    H N N 398 
TYR HB3    H N N 399 
TYR HD1    H N N 400 
TYR HD2    H N N 401 
TYR HE1    H N N 402 
TYR HE2    H N N 403 
TYR HH     H N N 404 
TYR HXT    H N N 405 
U   OP3    O N N 406 
U   P      P N N 407 
U   OP1    O N N 408 
U   OP2    O N N 409 
U   "O5'"  O N N 410 
U   "C5'"  C N N 411 
U   "C4'"  C N R 412 
U   "O4'"  O N N 413 
U   "C3'"  C N S 414 
U   "O3'"  O N N 415 
U   "C2'"  C N R 416 
U   "O2'"  O N N 417 
U   "C1'"  C N R 418 
U   N1     N N N 419 
U   C2     C N N 420 
U   O2     O N N 421 
U   N3     N N N 422 
U   C4     C N N 423 
U   O4     O N N 424 
U   C5     C N N 425 
U   C6     C N N 426 
U   HOP3   H N N 427 
U   HOP2   H N N 428 
U   "H5'"  H N N 429 
U   "H5''" H N N 430 
U   "H4'"  H N N 431 
U   "H3'"  H N N 432 
U   "HO3'" H N N 433 
U   "H2'"  H N N 434 
U   "HO2'" H N N 435 
U   "H1'"  H N N 436 
U   H3     H N N 437 
U   H5     H N N 438 
U   H6     H N N 439 
VAL N      N N N 440 
VAL CA     C N S 441 
VAL C      C N N 442 
VAL O      O N N 443 
VAL CB     C N N 444 
VAL CG1    C N N 445 
VAL CG2    C N N 446 
VAL OXT    O N N 447 
VAL H      H N N 448 
VAL H2     H N N 449 
VAL HA     H N N 450 
VAL HB     H N N 451 
VAL HG11   H N N 452 
VAL HG12   H N N 453 
VAL HG13   H N N 454 
VAL HG21   H N N 455 
VAL HG22   H N N 456 
VAL HG23   H N N 457 
VAL HXT    H N N 458 
# 
loop_
_chem_comp_bond.comp_id 
_chem_comp_bond.atom_id_1 
_chem_comp_bond.atom_id_2 
_chem_comp_bond.value_order 
_chem_comp_bond.pdbx_aromatic_flag 
_chem_comp_bond.pdbx_stereo_config 
_chem_comp_bond.pdbx_ordinal 
A   OP3   P      sing N N 1   
A   OP3   HOP3   sing N N 2   
A   P     OP1    doub N N 3   
A   P     OP2    sing N N 4   
A   P     "O5'"  sing N N 5   
A   OP2   HOP2   sing N N 6   
A   "O5'" "C5'"  sing N N 7   
A   "C5'" "C4'"  sing N N 8   
A   "C5'" "H5'"  sing N N 9   
A   "C5'" "H5''" sing N N 10  
A   "C4'" "O4'"  sing N N 11  
A   "C4'" "C3'"  sing N N 12  
A   "C4'" "H4'"  sing N N 13  
A   "O4'" "C1'"  sing N N 14  
A   "C3'" "O3'"  sing N N 15  
A   "C3'" "C2'"  sing N N 16  
A   "C3'" "H3'"  sing N N 17  
A   "O3'" "HO3'" sing N N 18  
A   "C2'" "O2'"  sing N N 19  
A   "C2'" "C1'"  sing N N 20  
A   "C2'" "H2'"  sing N N 21  
A   "O2'" "HO2'" sing N N 22  
A   "C1'" N9     sing N N 23  
A   "C1'" "H1'"  sing N N 24  
A   N9    C8     sing Y N 25  
A   N9    C4     sing Y N 26  
A   C8    N7     doub Y N 27  
A   C8    H8     sing N N 28  
A   N7    C5     sing Y N 29  
A   C5    C6     sing Y N 30  
A   C5    C4     doub Y N 31  
A   C6    N6     sing N N 32  
A   C6    N1     doub Y N 33  
A   N6    H61    sing N N 34  
A   N6    H62    sing N N 35  
A   N1    C2     sing Y N 36  
A   C2    N3     doub Y N 37  
A   C2    H2     sing N N 38  
A   N3    C4     sing Y N 39  
ALA N     CA     sing N N 40  
ALA N     H      sing N N 41  
ALA N     H2     sing N N 42  
ALA CA    C      sing N N 43  
ALA CA    CB     sing N N 44  
ALA CA    HA     sing N N 45  
ALA C     O      doub N N 46  
ALA C     OXT    sing N N 47  
ALA CB    HB1    sing N N 48  
ALA CB    HB2    sing N N 49  
ALA CB    HB3    sing N N 50  
ALA OXT   HXT    sing N N 51  
ARG N     CA     sing N N 52  
ARG N     H      sing N N 53  
ARG N     H2     sing N N 54  
ARG CA    C      sing N N 55  
ARG CA    CB     sing N N 56  
ARG CA    HA     sing N N 57  
ARG C     O      doub N N 58  
ARG C     OXT    sing N N 59  
ARG CB    CG     sing N N 60  
ARG CB    HB2    sing N N 61  
ARG CB    HB3    sing N N 62  
ARG CG    CD     sing N N 63  
ARG CG    HG2    sing N N 64  
ARG CG    HG3    sing N N 65  
ARG CD    NE     sing N N 66  
ARG CD    HD2    sing N N 67  
ARG CD    HD3    sing N N 68  
ARG NE    CZ     sing N N 69  
ARG NE    HE     sing N N 70  
ARG CZ    NH1    sing N N 71  
ARG CZ    NH2    doub N N 72  
ARG NH1   HH11   sing N N 73  
ARG NH1   HH12   sing N N 74  
ARG NH2   HH21   sing N N 75  
ARG NH2   HH22   sing N N 76  
ARG OXT   HXT    sing N N 77  
ASN N     CA     sing N N 78  
ASN N     H      sing N N 79  
ASN N     H2     sing N N 80  
ASN CA    C      sing N N 81  
ASN CA    CB     sing N N 82  
ASN CA    HA     sing N N 83  
ASN C     O      doub N N 84  
ASN C     OXT    sing N N 85  
ASN CB    CG     sing N N 86  
ASN CB    HB2    sing N N 87  
ASN CB    HB3    sing N N 88  
ASN CG    OD1    doub N N 89  
ASN CG    ND2    sing N N 90  
ASN ND2   HD21   sing N N 91  
ASN ND2   HD22   sing N N 92  
ASN OXT   HXT    sing N N 93  
ASP N     CA     sing N N 94  
ASP N     H      sing N N 95  
ASP N     H2     sing N N 96  
ASP CA    C      sing N N 97  
ASP CA    CB     sing N N 98  
ASP CA    HA     sing N N 99  
ASP C     O      doub N N 100 
ASP C     OXT    sing N N 101 
ASP CB    CG     sing N N 102 
ASP CB    HB2    sing N N 103 
ASP CB    HB3    sing N N 104 
ASP CG    OD1    doub N N 105 
ASP CG    OD2    sing N N 106 
ASP OD2   HD2    sing N N 107 
ASP OXT   HXT    sing N N 108 
CYS N     CA     sing N N 109 
CYS N     H      sing N N 110 
CYS N     H2     sing N N 111 
CYS CA    C      sing N N 112 
CYS CA    CB     sing N N 113 
CYS CA    HA     sing N N 114 
CYS C     O      doub N N 115 
CYS C     OXT    sing N N 116 
CYS CB    SG     sing N N 117 
CYS CB    HB2    sing N N 118 
CYS CB    HB3    sing N N 119 
CYS SG    HG     sing N N 120 
CYS OXT   HXT    sing N N 121 
GLN N     CA     sing N N 122 
GLN N     H      sing N N 123 
GLN N     H2     sing N N 124 
GLN CA    C      sing N N 125 
GLN CA    CB     sing N N 126 
GLN CA    HA     sing N N 127 
GLN C     O      doub N N 128 
GLN C     OXT    sing N N 129 
GLN CB    CG     sing N N 130 
GLN CB    HB2    sing N N 131 
GLN CB    HB3    sing N N 132 
GLN CG    CD     sing N N 133 
GLN CG    HG2    sing N N 134 
GLN CG    HG3    sing N N 135 
GLN CD    OE1    doub N N 136 
GLN CD    NE2    sing N N 137 
GLN NE2   HE21   sing N N 138 
GLN NE2   HE22   sing N N 139 
GLN OXT   HXT    sing N N 140 
GLU N     CA     sing N N 141 
GLU N     H      sing N N 142 
GLU N     H2     sing N N 143 
GLU CA    C      sing N N 144 
GLU CA    CB     sing N N 145 
GLU CA    HA     sing N N 146 
GLU C     O      doub N N 147 
GLU C     OXT    sing N N 148 
GLU CB    CG     sing N N 149 
GLU CB    HB2    sing N N 150 
GLU CB    HB3    sing N N 151 
GLU CG    CD     sing N N 152 
GLU CG    HG2    sing N N 153 
GLU CG    HG3    sing N N 154 
GLU CD    OE1    doub N N 155 
GLU CD    OE2    sing N N 156 
GLU OE2   HE2    sing N N 157 
GLU OXT   HXT    sing N N 158 
GLY N     CA     sing N N 159 
GLY N     H      sing N N 160 
GLY N     H2     sing N N 161 
GLY CA    C      sing N N 162 
GLY CA    HA2    sing N N 163 
GLY CA    HA3    sing N N 164 
GLY C     O      doub N N 165 
GLY C     OXT    sing N N 166 
GLY OXT   HXT    sing N N 167 
HIS N     CA     sing N N 168 
HIS N     H      sing N N 169 
HIS N     H2     sing N N 170 
HIS CA    C      sing N N 171 
HIS CA    CB     sing N N 172 
HIS CA    HA     sing N N 173 
HIS C     O      doub N N 174 
HIS C     OXT    sing N N 175 
HIS CB    CG     sing N N 176 
HIS CB    HB2    sing N N 177 
HIS CB    HB3    sing N N 178 
HIS CG    ND1    sing Y N 179 
HIS CG    CD2    doub Y N 180 
HIS ND1   CE1    doub Y N 181 
HIS ND1   HD1    sing N N 182 
HIS CD2   NE2    sing Y N 183 
HIS CD2   HD2    sing N N 184 
HIS CE1   NE2    sing Y N 185 
HIS CE1   HE1    sing N N 186 
HIS NE2   HE2    sing N N 187 
HIS OXT   HXT    sing N N 188 
ILE N     CA     sing N N 189 
ILE N     H      sing N N 190 
ILE N     H2     sing N N 191 
ILE CA    C      sing N N 192 
ILE CA    CB     sing N N 193 
ILE CA    HA     sing N N 194 
ILE C     O      doub N N 195 
ILE C     OXT    sing N N 196 
ILE CB    CG1    sing N N 197 
ILE CB    CG2    sing N N 198 
ILE CB    HB     sing N N 199 
ILE CG1   CD1    sing N N 200 
ILE CG1   HG12   sing N N 201 
ILE CG1   HG13   sing N N 202 
ILE CG2   HG21   sing N N 203 
ILE CG2   HG22   sing N N 204 
ILE CG2   HG23   sing N N 205 
ILE CD1   HD11   sing N N 206 
ILE CD1   HD12   sing N N 207 
ILE CD1   HD13   sing N N 208 
ILE OXT   HXT    sing N N 209 
LEU N     CA     sing N N 210 
LEU N     H      sing N N 211 
LEU N     H2     sing N N 212 
LEU CA    C      sing N N 213 
LEU CA    CB     sing N N 214 
LEU CA    HA     sing N N 215 
LEU C     O      doub N N 216 
LEU C     OXT    sing N N 217 
LEU CB    CG     sing N N 218 
LEU CB    HB2    sing N N 219 
LEU CB    HB3    sing N N 220 
LEU CG    CD1    sing N N 221 
LEU CG    CD2    sing N N 222 
LEU CG    HG     sing N N 223 
LEU CD1   HD11   sing N N 224 
LEU CD1   HD12   sing N N 225 
LEU CD1   HD13   sing N N 226 
LEU CD2   HD21   sing N N 227 
LEU CD2   HD22   sing N N 228 
LEU CD2   HD23   sing N N 229 
LEU OXT   HXT    sing N N 230 
LYS N     CA     sing N N 231 
LYS N     H      sing N N 232 
LYS N     H2     sing N N 233 
LYS CA    C      sing N N 234 
LYS CA    CB     sing N N 235 
LYS CA    HA     sing N N 236 
LYS C     O      doub N N 237 
LYS C     OXT    sing N N 238 
LYS CB    CG     sing N N 239 
LYS CB    HB2    sing N N 240 
LYS CB    HB3    sing N N 241 
LYS CG    CD     sing N N 242 
LYS CG    HG2    sing N N 243 
LYS CG    HG3    sing N N 244 
LYS CD    CE     sing N N 245 
LYS CD    HD2    sing N N 246 
LYS CD    HD3    sing N N 247 
LYS CE    NZ     sing N N 248 
LYS CE    HE2    sing N N 249 
LYS CE    HE3    sing N N 250 
LYS NZ    HZ1    sing N N 251 
LYS NZ    HZ2    sing N N 252 
LYS NZ    HZ3    sing N N 253 
LYS OXT   HXT    sing N N 254 
MET N     CA     sing N N 255 
MET N     H      sing N N 256 
MET N     H2     sing N N 257 
MET CA    C      sing N N 258 
MET CA    CB     sing N N 259 
MET CA    HA     sing N N 260 
MET C     O      doub N N 261 
MET C     OXT    sing N N 262 
MET CB    CG     sing N N 263 
MET CB    HB2    sing N N 264 
MET CB    HB3    sing N N 265 
MET CG    SD     sing N N 266 
MET CG    HG2    sing N N 267 
MET CG    HG3    sing N N 268 
MET SD    CE     sing N N 269 
MET CE    HE1    sing N N 270 
MET CE    HE2    sing N N 271 
MET CE    HE3    sing N N 272 
MET OXT   HXT    sing N N 273 
PHE N     CA     sing N N 274 
PHE N     H      sing N N 275 
PHE N     H2     sing N N 276 
PHE CA    C      sing N N 277 
PHE CA    CB     sing N N 278 
PHE CA    HA     sing N N 279 
PHE C     O      doub N N 280 
PHE C     OXT    sing N N 281 
PHE CB    CG     sing N N 282 
PHE CB    HB2    sing N N 283 
PHE CB    HB3    sing N N 284 
PHE CG    CD1    doub Y N 285 
PHE CG    CD2    sing Y N 286 
PHE CD1   CE1    sing Y N 287 
PHE CD1   HD1    sing N N 288 
PHE CD2   CE2    doub Y N 289 
PHE CD2   HD2    sing N N 290 
PHE CE1   CZ     doub Y N 291 
PHE CE1   HE1    sing N N 292 
PHE CE2   CZ     sing Y N 293 
PHE CE2   HE2    sing N N 294 
PHE CZ    HZ     sing N N 295 
PHE OXT   HXT    sing N N 296 
PRO N     CA     sing N N 297 
PRO N     CD     sing N N 298 
PRO N     H      sing N N 299 
PRO CA    C      sing N N 300 
PRO CA    CB     sing N N 301 
PRO CA    HA     sing N N 302 
PRO C     O      doub N N 303 
PRO C     OXT    sing N N 304 
PRO CB    CG     sing N N 305 
PRO CB    HB2    sing N N 306 
PRO CB    HB3    sing N N 307 
PRO CG    CD     sing N N 308 
PRO CG    HG2    sing N N 309 
PRO CG    HG3    sing N N 310 
PRO CD    HD2    sing N N 311 
PRO CD    HD3    sing N N 312 
PRO OXT   HXT    sing N N 313 
SER N     CA     sing N N 314 
SER N     H      sing N N 315 
SER N     H2     sing N N 316 
SER CA    C      sing N N 317 
SER CA    CB     sing N N 318 
SER CA    HA     sing N N 319 
SER C     O      doub N N 320 
SER C     OXT    sing N N 321 
SER CB    OG     sing N N 322 
SER CB    HB2    sing N N 323 
SER CB    HB3    sing N N 324 
SER OG    HG     sing N N 325 
SER OXT   HXT    sing N N 326 
THR N     CA     sing N N 327 
THR N     H      sing N N 328 
THR N     H2     sing N N 329 
THR CA    C      sing N N 330 
THR CA    CB     sing N N 331 
THR CA    HA     sing N N 332 
THR C     O      doub N N 333 
THR C     OXT    sing N N 334 
THR CB    OG1    sing N N 335 
THR CB    CG2    sing N N 336 
THR CB    HB     sing N N 337 
THR OG1   HG1    sing N N 338 
THR CG2   HG21   sing N N 339 
THR CG2   HG22   sing N N 340 
THR CG2   HG23   sing N N 341 
THR OXT   HXT    sing N N 342 
TRP N     CA     sing N N 343 
TRP N     H      sing N N 344 
TRP N     H2     sing N N 345 
TRP CA    C      sing N N 346 
TRP CA    CB     sing N N 347 
TRP CA    HA     sing N N 348 
TRP C     O      doub N N 349 
TRP C     OXT    sing N N 350 
TRP CB    CG     sing N N 351 
TRP CB    HB2    sing N N 352 
TRP CB    HB3    sing N N 353 
TRP CG    CD1    doub Y N 354 
TRP CG    CD2    sing Y N 355 
TRP CD1   NE1    sing Y N 356 
TRP CD1   HD1    sing N N 357 
TRP CD2   CE2    doub Y N 358 
TRP CD2   CE3    sing Y N 359 
TRP NE1   CE2    sing Y N 360 
TRP NE1   HE1    sing N N 361 
TRP CE2   CZ2    sing Y N 362 
TRP CE3   CZ3    doub Y N 363 
TRP CE3   HE3    sing N N 364 
TRP CZ2   CH2    doub Y N 365 
TRP CZ2   HZ2    sing N N 366 
TRP CZ3   CH2    sing Y N 367 
TRP CZ3   HZ3    sing N N 368 
TRP CH2   HH2    sing N N 369 
TRP OXT   HXT    sing N N 370 
TYR N     CA     sing N N 371 
TYR N     H      sing N N 372 
TYR N     H2     sing N N 373 
TYR CA    C      sing N N 374 
TYR CA    CB     sing N N 375 
TYR CA    HA     sing N N 376 
TYR C     O      doub N N 377 
TYR C     OXT    sing N N 378 
TYR CB    CG     sing N N 379 
TYR CB    HB2    sing N N 380 
TYR CB    HB3    sing N N 381 
TYR CG    CD1    doub Y N 382 
TYR CG    CD2    sing Y N 383 
TYR CD1   CE1    sing Y N 384 
TYR CD1   HD1    sing N N 385 
TYR CD2   CE2    doub Y N 386 
TYR CD2   HD2    sing N N 387 
TYR CE1   CZ     doub Y N 388 
TYR CE1   HE1    sing N N 389 
TYR CE2   CZ     sing Y N 390 
TYR CE2   HE2    sing N N 391 
TYR CZ    OH     sing N N 392 
TYR OH    HH     sing N N 393 
TYR OXT   HXT    sing N N 394 
U   OP3   P      sing N N 395 
U   OP3   HOP3   sing N N 396 
U   P     OP1    doub N N 397 
U   P     OP2    sing N N 398 
U   P     "O5'"  sing N N 399 
U   OP2   HOP2   sing N N 400 
U   "O5'" "C5'"  sing N N 401 
U   "C5'" "C4'"  sing N N 402 
U   "C5'" "H5'"  sing N N 403 
U   "C5'" "H5''" sing N N 404 
U   "C4'" "O4'"  sing N N 405 
U   "C4'" "C3'"  sing N N 406 
U   "C4'" "H4'"  sing N N 407 
U   "O4'" "C1'"  sing N N 408 
U   "C3'" "O3'"  sing N N 409 
U   "C3'" "C2'"  sing N N 410 
U   "C3'" "H3'"  sing N N 411 
U   "O3'" "HO3'" sing N N 412 
U   "C2'" "O2'"  sing N N 413 
U   "C2'" "C1'"  sing N N 414 
U   "C2'" "H2'"  sing N N 415 
U   "O2'" "HO2'" sing N N 416 
U   "C1'" N1     sing N N 417 
U   "C1'" "H1'"  sing N N 418 
U   N1    C2     sing N N 419 
U   N1    C6     sing N N 420 
U   C2    O2     doub N N 421 
U   C2    N3     sing N N 422 
U   N3    C4     sing N N 423 
U   N3    H3     sing N N 424 
U   C4    O4     doub N N 425 
U   C4    C5     sing N N 426 
U   C5    C6     doub N N 427 
U   C5    H5     sing N N 428 
U   C6    H6     sing N N 429 
VAL N     CA     sing N N 430 
VAL N     H      sing N N 431 
VAL N     H2     sing N N 432 
VAL CA    C      sing N N 433 
VAL CA    CB     sing N N 434 
VAL CA    HA     sing N N 435 
VAL C     O      doub N N 436 
VAL C     OXT    sing N N 437 
VAL CB    CG1    sing N N 438 
VAL CB    CG2    sing N N 439 
VAL CB    HB     sing N N 440 
VAL CG1   HG11   sing N N 441 
VAL CG1   HG12   sing N N 442 
VAL CG1   HG13   sing N N 443 
VAL CG2   HG21   sing N N 444 
VAL CG2   HG22   sing N N 445 
VAL CG2   HG23   sing N N 446 
VAL OXT   HXT    sing N N 447 
# 
_ndb_struct_conf_na.entry_id   3S4G 
_ndb_struct_conf_na.feature    'double helix' 
# 
loop_
_ndb_struct_na_base_pair.model_number 
_ndb_struct_na_base_pair.i_label_asym_id 
_ndb_struct_na_base_pair.i_label_comp_id 
_ndb_struct_na_base_pair.i_label_seq_id 
_ndb_struct_na_base_pair.i_symmetry 
_ndb_struct_na_base_pair.j_label_asym_id 
_ndb_struct_na_base_pair.j_label_comp_id 
_ndb_struct_na_base_pair.j_label_seq_id 
_ndb_struct_na_base_pair.j_symmetry 
_ndb_struct_na_base_pair.shear 
_ndb_struct_na_base_pair.stretch 
_ndb_struct_na_base_pair.stagger 
_ndb_struct_na_base_pair.buckle 
_ndb_struct_na_base_pair.propeller 
_ndb_struct_na_base_pair.opening 
_ndb_struct_na_base_pair.pair_number 
_ndb_struct_na_base_pair.pair_name 
_ndb_struct_na_base_pair.i_auth_asym_id 
_ndb_struct_na_base_pair.i_auth_seq_id 
_ndb_struct_na_base_pair.i_PDB_ins_code 
_ndb_struct_na_base_pair.j_auth_asym_id 
_ndb_struct_na_base_pair.j_auth_seq_id 
_ndb_struct_na_base_pair.j_PDB_ins_code 
_ndb_struct_na_base_pair.hbond_type_28 
_ndb_struct_na_base_pair.hbond_type_12 
1 B A 1 1_555 C U 3 1_555 -1.055 -0.489 -0.248 17.433 4.329   3.955  1 B_A196:U201_C B 196 ? C 201 ? 20 1 
1 B A 3 1_555 C U 1 1_555 -0.205 -0.180 0.038  7.962  -10.981 -1.237 2 B_A198:U199_C B 198 ? C 199 ? 20 1 
# 
_atom_sites.entry_id                    3S4G 
_atom_sites.fract_transf_matrix[1][1]   -0.00222626 
_atom_sites.fract_transf_matrix[1][2]   0.00165050 
_atom_sites.fract_transf_matrix[1][3]   0.00160007 
_atom_sites.fract_transf_matrix[2][1]   -0.00083750 
_atom_sites.fract_transf_matrix[2][2]   0.00157395 
_atom_sites.fract_transf_matrix[2][3]   -0.00278880 
_atom_sites.fract_transf_matrix[3][1]   -0.00391909 
_atom_sites.fract_transf_matrix[3][2]   -0.00369840 
_atom_sites.fract_transf_matrix[3][3]   -0.00091038 
_atom_sites.fract_transf_vector[1]      0.489027 
_atom_sites.fract_transf_vector[2]      -0.008344 
_atom_sites.fract_transf_vector[3]      0.295980 
# 
loop_
_atom_type.symbol 
C 
N 
O 
P 
S 
# 
loop_
_atom_site.group_PDB 
_atom_site.id 
_atom_site.type_symbol 
_atom_site.label_atom_id 
_atom_site.label_alt_id 
_atom_site.label_comp_id 
_atom_site.label_asym_id 
_atom_site.label_entity_id 
_atom_site.label_seq_id 
_atom_site.pdbx_PDB_ins_code 
_atom_site.Cartn_x 
_atom_site.Cartn_y 
_atom_site.Cartn_z 
_atom_site.occupancy 
_atom_site.B_iso_or_equiv 
_atom_site.pdbx_formal_charge 
_atom_site.auth_seq_id 
_atom_site.auth_comp_id 
_atom_site.auth_asym_id 
_atom_site.auth_atom_id 
_atom_site.pdbx_PDB_model_num 
ATOM 1    N N     . THR A 1 13  ? 16.705  -23.406 -21.687 1.00 54.32  ? 12  THR A N     1 
ATOM 2    C CA    . THR A 1 13  ? 15.725  -22.467 -22.304 1.00 54.18  ? 12  THR A CA    1 
ATOM 3    C C     . THR A 1 13  ? 14.911  -21.756 -21.224 1.00 54.32  ? 12  THR A C     1 
ATOM 4    O O     . THR A 1 13  ? 13.757  -21.380 -21.442 1.00 54.78  ? 12  THR A O     1 
ATOM 5    C CB    . THR A 1 13  ? 14.761  -23.219 -23.254 1.00 54.02  ? 12  THR A CB    1 
ATOM 6    O OG1   . THR A 1 13  ? 13.870  -22.285 -23.877 1.00 53.97  ? 12  THR A OG1   1 
ATOM 7    C CG2   . THR A 1 13  ? 13.954  -24.254 -22.484 1.00 53.83  ? 12  THR A CG2   1 
ATOM 8    N N     . MET A 1 14  ? 15.523  -21.571 -20.058 1.00 54.10  ? 13  MET A N     1 
ATOM 9    C CA    . MET A 1 14  ? 14.863  -20.904 -18.941 1.00 53.93  ? 13  MET A CA    1 
ATOM 10   C C     . MET A 1 14  ? 14.472  -19.471 -19.280 1.00 53.24  ? 13  MET A C     1 
ATOM 11   O O     . MET A 1 14  ? 14.870  -18.937 -20.317 1.00 53.50  ? 13  MET A O     1 
ATOM 12   C CB    . MET A 1 14  ? 15.772  -20.905 -17.709 1.00 55.03  ? 13  MET A CB    1 
ATOM 13   C CG    . MET A 1 14  ? 15.833  -22.239 -16.990 1.00 56.34  ? 13  MET A CG    1 
ATOM 14   S SD    . MET A 1 14  ? 14.215  -22.729 -16.356 1.00 57.92  ? 13  MET A SD    1 
ATOM 15   C CE    . MET A 1 14  ? 14.155  -21.785 -14.826 1.00 57.59  ? 13  MET A CE    1 
ATOM 16   N N     . ARG A 1 15  ? 13.692  -18.857 -18.394 1.00 51.95  ? 14  ARG A N     1 
ATOM 17   C CA    . ARG A 1 15  ? 13.229  -17.487 -18.577 1.00 50.74  ? 14  ARG A CA    1 
ATOM 18   C C     . ARG A 1 15  ? 12.229  -17.410 -19.727 1.00 49.74  ? 14  ARG A C     1 
ATOM 19   O O     . ARG A 1 15  ? 11.354  -16.544 -19.746 1.00 49.93  ? 14  ARG A O     1 
ATOM 20   C CB    . ARG A 1 15  ? 14.423  -16.558 -18.827 1.00 51.10  ? 14  ARG A CB    1 
ATOM 21   C CG    . ARG A 1 15  ? 15.349  -16.367 -17.636 1.00 51.51  ? 14  ARG A CG    1 
ATOM 22   C CD    . ARG A 1 15  ? 16.582  -15.572 -18.045 1.00 52.42  ? 14  ARG A CD    1 
ATOM 23   N NE    . ARG A 1 15  ? 17.402  -16.275 -19.028 1.00 52.98  ? 14  ARG A NE    1 
ATOM 24   C CZ    . ARG A 1 15  ? 18.529  -15.791 -19.542 1.00 53.34  ? 14  ARG A CZ    1 
ATOM 25   N NH1   . ARG A 1 15  ? 18.973  -14.597 -19.166 1.00 53.11  ? 14  ARG A NH1   1 
ATOM 26   N NH2   . ARG A 1 15  ? 19.213  -16.496 -20.434 1.00 53.31  ? 14  ARG A NH2   1 
ATOM 27   N N     . ALA A 1 16  ? 12.359  -18.324 -20.682 1.00 48.32  ? 15  ALA A N     1 
ATOM 28   C CA    . ALA A 1 16  ? 11.450  -18.377 -21.819 1.00 47.26  ? 15  ALA A CA    1 
ATOM 29   C C     . ALA A 1 16  ? 10.194  -19.100 -21.348 1.00 46.44  ? 15  ALA A C     1 
ATOM 30   O O     . ALA A 1 16  ? 9.097   -18.867 -21.855 1.00 46.32  ? 15  ALA A O     1 
ATOM 31   C CB    . ALA A 1 16  ? 12.092  -19.133 -22.976 1.00 46.95  ? 15  ALA A CB    1 
ATOM 32   N N     . VAL A 1 17  ? 10.373  -19.982 -20.369 1.00 45.60  ? 16  VAL A N     1 
ATOM 33   C CA    . VAL A 1 17  ? 9.271   -20.742 -19.792 1.00 44.77  ? 16  VAL A CA    1 
ATOM 34   C C     . VAL A 1 17  ? 8.415   -19.798 -18.954 1.00 44.45  ? 16  VAL A C     1 
ATOM 35   O O     . VAL A 1 17  ? 7.189   -19.903 -18.935 1.00 43.98  ? 16  VAL A O     1 
ATOM 36   C CB    . VAL A 1 17  ? 9.794   -21.893 -18.900 1.00 44.68  ? 16  VAL A CB    1 
ATOM 37   C CG1   . VAL A 1 17  ? 10.757  -21.349 -17.858 1.00 44.73  ? 16  VAL A CG1   1 
ATOM 38   C CG2   . VAL A 1 17  ? 8.628   -22.599 -18.226 1.00 44.33  ? 16  VAL A CG2   1 
ATOM 39   N N     . LYS A 1 18  ? 9.077   -18.878 -18.259 1.00 43.95  ? 17  LYS A N     1 
ATOM 40   C CA    . LYS A 1 18  ? 8.397   -17.893 -17.429 1.00 43.64  ? 17  LYS A CA    1 
ATOM 41   C C     . LYS A 1 18  ? 7.428   -17.112 -18.310 1.00 43.33  ? 17  LYS A C     1 
ATOM 42   O O     . LYS A 1 18  ? 6.288   -16.848 -17.927 1.00 43.23  ? 17  LYS A O     1 
ATOM 43   C CB    . LYS A 1 18  ? 9.425   -16.938 -16.811 1.00 43.62  ? 17  LYS A CB    1 
ATOM 44   C CG    . LYS A 1 18  ? 8.855   -15.897 -15.859 1.00 43.79  ? 17  LYS A CG    1 
ATOM 45   C CD    . LYS A 1 18  ? 9.932   -15.017 -15.246 1.00 44.19  ? 17  LYS A CD    1 
ATOM 46   C CE    . LYS A 1 18  ? 9.313   -13.976 -14.321 1.00 44.53  ? 17  LYS A CE    1 
ATOM 47   N NZ    . LYS A 1 18  ? 10.332  -13.088 -13.696 1.00 45.23  ? 17  LYS A NZ    1 
ATOM 48   N N     . ARG A 1 19  ? 7.899   -16.760 -19.502 1.00 43.34  ? 18  ARG A N     1 
ATOM 49   C CA    . ARG A 1 19  ? 7.109   -16.011 -20.472 1.00 43.30  ? 18  ARG A CA    1 
ATOM 50   C C     . ARG A 1 19  ? 5.889   -16.817 -20.910 1.00 42.72  ? 18  ARG A C     1 
ATOM 51   O O     . ARG A 1 19  ? 4.764   -16.318 -20.890 1.00 42.64  ? 18  ARG A O     1 
ATOM 52   C CB    . ARG A 1 19  ? 7.972   -15.687 -21.693 1.00 44.49  ? 18  ARG A CB    1 
ATOM 53   C CG    . ARG A 1 19  ? 9.117   -14.715 -21.440 1.00 46.37  ? 18  ARG A CG    1 
ATOM 54   C CD    . ARG A 1 19  ? 9.947   -14.492 -22.695 1.00 48.23  ? 18  ARG A CD    1 
ATOM 55   N NE    . ARG A 1 19  ? 11.035  -13.541 -22.470 1.00 49.88  ? 18  ARG A NE    1 
ATOM 56   C CZ    . ARG A 1 19  ? 12.211  -13.862 -21.940 1.00 50.37  ? 18  ARG A CZ    1 
ATOM 57   N NH1   . ARG A 1 19  ? 12.459  -15.114 -21.577 1.00 50.72  ? 18  ARG A NH1   1 
ATOM 58   N NH2   . ARG A 1 19  ? 13.141  -12.931 -21.772 1.00 51.02  ? 18  ARG A NH2   1 
ATOM 59   N N     . MET A 1 20  ? 6.123   -18.065 -21.305 1.00 41.69  ? 19  MET A N     1 
ATOM 60   C CA    . MET A 1 20  ? 5.053   -18.943 -21.766 1.00 40.63  ? 19  MET A CA    1 
ATOM 61   C C     . MET A 1 20  ? 4.029   -19.262 -20.682 1.00 38.99  ? 19  MET A C     1 
ATOM 62   O O     . MET A 1 20  ? 2.826   -19.281 -20.944 1.00 38.12  ? 19  MET A O     1 
ATOM 63   C CB    . MET A 1 20  ? 5.639   -20.248 -22.312 1.00 42.52  ? 19  MET A CB    1 
ATOM 64   C CG    . MET A 1 20  ? 4.593   -21.213 -22.846 1.00 44.80  ? 19  MET A CG    1 
ATOM 65   S SD    . MET A 1 20  ? 5.316   -22.681 -23.597 1.00 48.61  ? 19  MET A SD    1 
ATOM 66   C CE    . MET A 1 20  ? 5.605   -22.091 -25.271 1.00 47.64  ? 19  MET A CE    1 
ATOM 67   N N     . ILE A 1 21  ? 4.505   -19.525 -19.471 1.00 37.08  ? 20  ILE A N     1 
ATOM 68   C CA    . ILE A 1 21  ? 3.610   -19.838 -18.365 1.00 35.87  ? 20  ILE A CA    1 
ATOM 69   C C     . ILE A 1 21  ? 2.600   -18.715 -18.151 1.00 35.07  ? 20  ILE A C     1 
ATOM 70   O O     . ILE A 1 21  ? 1.395   -18.958 -18.059 1.00 34.39  ? 20  ILE A O     1 
ATOM 71   C CB    . ILE A 1 21  ? 4.391   -20.054 -17.052 1.00 36.11  ? 20  ILE A CB    1 
ATOM 72   C CG1   . ILE A 1 21  ? 5.252   -21.315 -17.158 1.00 36.07  ? 20  ILE A CG1   1 
ATOM 73   C CG2   . ILE A 1 21  ? 3.420   -20.162 -15.881 1.00 35.71  ? 20  ILE A CG2   1 
ATOM 74   C CD1   . ILE A 1 21  ? 6.093   -21.593 -15.926 1.00 36.58  ? 20  ILE A CD1   1 
ATOM 75   N N     . ASN A 1 22  ? 3.097   -17.486 -18.077 1.00 34.40  ? 21  ASN A N     1 
ATOM 76   C CA    . ASN A 1 22  ? 2.240   -16.329 -17.857 1.00 33.93  ? 21  ASN A CA    1 
ATOM 77   C C     . ASN A 1 22  ? 1.246   -16.052 -18.979 1.00 32.09  ? 21  ASN A C     1 
ATOM 78   O O     . ASN A 1 22  ? 0.216   -15.423 -18.745 1.00 31.86  ? 21  ASN A O     1 
ATOM 79   C CB    . ASN A 1 22  ? 3.094   -15.088 -17.597 1.00 35.98  ? 21  ASN A CB    1 
ATOM 80   C CG    . ASN A 1 22  ? 3.776   -15.128 -16.244 1.00 38.31  ? 21  ASN A CG    1 
ATOM 81   O OD1   . ASN A 1 22  ? 3.117   -15.215 -15.207 1.00 38.49  ? 21  ASN A OD1   1 
ATOM 82   N ND2   . ASN A 1 22  ? 5.103   -15.068 -16.246 1.00 39.72  ? 21  ASN A ND2   1 
ATOM 83   N N     . THR A 1 23  ? 1.542   -16.512 -20.188 1.00 30.56  ? 22  THR A N     1 
ATOM 84   C CA    . THR A 1 23  ? 0.630   -16.289 -21.308 1.00 29.14  ? 22  THR A CA    1 
ATOM 85   C C     . THR A 1 23  ? -0.619  -17.162 -21.162 1.00 27.74  ? 22  THR A C     1 
ATOM 86   O O     . THR A 1 23  ? -1.633  -16.926 -21.818 1.00 27.68  ? 22  THR A O     1 
ATOM 87   C CB    . THR A 1 23  ? 1.299   -16.603 -22.667 1.00 30.24  ? 22  THR A CB    1 
ATOM 88   O OG1   . THR A 1 23  ? 1.628   -17.995 -22.735 1.00 31.37  ? 22  THR A OG1   1 
ATOM 89   C CG2   . THR A 1 23  ? 2.564   -15.776 -22.836 1.00 30.30  ? 22  THR A CG2   1 
ATOM 90   N N     . HIS A 1 24  ? -0.534  -18.168 -20.297 1.00 24.96  ? 23  HIS A N     1 
ATOM 91   C CA    . HIS A 1 24  ? -1.655  -19.074 -20.055 1.00 22.82  ? 23  HIS A CA    1 
ATOM 92   C C     . HIS A 1 24  ? -2.455  -18.679 -18.819 1.00 19.70  ? 23  HIS A C     1 
ATOM 93   O O     . HIS A 1 24  ? -3.499  -19.266 -18.538 1.00 18.52  ? 23  HIS A O     1 
ATOM 94   C CB    . HIS A 1 24  ? -1.147  -20.507 -19.877 1.00 24.98  ? 23  HIS A CB    1 
ATOM 95   C CG    . HIS A 1 24  ? -0.617  -21.122 -21.132 1.00 27.79  ? 23  HIS A CG    1 
ATOM 96   N ND1   . HIS A 1 24  ? -1.421  -21.416 -22.212 1.00 30.09  ? 23  HIS A ND1   1 
ATOM 97   C CD2   . HIS A 1 24  ? 0.636   -21.499 -21.483 1.00 29.34  ? 23  HIS A CD2   1 
ATOM 98   C CE1   . HIS A 1 24  ? -0.686  -21.948 -23.172 1.00 30.48  ? 23  HIS A CE1   1 
ATOM 99   N NE2   . HIS A 1 24  ? 0.565   -22.009 -22.755 1.00 30.45  ? 23  HIS A NE2   1 
ATOM 100  N N     . LEU A 1 25  ? -1.965  -17.688 -18.084 1.00 17.13  ? 24  LEU A N     1 
ATOM 101  C CA    . LEU A 1 25  ? -2.638  -17.243 -16.868 1.00 14.79  ? 24  LEU A CA    1 
ATOM 102  C C     . LEU A 1 25  ? -3.319  -15.895 -17.050 1.00 13.95  ? 24  LEU A C     1 
ATOM 103  O O     . LEU A 1 25  ? -2.729  -14.961 -17.594 1.00 15.06  ? 24  LEU A O     1 
ATOM 104  C CB    . LEU A 1 25  ? -1.633  -17.131 -15.719 1.00 15.79  ? 24  LEU A CB    1 
ATOM 105  C CG    . LEU A 1 25  ? -0.700  -18.316 -15.463 1.00 16.43  ? 24  LEU A CG    1 
ATOM 106  C CD1   . LEU A 1 25  ? 0.149   -18.022 -14.229 1.00 16.78  ? 24  LEU A CD1   1 
ATOM 107  C CD2   . LEU A 1 25  ? -1.504  -19.588 -15.268 1.00 14.97  ? 24  LEU A CD2   1 
ATOM 108  N N     . GLU A 1 26  ? -4.563  -15.793 -16.596 1.00 11.10  ? 25  GLU A N     1 
ATOM 109  C CA    . GLU A 1 26  ? -5.271  -14.530 -16.714 1.00 10.21  ? 25  GLU A CA    1 
ATOM 110  C C     . GLU A 1 26  ? -4.654  -13.513 -15.768 1.00 10.77  ? 25  GLU A C     1 
ATOM 111  O O     . GLU A 1 26  ? -4.411  -13.807 -14.595 1.00 11.87  ? 25  GLU A O     1 
ATOM 112  C CB    . GLU A 1 26  ? -6.754  -14.682 -16.362 1.00 10.28  ? 25  GLU A CB    1 
ATOM 113  C CG    . GLU A 1 26  ? -7.511  -13.354 -16.433 1.00 10.76  ? 25  GLU A CG    1 
ATOM 114  C CD    . GLU A 1 26  ? -9.007  -13.484 -16.212 1.00 11.49  ? 25  GLU A CD    1 
ATOM 115  O OE1   . GLU A 1 26  ? -9.549  -14.596 -16.388 1.00 8.27   ? 25  GLU A OE1   1 
ATOM 116  O OE2   . GLU A 1 26  ? -9.648  -12.462 -15.881 1.00 9.96   ? 25  GLU A OE2   1 
ATOM 117  N N     . HIS A 1 27  ? -4.377  -12.324 -16.286 1.00 10.22  ? 26  HIS A N     1 
ATOM 118  C CA    . HIS A 1 27  ? -3.836  -11.276 -15.446 1.00 10.35  ? 26  HIS A CA    1 
ATOM 119  C C     . HIS A 1 27  ? -5.016  -10.438 -15.000 1.00 9.68   ? 26  HIS A C     1 
ATOM 120  O O     . HIS A 1 27  ? -5.458  -9.519  -15.700 1.00 11.70  ? 26  HIS A O     1 
ATOM 121  C CB    . HIS A 1 27  ? -2.808  -10.438 -16.205 1.00 11.40  ? 26  HIS A CB    1 
ATOM 122  C CG    . HIS A 1 27  ? -1.531  -11.173 -16.468 1.00 13.78  ? 26  HIS A CG    1 
ATOM 123  N ND1   . HIS A 1 27  ? -0.290  -10.582 -16.359 1.00 16.95  ? 26  HIS A ND1   1 
ATOM 124  C CD2   . HIS A 1 27  ? -1.304  -12.467 -16.798 1.00 14.82  ? 26  HIS A CD2   1 
ATOM 125  C CE1   . HIS A 1 27  ? 0.644   -11.481 -16.605 1.00 16.09  ? 26  HIS A CE1   1 
ATOM 126  N NE2   . HIS A 1 27  ? 0.057   -12.633 -16.874 1.00 17.42  ? 26  HIS A NE2   1 
ATOM 127  N N     . LYS A 1 28  ? -5.556  -10.808 -13.846 1.00 9.53   ? 27  LYS A N     1 
ATOM 128  C CA    . LYS A 1 28  ? -6.685  -10.105 -13.267 1.00 10.06  ? 27  LYS A CA    1 
ATOM 129  C C     . LYS A 1 28  ? -6.206  -8.726  -12.820 1.00 10.69  ? 27  LYS A C     1 
ATOM 130  O O     . LYS A 1 28  ? -5.004  -8.489  -12.698 1.00 10.59  ? 27  LYS A O     1 
ATOM 131  C CB    . LYS A 1 28  ? -7.250  -10.920 -12.100 1.00 10.74  ? 27  LYS A CB    1 
ATOM 132  C CG    . LYS A 1 28  ? -7.901  -12.232 -12.559 1.00 11.62  ? 27  LYS A CG    1 
ATOM 133  C CD    . LYS A 1 28  ? -8.521  -13.015 -11.407 1.00 10.39  ? 27  LYS A CD    1 
ATOM 134  C CE    . LYS A 1 28  ? -9.210  -14.280 -11.920 1.00 11.97  ? 27  LYS A CE    1 
ATOM 135  N NZ    . LYS A 1 28  ? -9.836  -15.063 -10.815 1.00 11.91  ? 27  LYS A NZ    1 
ATOM 136  N N     . ARG A 1 29  ? -7.143  -7.812  -12.593 1.00 12.03  ? 28  ARG A N     1 
ATOM 137  C CA    . ARG A 1 29  ? -6.782  -6.453  -12.198 1.00 11.79  ? 28  ARG A CA    1 
ATOM 138  C C     . ARG A 1 29  ? -7.764  -5.870  -11.201 1.00 11.31  ? 28  ARG A C     1 
ATOM 139  O O     . ARG A 1 29  ? -8.976  -6.035  -11.333 1.00 11.72  ? 28  ARG A O     1 
ATOM 140  C CB    . ARG A 1 29  ? -6.718  -5.537  -13.425 1.00 15.30  ? 28  ARG A CB    1 
ATOM 141  C CG    . ARG A 1 29  ? -5.720  -5.957  -14.485 1.00 17.61  ? 28  ARG A CG    1 
ATOM 142  C CD    . ARG A 1 29  ? -5.791  -5.039  -15.701 1.00 20.18  ? 28  ARG A CD    1 
ATOM 143  N NE    . ARG A 1 29  ? -5.229  -3.712  -15.463 1.00 19.50  ? 28  ARG A NE    1 
ATOM 144  C CZ    . ARG A 1 29  ? -4.123  -3.258  -16.048 1.00 19.24  ? 28  ARG A CZ    1 
ATOM 145  N NH1   . ARG A 1 29  ? -3.463  -4.029  -16.899 1.00 19.11  ? 28  ARG A NH1   1 
ATOM 146  N NH2   . ARG A 1 29  ? -3.688  -2.031  -15.800 1.00 19.08  ? 28  ARG A NH2   1 
ATOM 147  N N     . PHE A 1 30  ? -7.221  -5.162  -10.217 1.00 10.63  ? 29  PHE A N     1 
ATOM 148  C CA    . PHE A 1 30  ? -8.007  -4.540  -9.163  1.00 11.39  ? 29  PHE A CA    1 
ATOM 149  C C     . PHE A 1 30  ? -7.612  -3.075  -9.035  1.00 11.34  ? 29  PHE A C     1 
ATOM 150  O O     . PHE A 1 30  ? -6.426  -2.749  -8.976  1.00 11.76  ? 29  PHE A O     1 
ATOM 151  C CB    . PHE A 1 30  ? -7.746  -5.273  -7.842  1.00 10.94  ? 29  PHE A CB    1 
ATOM 152  C CG    . PHE A 1 30  ? -8.270  -4.559  -6.630  1.00 11.17  ? 29  PHE A CG    1 
ATOM 153  C CD1   . PHE A 1 30  ? -9.629  -4.565  -6.329  1.00 12.10  ? 29  PHE A CD1   1 
ATOM 154  C CD2   . PHE A 1 30  ? -7.397  -3.884  -5.784  1.00 11.51  ? 29  PHE A CD2   1 
ATOM 155  C CE1   . PHE A 1 30  ? -10.113 -3.905  -5.197  1.00 12.69  ? 29  PHE A CE1   1 
ATOM 156  C CE2   . PHE A 1 30  ? -7.870  -3.221  -4.654  1.00 11.16  ? 29  PHE A CE2   1 
ATOM 157  C CZ    . PHE A 1 30  ? -9.227  -3.234  -4.358  1.00 12.20  ? 29  PHE A CZ    1 
ATOM 158  N N     . ALA A 1 31  ? -8.613  -2.195  -9.008  1.00 10.74  ? 30  ALA A N     1 
ATOM 159  C CA    . ALA A 1 31  ? -8.384  -0.761  -8.884  1.00 12.15  ? 30  ALA A CA    1 
ATOM 160  C C     . ALA A 1 31  ? -9.075  -0.237  -7.633  1.00 12.58  ? 30  ALA A C     1 
ATOM 161  O O     . ALA A 1 31  ? -10.154 -0.707  -7.257  1.00 11.85  ? 30  ALA A O     1 
ATOM 162  C CB    . ALA A 1 31  ? -8.907  -0.037  -10.118 1.00 12.63  ? 30  ALA A CB    1 
ATOM 163  N N     . LEU A 1 32  ? -8.450  0.756   -7.010  1.00 11.98  ? 31  LEU A N     1 
ATOM 164  C CA    . LEU A 1 32  ? -8.942  1.353   -5.780  1.00 13.39  ? 31  LEU A CA    1 
ATOM 165  C C     . LEU A 1 32  ? -8.667  2.854   -5.789  1.00 12.12  ? 31  LEU A C     1 
ATOM 166  O O     . LEU A 1 32  ? -7.723  3.312   -6.429  1.00 12.04  ? 31  LEU A O     1 
ATOM 167  C CB    . LEU A 1 32  ? -8.210  0.683   -4.607  1.00 15.47  ? 31  LEU A CB    1 
ATOM 168  C CG    . LEU A 1 32  ? -8.196  1.171   -3.157  1.00 17.72  ? 31  LEU A CG    1 
ATOM 169  C CD1   . LEU A 1 32  ? -7.503  0.115   -2.308  1.00 16.08  ? 31  LEU A CD1   1 
ATOM 170  C CD2   . LEU A 1 32  ? -7.461  2.499   -3.031  1.00 16.24  ? 31  LEU A CD2   1 
ATOM 171  N N     . ILE A 1 33  ? -9.504  3.616   -5.090  1.00 12.97  ? 32  ILE A N     1 
ATOM 172  C CA    . ILE A 1 33  ? -9.312  5.057   -4.977  1.00 13.62  ? 32  ILE A CA    1 
ATOM 173  C C     . ILE A 1 33  ? -9.730  5.463   -3.561  1.00 13.48  ? 32  ILE A C     1 
ATOM 174  O O     . ILE A 1 33  ? -10.698 4.936   -3.011  1.00 14.04  ? 32  ILE A O     1 
ATOM 175  C CB    . ILE A 1 33  ? -10.123 5.832   -6.047  1.00 13.69  ? 32  ILE A CB    1 
ATOM 176  C CG1   . ILE A 1 33  ? -9.659  7.290   -6.093  1.00 14.84  ? 32  ILE A CG1   1 
ATOM 177  C CG2   . ILE A 1 33  ? -11.608 5.744   -5.757  1.00 15.18  ? 32  ILE A CG2   1 
ATOM 178  C CD1   . ILE A 1 33  ? -10.187 8.060   -7.294  1.00 15.41  ? 32  ILE A CD1   1 
ATOM 179  N N     . ASN A 1 34  ? -8.974  6.381   -2.964  1.00 14.02  ? 33  ASN A N     1 
ATOM 180  C CA    . ASN A 1 34  ? -9.230  6.844   -1.601  1.00 15.10  ? 33  ASN A CA    1 
ATOM 181  C C     . ASN A 1 34  ? -8.933  8.345   -1.562  1.00 16.43  ? 33  ASN A C     1 
ATOM 182  O O     . ASN A 1 34  ? -7.799  8.752   -1.303  1.00 16.17  ? 33  ASN A O     1 
ATOM 183  C CB    . ASN A 1 34  ? -8.308  6.087   -0.637  1.00 16.01  ? 33  ASN A CB    1 
ATOM 184  C CG    . ASN A 1 34  ? -8.640  6.337   0.823   1.00 19.10  ? 33  ASN A CG    1 
ATOM 185  O OD1   . ASN A 1 34  ? -7.943  5.851   1.715   1.00 24.20  ? 33  ASN A OD1   1 
ATOM 186  N ND2   . ASN A 1 34  ? -9.702  7.088   1.075   1.00 18.27  ? 33  ASN A ND2   1 
ATOM 187  N N     . SER A 1 35  ? -9.959  9.156   -1.810  1.00 16.82  ? 34  SER A N     1 
ATOM 188  C CA    . SER A 1 35  ? -9.811  10.612  -1.865  1.00 17.78  ? 34  SER A CA    1 
ATOM 189  C C     . SER A 1 35  ? -10.308 11.401  -0.658  1.00 16.93  ? 34  SER A C     1 
ATOM 190  O O     . SER A 1 35  ? -11.157 10.940  0.104   1.00 17.64  ? 34  SER A O     1 
ATOM 191  C CB    . SER A 1 35  ? -10.537 11.154  -3.101  1.00 19.82  ? 34  SER A CB    1 
ATOM 192  O OG    . SER A 1 35  ? -10.238 10.402  -4.266  1.00 22.76  ? 34  SER A OG    1 
ATOM 193  N N     . GLY A 1 36  ? -9.762  12.609  -0.514  1.00 16.08  ? 35  GLY A N     1 
ATOM 194  C CA    . GLY A 1 36  ? -10.164 13.525  0.542   1.00 14.93  ? 35  GLY A CA    1 
ATOM 195  C C     . GLY A 1 36  ? -9.926  13.170  1.993   1.00 14.31  ? 35  GLY A C     1 
ATOM 196  O O     . GLY A 1 36  ? -10.796 13.411  2.830   1.00 16.26  ? 35  GLY A O     1 
ATOM 197  N N     . ASN A 1 37  ? -8.759  12.615  2.303   1.00 12.52  ? 36  ASN A N     1 
ATOM 198  C CA    . ASN A 1 37  ? -8.438  12.252  3.678   1.00 11.85  ? 36  ASN A CA    1 
ATOM 199  C C     . ASN A 1 37  ? -7.616  13.345  4.343   1.00 11.80  ? 36  ASN A C     1 
ATOM 200  O O     . ASN A 1 37  ? -6.827  14.025  3.687   1.00 11.49  ? 36  ASN A O     1 
ATOM 201  C CB    . ASN A 1 37  ? -7.635  10.951  3.726   1.00 13.83  ? 36  ASN A CB    1 
ATOM 202  C CG    . ASN A 1 37  ? -8.331  9.808   3.024   1.00 16.70  ? 36  ASN A CG    1 
ATOM 203  O OD1   . ASN A 1 37  ? -8.134  9.583   1.829   1.00 18.06  ? 36  ASN A OD1   1 
ATOM 204  N ND2   . ASN A 1 37  ? -9.156  9.081   3.764   1.00 18.08  ? 36  ASN A ND2   1 
ATOM 205  N N     . THR A 1 38  ? -7.794  13.509  5.645   1.00 11.60  ? 37  THR A N     1 
ATOM 206  C CA    . THR A 1 38  ? -7.037  14.515  6.372   1.00 11.86  ? 37  THR A CA    1 
ATOM 207  C C     . THR A 1 38  ? -5.642  14.011  6.737   1.00 11.48  ? 37  THR A C     1 
ATOM 208  O O     . THR A 1 38  ? -5.434  12.819  6.999   1.00 10.64  ? 37  THR A O     1 
ATOM 209  C CB    . THR A 1 38  ? -7.757  14.937  7.673   1.00 13.27  ? 37  THR A CB    1 
ATOM 210  O OG1   . THR A 1 38  ? -8.091  13.775  8.438   1.00 13.44  ? 37  THR A OG1   1 
ATOM 211  C CG2   . THR A 1 38  ? -9.021  15.723  7.354   1.00 14.85  ? 37  THR A CG2   1 
ATOM 212  N N     . ASN A 1 39  ? -4.688  14.934  6.737   1.00 9.66   ? 38  ASN A N     1 
ATOM 213  C CA    . ASN A 1 39  ? -3.310  14.635  7.105   1.00 10.09  ? 38  ASN A CA    1 
ATOM 214  C C     . ASN A 1 39  ? -3.393  14.183  8.567   1.00 10.61  ? 38  ASN A C     1 
ATOM 215  O O     . ASN A 1 39  ? -4.225  14.684  9.324   1.00 11.37  ? 38  ASN A O     1 
ATOM 216  C CB    . ASN A 1 39  ? -2.475  15.912  6.979   1.00 10.19  ? 38  ASN A CB    1 
ATOM 217  C CG    . ASN A 1 39  ? -0.985  15.640  6.875   1.00 11.31  ? 38  ASN A CG    1 
ATOM 218  O OD1   . ASN A 1 39  ? -0.526  14.515  7.067   1.00 10.79  ? 38  ASN A OD1   1 
ATOM 219  N ND2   . ASN A 1 39  ? -0.220  16.684  6.575   1.00 9.88   ? 38  ASN A ND2   1 
ATOM 220  N N     . ALA A 1 40  ? -2.552  13.236  8.963   1.00 10.25  ? 39  ALA A N     1 
ATOM 221  C CA    . ALA A 1 40  ? -2.590  12.730  10.334  1.00 9.82   ? 39  ALA A CA    1 
ATOM 222  C C     . ALA A 1 40  ? -1.234  12.813  11.016  1.00 10.83  ? 39  ALA A C     1 
ATOM 223  O O     . ALA A 1 40  ? -0.259  12.240  10.539  1.00 12.17  ? 39  ALA A O     1 
ATOM 224  C CB    . ALA A 1 40  ? -3.084  11.284  10.336  1.00 10.67  ? 39  ALA A CB    1 
ATOM 225  N N     . THR A 1 41  ? -1.177  13.516  12.145  1.00 10.59  ? 40  THR A N     1 
ATOM 226  C CA    . THR A 1 41  ? 0.075   13.662  12.874  1.00 11.74  ? 40  THR A CA    1 
ATOM 227  C C     . THR A 1 41  ? 0.477   12.384  13.606  1.00 11.03  ? 40  THR A C     1 
ATOM 228  O O     . THR A 1 41  ? 1.662   12.149  13.846  1.00 11.81  ? 40  THR A O     1 
ATOM 229  C CB    . THR A 1 41  ? 0.002   14.825  13.882  1.00 11.47  ? 40  THR A CB    1 
ATOM 230  O OG1   . THR A 1 41  ? -1.123  14.639  14.747  1.00 12.78  ? 40  THR A OG1   1 
ATOM 231  C CG2   . THR A 1 41  ? -0.147  16.155  13.149  1.00 14.06  ? 40  THR A CG2   1 
ATOM 232  N N     . ALA A 1 42  ? -0.509  11.563  13.962  1.00 10.31  ? 41  ALA A N     1 
ATOM 233  C CA    . ALA A 1 42  ? -0.246  10.300  14.643  1.00 11.01  ? 41  ALA A CA    1 
ATOM 234  C C     . ALA A 1 42  ? -0.178  9.189   13.598  1.00 10.80  ? 41  ALA A C     1 
ATOM 235  O O     . ALA A 1 42  ? 0.185   8.050   13.905  1.00 11.34  ? 41  ALA A O     1 
ATOM 236  C CB    . ALA A 1 42  ? -1.349  10.007  15.648  1.00 13.19  ? 41  ALA A CB    1 
ATOM 237  N N     . GLY A 1 43  ? -0.548  9.540   12.366  1.00 10.30  ? 42  GLY A N     1 
ATOM 238  C CA    . GLY A 1 43  ? -0.521  8.599   11.261  1.00 11.11  ? 42  GLY A CA    1 
ATOM 239  C C     . GLY A 1 43  ? -1.679  7.620   11.184  1.00 10.18  ? 42  GLY A C     1 
ATOM 240  O O     . GLY A 1 43  ? -2.423  7.426   12.147  1.00 11.35  ? 42  GLY A O     1 
ATOM 241  N N     . THR A 1 44  ? -1.836  7.018   10.010  1.00 10.71  ? 43  THR A N     1 
ATOM 242  C CA    . THR A 1 44  ? -2.867  6.012   9.776   1.00 11.45  ? 43  THR A CA    1 
ATOM 243  C C     . THR A 1 44  ? -2.284  4.999   8.807   1.00 11.74  ? 43  THR A C     1 
ATOM 244  O O     . THR A 1 44  ? -1.296  5.279   8.126   1.00 11.23  ? 43  THR A O     1 
ATOM 245  C CB    . THR A 1 44  ? -4.153  6.598   9.126   1.00 13.79  ? 43  THR A CB    1 
ATOM 246  O OG1   . THR A 1 44  ? -3.863  7.048   7.797   1.00 13.75  ? 43  THR A OG1   1 
ATOM 247  C CG2   . THR A 1 44  ? -4.700  7.754   9.950   1.00 13.71  ? 43  THR A CG2   1 
ATOM 248  N N     . VAL A 1 45  ? -2.883  3.816   8.760   1.00 10.52  ? 44  VAL A N     1 
ATOM 249  C CA    . VAL A 1 45  ? -2.435  2.778   7.845   1.00 10.48  ? 44  VAL A CA    1 
ATOM 250  C C     . VAL A 1 45  ? -3.637  2.391   6.996   1.00 10.69  ? 44  VAL A C     1 
ATOM 251  O O     . VAL A 1 45  ? -4.699  2.048   7.519   1.00 11.99  ? 44  VAL A O     1 
ATOM 252  C CB    . VAL A 1 45  ? -1.893  1.546   8.598   1.00 10.08  ? 44  VAL A CB    1 
ATOM 253  C CG1   . VAL A 1 45  ? -1.552  0.434   7.609   1.00 11.90  ? 44  VAL A CG1   1 
ATOM 254  C CG2   . VAL A 1 45  ? -0.648  1.939   9.391   1.00 11.64  ? 44  VAL A CG2   1 
ATOM 255  N N     . GLN A 1 46  ? -3.458  2.474   5.684   1.00 9.73   ? 45  GLN A N     1 
ATOM 256  C CA    . GLN A 1 46  ? -4.515  2.165   4.735   1.00 11.52  ? 45  GLN A CA    1 
ATOM 257  C C     . GLN A 1 46  ? -4.298  0.821   4.052   1.00 11.26  ? 45  GLN A C     1 
ATOM 258  O O     . GLN A 1 46  ? -3.169  0.430   3.751   1.00 10.76  ? 45  GLN A O     1 
ATOM 259  C CB    . GLN A 1 46  ? -4.583  3.261   3.668   1.00 13.20  ? 45  GLN A CB    1 
ATOM 260  C CG    . GLN A 1 46  ? -4.669  4.683   4.216   1.00 17.86  ? 45  GLN A CG    1 
ATOM 261  C CD    . GLN A 1 46  ? -5.948  4.945   4.992   1.00 20.85  ? 45  GLN A CD    1 
ATOM 262  O OE1   . GLN A 1 46  ? -7.039  4.564   4.562   1.00 22.51  ? 45  GLN A OE1   1 
ATOM 263  N NE2   . GLN A 1 46  ? -5.823  5.614   6.134   1.00 21.43  ? 45  GLN A NE2   1 
ATOM 264  N N     . ASN A 1 47  ? -5.396  0.118   3.805   1.00 11.45  ? 46  ASN A N     1 
ATOM 265  C CA    . ASN A 1 47  ? -5.347  -1.173  3.131   1.00 11.17  ? 46  ASN A CA    1 
ATOM 266  C C     . ASN A 1 47  ? -5.306  -0.960  1.622   1.00 9.96   ? 46  ASN A C     1 
ATOM 267  O O     . ASN A 1 47  ? -5.963  -0.059  1.094   1.00 12.40  ? 46  ASN A O     1 
ATOM 268  C CB    . ASN A 1 47  ? -6.586  -1.992  3.492   1.00 11.26  ? 46  ASN A CB    1 
ATOM 269  C CG    . ASN A 1 47  ? -6.435  -2.724  4.803   1.00 12.02  ? 46  ASN A CG    1 
ATOM 270  O OD1   . ASN A 1 47  ? -6.029  -3.881  4.830   1.00 12.01  ? 46  ASN A OD1   1 
ATOM 271  N ND2   . ASN A 1 47  ? -6.742  -2.046  5.906   1.00 14.62  ? 46  ASN A ND2   1 
ATOM 272  N N     . LEU A 1 48  ? -4.525  -1.780  0.930   1.00 9.43   ? 47  LEU A N     1 
ATOM 273  C CA    . LEU A 1 48  ? -4.424  -1.679  -0.520  1.00 9.49   ? 47  LEU A CA    1 
ATOM 274  C C     . LEU A 1 48  ? -4.821  -2.990  -1.208  1.00 9.23   ? 47  LEU A C     1 
ATOM 275  O O     . LEU A 1 48  ? -5.648  -2.986  -2.117  1.00 10.45  ? 47  LEU A O     1 
ATOM 276  C CB    . LEU A 1 48  ? -3.003  -1.268  -0.928  1.00 9.91   ? 47  LEU A CB    1 
ATOM 277  C CG    . LEU A 1 48  ? -2.561  0.131   -0.467  1.00 8.93   ? 47  LEU A CG    1 
ATOM 278  C CD1   . LEU A 1 48  ? -1.113  0.385   -0.857  1.00 10.82  ? 47  LEU A CD1   1 
ATOM 279  C CD2   . LEU A 1 48  ? -3.465  1.190   -1.089  1.00 9.53   ? 47  LEU A CD2   1 
ATOM 280  N N     . SER A 1 49  ? -4.249  -4.107  -0.769  1.00 9.96   ? 48  SER A N     1 
ATOM 281  C CA    . SER A 1 49  ? -4.569  -5.397  -1.375  1.00 10.12  ? 48  SER A CA    1 
ATOM 282  C C     . SER A 1 49  ? -5.782  -6.090  -0.746  1.00 9.91   ? 48  SER A C     1 
ATOM 283  O O     . SER A 1 49  ? -6.310  -7.049  -1.301  1.00 9.79   ? 48  SER A O     1 
ATOM 284  C CB    . SER A 1 49  ? -3.352  -6.329  -1.303  1.00 10.02  ? 48  SER A CB    1 
ATOM 285  O OG    . SER A 1 49  ? -2.923  -6.517  0.034   1.00 9.83   ? 48  SER A OG    1 
ATOM 286  N N     . ASN A 1 50  ? -6.230  -5.602  0.401   1.00 9.15   ? 49  ASN A N     1 
ATOM 287  C CA    . ASN A 1 50  ? -7.364  -6.196  1.102   1.00 9.75   ? 49  ASN A CA    1 
ATOM 288  C C     . ASN A 1 50  ? -8.644  -6.251  0.267   1.00 9.49   ? 49  ASN A C     1 
ATOM 289  O O     . ASN A 1 50  ? -9.439  -7.186  0.403   1.00 10.35  ? 49  ASN A O     1 
ATOM 290  C CB    . ASN A 1 50  ? -7.625  -5.418  2.396   1.00 9.30   ? 49  ASN A CB    1 
ATOM 291  C CG    . ASN A 1 50  ? -8.749  -6.010  3.221   1.00 11.25  ? 49  ASN A CG    1 
ATOM 292  O OD1   . ASN A 1 50  ? -9.896  -5.566  3.141   1.00 12.30  ? 49  ASN A OD1   1 
ATOM 293  N ND2   . ASN A 1 50  ? -8.428  -7.029  4.016   1.00 10.37  ? 49  ASN A ND2   1 
ATOM 294  N N     . GLY A 1 51  ? -8.826  -5.251  -0.593  1.00 10.48  ? 50  GLY A N     1 
ATOM 295  C CA    . GLY A 1 51  ? -10.016 -5.152  -1.425  1.00 10.60  ? 50  GLY A CA    1 
ATOM 296  C C     . GLY A 1 51  ? -10.267 -6.241  -2.449  1.00 11.17  ? 50  GLY A C     1 
ATOM 297  O O     . GLY A 1 51  ? -11.343 -6.293  -3.046  1.00 11.19  ? 50  GLY A O     1 
ATOM 298  N N     . ILE A 1 52  ? -9.278  -7.095  -2.679  1.00 10.81  ? 51  ILE A N     1 
ATOM 299  C CA    . ILE A 1 52  ? -9.453  -8.191  -3.619  1.00 11.44  ? 51  ILE A CA    1 
ATOM 300  C C     . ILE A 1 52  ? -10.054 -9.330  -2.798  1.00 11.00  ? 51  ILE A C     1 
ATOM 301  O O     . ILE A 1 52  ? -9.364  -9.972  -2.005  1.00 10.90  ? 51  ILE A O     1 
ATOM 302  C CB    . ILE A 1 52  ? -8.100  -8.587  -4.251  1.00 14.19  ? 51  ILE A CB    1 
ATOM 303  C CG1   . ILE A 1 52  ? -8.187  -9.959  -4.900  1.00 17.49  ? 51  ILE A CG1   1 
ATOM 304  C CG2   . ILE A 1 52  ? -7.041  -8.548  -3.242  1.00 21.17  ? 51  ILE A CG2   1 
ATOM 305  C CD1   . ILE A 1 52  ? -8.940  -9.934  -6.145  1.00 23.73  ? 51  ILE A CD1   1 
ATOM 306  N N     . ILE A 1 53  ? -11.355 -9.549  -2.969  1.00 10.09  ? 52  ILE A N     1 
ATOM 307  C CA    . ILE A 1 53  ? -12.067 -10.581 -2.219  1.00 10.16  ? 52  ILE A CA    1 
ATOM 308  C C     . ILE A 1 53  ? -12.345 -11.832 -3.042  1.00 9.69   ? 52  ILE A C     1 
ATOM 309  O O     . ILE A 1 53  ? -12.175 -11.836 -4.259  1.00 9.27   ? 52  ILE A O     1 
ATOM 310  C CB    . ILE A 1 53  ? -13.419 -10.041 -1.690  1.00 10.57  ? 52  ILE A CB    1 
ATOM 311  C CG1   . ILE A 1 53  ? -14.365 -9.753  -2.863  1.00 11.89  ? 52  ILE A CG1   1 
ATOM 312  C CG2   . ILE A 1 53  ? -13.186 -8.761  -0.886  1.00 12.83  ? 52  ILE A CG2   1 
ATOM 313  C CD1   . ILE A 1 53  ? -15.755 -9.292  -2.439  1.00 12.51  ? 52  ILE A CD1   1 
ATOM 314  N N     . GLN A 1 54  ? -12.758 -12.901 -2.366  1.00 9.72   ? 53  GLN A N     1 
ATOM 315  C CA    . GLN A 1 54  ? -13.081 -14.136 -3.067  1.00 9.11   ? 53  GLN A CA    1 
ATOM 316  C C     . GLN A 1 54  ? -14.302 -13.909 -3.948  1.00 9.84   ? 53  GLN A C     1 
ATOM 317  O O     . GLN A 1 54  ? -15.295 -13.321 -3.512  1.00 9.92   ? 53  GLN A O     1 
ATOM 318  C CB    . GLN A 1 54  ? -13.354 -15.265 -2.072  1.00 9.22   ? 53  GLN A CB    1 
ATOM 319  C CG    . GLN A 1 54  ? -12.088 -15.931 -1.549  1.00 10.05  ? 53  GLN A CG    1 
ATOM 320  C CD    . GLN A 1 54  ? -12.373 -17.031 -0.546  1.00 10.19  ? 53  GLN A CD    1 
ATOM 321  O OE1   . GLN A 1 54  ? -13.494 -17.537 -0.463  1.00 11.24  ? 53  GLN A OE1   1 
ATOM 322  N NE2   . GLN A 1 54  ? -11.354 -17.418 0.215   1.00 11.10  ? 53  GLN A NE2   1 
ATOM 323  N N     . GLY A 1 55  ? -14.215 -14.380 -5.188  1.00 9.65   ? 54  GLY A N     1 
ATOM 324  C CA    . GLY A 1 55  ? -15.303 -14.215 -6.135  1.00 10.45  ? 54  GLY A CA    1 
ATOM 325  C C     . GLY A 1 55  ? -14.841 -14.613 -7.526  1.00 9.66   ? 54  GLY A C     1 
ATOM 326  O O     . GLY A 1 55  ? -13.700 -15.044 -7.702  1.00 11.23  ? 54  GLY A O     1 
ATOM 327  N N     . ASP A 1 56  ? -15.712 -14.452 -8.517  1.00 11.99  ? 55  ASP A N     1 
ATOM 328  C CA    . ASP A 1 56  ? -15.381 -14.833 -9.887  1.00 11.67  ? 55  ASP A CA    1 
ATOM 329  C C     . ASP A 1 56  ? -15.099 -13.689 -10.849 1.00 11.51  ? 55  ASP A C     1 
ATOM 330  O O     . ASP A 1 56  ? -14.802 -13.934 -12.015 1.00 11.47  ? 55  ASP A O     1 
ATOM 331  C CB    . ASP A 1 56  ? -16.509 -15.680 -10.480 1.00 14.06  ? 55  ASP A CB    1 
ATOM 332  C CG    . ASP A 1 56  ? -16.848 -16.869 -9.621  1.00 17.30  ? 55  ASP A CG    1 
ATOM 333  O OD1   . ASP A 1 56  ? -15.905 -17.506 -9.122  1.00 19.92  ? 55  ASP A OD1   1 
ATOM 334  O OD2   . ASP A 1 56  ? -18.051 -17.165 -9.456  1.00 19.30  ? 55  ASP A OD2   1 
ATOM 335  N N     . ASP A 1 57  ? -15.180 -12.448 -10.381 1.00 10.70  ? 56  ASP A N     1 
ATOM 336  C CA    . ASP A 1 57  ? -14.956 -11.316 -11.276 1.00 10.71  ? 56  ASP A CA    1 
ATOM 337  C C     . ASP A 1 57  ? -13.478 -11.018 -11.526 1.00 10.29  ? 56  ASP A C     1 
ATOM 338  O O     . ASP A 1 57  ? -12.593 -11.565 -10.872 1.00 10.34  ? 56  ASP A O     1 
ATOM 339  C CB    . ASP A 1 57  ? -15.677 -10.071 -10.747 1.00 10.98  ? 56  ASP A CB    1 
ATOM 340  C CG    . ASP A 1 57  ? -16.179 -9.166  -11.867 1.00 14.56  ? 56  ASP A CG    1 
ATOM 341  O OD1   . ASP A 1 57  ? -16.930 -8.213  -11.566 1.00 17.99  ? 56  ASP A OD1   1 
ATOM 342  O OD2   . ASP A 1 57  ? -15.826 -9.405  -13.046 1.00 11.76  ? 56  ASP A OD2   1 
ATOM 343  N N     . ILE A 1 58  ? -13.227 -10.141 -12.491 1.00 10.92  ? 57  ILE A N     1 
ATOM 344  C CA    . ILE A 1 58  ? -11.875 -9.768  -12.885 1.00 10.59  ? 57  ILE A CA    1 
ATOM 345  C C     . ILE A 1 58  ? -11.027 -9.162  -11.761 1.00 10.08  ? 57  ILE A C     1 
ATOM 346  O O     . ILE A 1 58  ? -9.797  -9.250  -11.798 1.00 11.06  ? 57  ILE A O     1 
ATOM 347  C CB    . ILE A 1 58  ? -11.922 -8.777  -14.077 1.00 10.82  ? 57  ILE A CB    1 
ATOM 348  C CG1   . ILE A 1 58  ? -10.520 -8.579  -14.653 1.00 13.16  ? 57  ILE A CG1   1 
ATOM 349  C CG2   . ILE A 1 58  ? -12.522 -7.452  -13.628 1.00 12.00  ? 57  ILE A CG2   1 
ATOM 350  C CD1   . ILE A 1 58  ? -10.481 -7.649  -15.855 1.00 14.54  ? 57  ILE A CD1   1 
ATOM 351  N N     . ASN A 1 59  ? -11.675 -8.560  -10.766 1.00 9.82   ? 58  ASN A N     1 
ATOM 352  C CA    . ASN A 1 59  ? -10.959 -7.928  -9.656  1.00 9.44   ? 58  ASN A CA    1 
ATOM 353  C C     . ASN A 1 59  ? -11.124 -8.691  -8.345  1.00 9.81   ? 58  ASN A C     1 
ATOM 354  O O     . ASN A 1 59  ? -10.991 -8.119  -7.254  1.00 10.62  ? 58  ASN A O     1 
ATOM 355  C CB    . ASN A 1 59  ? -11.439 -6.479  -9.484  1.00 9.60   ? 58  ASN A CB    1 
ATOM 356  C CG    . ASN A 1 59  ? -12.883 -6.387  -9.026  1.00 10.79  ? 58  ASN A CG    1 
ATOM 357  O OD1   . ASN A 1 59  ? -13.662 -7.329  -9.195  1.00 10.93  ? 58  ASN A OD1   1 
ATOM 358  N ND2   . ASN A 1 59  ? -13.253 -5.242  -8.455  1.00 11.57  ? 58  ASN A ND2   1 
ATOM 359  N N     . GLN A 1 60  ? -11.411 -9.985  -8.457  1.00 8.50   ? 59  GLN A N     1 
ATOM 360  C CA    . GLN A 1 60  ? -11.594 -10.845 -7.293  1.00 9.96   ? 59  GLN A CA    1 
ATOM 361  C C     . GLN A 1 60  ? -10.608 -12.012 -7.344  1.00 9.67   ? 59  GLN A C     1 
ATOM 362  O O     . GLN A 1 60  ? -9.702  -12.027 -8.183  1.00 10.10  ? 59  GLN A O     1 
ATOM 363  C CB    . GLN A 1 60  ? -13.048 -11.326 -7.230  1.00 9.51   ? 59  GLN A CB    1 
ATOM 364  C CG    . GLN A 1 60  ? -14.029 -10.158 -7.108  1.00 10.43  ? 59  GLN A CG    1 
ATOM 365  C CD    . GLN A 1 60  ? -15.479 -10.587 -7.045  1.00 11.81  ? 59  GLN A CD    1 
ATOM 366  O OE1   . GLN A 1 60  ? -15.901 -11.486 -7.769  1.00 10.18  ? 59  GLN A OE1   1 
ATOM 367  N NE2   . GLN A 1 60  ? -16.254 -9.931  -6.190  1.00 13.40  ? 59  GLN A NE2   1 
ATOM 368  N N     . ARG A 1 61  ? -10.763 -12.980 -6.447  1.00 8.26   ? 60  ARG A N     1 
ATOM 369  C CA    . ARG A 1 61  ? -9.834  -14.105 -6.410  1.00 9.31   ? 60  ARG A CA    1 
ATOM 370  C C     . ARG A 1 61  ? -10.463 -15.435 -6.045  1.00 8.95   ? 60  ARG A C     1 
ATOM 371  O O     . ARG A 1 61  ? -11.509 -15.494 -5.398  1.00 9.62   ? 60  ARG A O     1 
ATOM 372  C CB    . ARG A 1 61  ? -8.719  -13.826 -5.388  1.00 9.69   ? 60  ARG A CB    1 
ATOM 373  C CG    . ARG A 1 61  ? -9.237  -13.679 -3.953  1.00 10.00  ? 60  ARG A CG    1 
ATOM 374  C CD    . ARG A 1 61  ? -8.146  -13.270 -2.963  1.00 9.58   ? 60  ARG A CD    1 
ATOM 375  N NE    . ARG A 1 61  ? -8.720  -12.638 -1.773  1.00 9.24   ? 60  ARG A NE    1 
ATOM 376  C CZ    . ARG A 1 61  ? -9.086  -13.273 -0.660  1.00 9.69   ? 60  ARG A CZ    1 
ATOM 377  N NH1   . ARG A 1 61  ? -8.939  -14.587 -0.545  1.00 9.69   ? 60  ARG A NH1   1 
ATOM 378  N NH2   . ARG A 1 61  ? -9.627  -12.584 0.338   1.00 9.15   ? 60  ARG A NH2   1 
ATOM 379  N N     . SER A 1 62  ? -9.792  -16.500 -6.466  1.00 10.42  ? 61  SER A N     1 
ATOM 380  C CA    . SER A 1 62  ? -10.199 -17.855 -6.144  1.00 11.20  ? 61  SER A CA    1 
ATOM 381  C C     . SER A 1 62  ? -9.191  -18.285 -5.079  1.00 10.13  ? 61  SER A C     1 
ATOM 382  O O     . SER A 1 62  ? -7.986  -18.095 -5.248  1.00 10.68  ? 61  SER A O     1 
ATOM 383  C CB    . SER A 1 62  ? -10.079 -18.762 -7.372  1.00 12.56  ? 61  SER A CB    1 
ATOM 384  O OG    . SER A 1 62  ? -10.407 -20.099 -7.041  1.00 14.68  ? 61  SER A OG    1 
ATOM 385  N N     . GLY A 1 63  ? -9.674  -18.837 -3.973  1.00 10.34  ? 62  GLY A N     1 
ATOM 386  C CA    . GLY A 1 63  ? -8.766  -19.268 -2.924  1.00 10.53  ? 62  GLY A CA    1 
ATOM 387  C C     . GLY A 1 63  ? -8.192  -18.136 -2.092  1.00 10.99  ? 62  GLY A C     1 
ATOM 388  O O     . GLY A 1 63  ? -8.708  -17.016 -2.116  1.00 10.44  ? 62  GLY A O     1 
ATOM 389  N N     . ASP A 1 64  ? -7.117  -18.427 -1.360  1.00 9.76   ? 63  ASP A N     1 
ATOM 390  C CA    . ASP A 1 64  ? -6.488  -17.429 -0.499  1.00 9.56   ? 63  ASP A CA    1 
ATOM 391  C C     . ASP A 1 64  ? -5.101  -16.952 -0.934  1.00 10.81  ? 63  ASP A C     1 
ATOM 392  O O     . ASP A 1 64  ? -4.328  -16.455 -0.118  1.00 10.43  ? 63  ASP A O     1 
ATOM 393  C CB    . ASP A 1 64  ? -6.428  -17.938 0.947   1.00 11.89  ? 63  ASP A CB    1 
ATOM 394  C CG    . ASP A 1 64  ? -7.782  -17.895 1.640   1.00 12.44  ? 63  ASP A CG    1 
ATOM 395  O OD1   . ASP A 1 64  ? -8.604  -17.020 1.295   1.00 12.06  ? 63  ASP A OD1   1 
ATOM 396  O OD2   . ASP A 1 64  ? -8.019  -18.721 2.547   1.00 13.26  ? 63  ASP A OD2   1 
ATOM 397  N N     . GLN A 1 65  ? -4.789  -17.105 -2.219  1.00 9.22   ? 64  GLN A N     1 
ATOM 398  C CA    . GLN A 1 65  ? -3.513  -16.635 -2.755  1.00 9.77   ? 64  GLN A CA    1 
ATOM 399  C C     . GLN A 1 65  ? -3.670  -16.010 -4.134  1.00 9.93   ? 64  GLN A C     1 
ATOM 400  O O     . GLN A 1 65  ? -4.512  -16.428 -4.926  1.00 9.61   ? 64  GLN A O     1 
ATOM 401  C CB    . GLN A 1 65  ? -2.493  -17.771 -2.906  1.00 12.03  ? 64  GLN A CB    1 
ATOM 402  C CG    . GLN A 1 65  ? -1.944  -18.375 -1.634  1.00 14.69  ? 64  GLN A CG    1 
ATOM 403  C CD    . GLN A 1 65  ? -0.709  -19.224 -1.905  1.00 15.08  ? 64  GLN A CD    1 
ATOM 404  O OE1   . GLN A 1 65  ? -0.598  -19.853 -2.957  1.00 18.65  ? 64  GLN A OE1   1 
ATOM 405  N NE2   . GLN A 1 65  ? 0.216   -19.254 -0.954  1.00 17.00  ? 64  GLN A NE2   1 
ATOM 406  N N     . VAL A 1 66  ? -2.860  -14.991 -4.396  1.00 10.58  ? 65  VAL A N     1 
ATOM 407  C CA    . VAL A 1 66  ? -2.792  -14.340 -5.697  1.00 9.27   ? 65  VAL A CA    1 
ATOM 408  C C     . VAL A 1 66  ? -1.325  -13.951 -5.815  1.00 10.21  ? 65  VAL A C     1 
ATOM 409  O O     . VAL A 1 66  ? -0.609  -13.902 -4.812  1.00 9.52   ? 65  VAL A O     1 
ATOM 410  C CB    . VAL A 1 66  ? -3.668  -13.053 -5.831  1.00 9.68   ? 65  VAL A CB    1 
ATOM 411  C CG1   . VAL A 1 66  ? -5.133  -13.390 -5.619  1.00 9.95   ? 65  VAL A CG1   1 
ATOM 412  C CG2   . VAL A 1 66  ? -3.202  -11.983 -4.860  1.00 11.44  ? 65  VAL A CG2   1 
ATOM 413  N N     . ARG A 1 67  ? -0.868  -13.706 -7.034  1.00 10.28  ? 66  ARG A N     1 
ATOM 414  C CA    . ARG A 1 67  ? 0.513   -13.309 -7.246  1.00 11.21  ? 66  ARG A CA    1 
ATOM 415  C C     . ARG A 1 67  ? 0.502   -11.996 -8.007  1.00 10.12  ? 66  ARG A C     1 
ATOM 416  O O     . ARG A 1 67  ? 0.137   -11.947 -9.181  1.00 11.53  ? 66  ARG A O     1 
ATOM 417  C CB    . ARG A 1 67  ? 1.269   -14.379 -8.038  1.00 14.11  ? 66  ARG A CB    1 
ATOM 418  C CG    . ARG A 1 67  ? 2.704   -14.001 -8.380  1.00 21.15  ? 66  ARG A CG    1 
ATOM 419  C CD    . ARG A 1 67  ? 3.437   -15.149 -9.063  1.00 26.90  ? 66  ARG A CD    1 
ATOM 420  N NE    . ARG A 1 67  ? 3.788   -16.211 -8.124  1.00 31.85  ? 66  ARG A NE    1 
ATOM 421  C CZ    . ARG A 1 67  ? 4.734   -16.102 -7.195  1.00 34.43  ? 66  ARG A CZ    1 
ATOM 422  N NH1   . ARG A 1 67  ? 5.430   -14.979 -7.080  1.00 36.04  ? 66  ARG A NH1   1 
ATOM 423  N NH2   . ARG A 1 67  ? 4.983   -17.117 -6.378  1.00 35.54  ? 66  ARG A NH2   1 
ATOM 424  N N     . ILE A 1 68  ? 0.880   -10.920 -7.334  1.00 9.93   ? 67  ILE A N     1 
ATOM 425  C CA    . ILE A 1 68  ? 0.896   -9.621  -7.980  1.00 9.91   ? 67  ILE A CA    1 
ATOM 426  C C     . ILE A 1 68  ? 2.050   -9.528  -8.967  1.00 10.25  ? 67  ILE A C     1 
ATOM 427  O O     . ILE A 1 68  ? 3.217   -9.684  -8.605  1.00 11.98  ? 67  ILE A O     1 
ATOM 428  C CB    . ILE A 1 68  ? 1.009   -8.483  -6.949  1.00 9.73   ? 67  ILE A CB    1 
ATOM 429  C CG1   . ILE A 1 68  ? -0.260  -8.449  -6.089  1.00 9.91   ? 67  ILE A CG1   1 
ATOM 430  C CG2   . ILE A 1 68  ? 1.206   -7.149  -7.664  1.00 8.65   ? 67  ILE A CG2   1 
ATOM 431  C CD1   . ILE A 1 68  ? -0.262  -7.365  -5.026  1.00 10.04  ? 67  ILE A CD1   1 
ATOM 432  N N     . VAL A 1 69  ? 1.705   -9.302  -10.229 1.00 10.54  ? 68  VAL A N     1 
ATOM 433  C CA    . VAL A 1 69  ? 2.699   -9.170  -11.283 1.00 11.47  ? 68  VAL A CA    1 
ATOM 434  C C     . VAL A 1 69  ? 3.288   -7.770  -11.169 1.00 10.55  ? 68  VAL A C     1 
ATOM 435  O O     . VAL A 1 69  ? 4.509   -7.584  -11.198 1.00 11.60  ? 68  VAL A O     1 
ATOM 436  C CB    . VAL A 1 69  ? 2.049   -9.365  -12.668 1.00 13.27  ? 68  VAL A CB    1 
ATOM 437  C CG1   . VAL A 1 69  ? 3.055   -9.077  -13.772 1.00 14.07  ? 68  VAL A CG1   1 
ATOM 438  C CG2   . VAL A 1 69  ? 1.527   -10.796 -12.784 1.00 15.06  ? 68  VAL A CG2   1 
ATOM 439  N N     . SER A 1 70  ? 2.403   -6.790  -11.026 1.00 10.28  ? 69  SER A N     1 
ATOM 440  C CA    . SER A 1 70  ? 2.813   -5.405  -10.876 1.00 10.67  ? 69  SER A CA    1 
ATOM 441  C C     . SER A 1 70  ? 1.716   -4.636  -10.157 1.00 9.65   ? 69  SER A C     1 
ATOM 442  O O     . SER A 1 70  ? 0.543   -5.001  -10.217 1.00 9.78   ? 69  SER A O     1 
ATOM 443  C CB    . SER A 1 70  ? 3.055   -4.758  -12.244 1.00 11.04  ? 69  SER A CB    1 
ATOM 444  O OG    . SER A 1 70  ? 1.836   -4.574  -12.949 1.00 14.95  ? 69  SER A OG    1 
ATOM 445  N N     . HIS A 1 71  ? 2.103   -3.596  -9.434  1.00 10.01  ? 70  HIS A N     1 
ATOM 446  C CA    . HIS A 1 71  ? 1.119   -2.754  -8.785  1.00 9.15   ? 70  HIS A CA    1 
ATOM 447  C C     . HIS A 1 71  ? 1.610   -1.320  -8.794  1.00 9.64   ? 70  HIS A C     1 
ATOM 448  O O     . HIS A 1 71  ? 2.813   -1.062  -8.882  1.00 10.60  ? 70  HIS A O     1 
ATOM 449  C CB    . HIS A 1 71  ? 0.726   -3.248  -7.372  1.00 8.83   ? 70  HIS A CB    1 
ATOM 450  C CG    . HIS A 1 71  ? 1.862   -3.446  -6.415  1.00 8.41   ? 70  HIS A CG    1 
ATOM 451  N ND1   . HIS A 1 71  ? 1.646   -3.731  -5.084  1.00 10.95  ? 70  HIS A ND1   1 
ATOM 452  C CD2   . HIS A 1 71  ? 3.204   -3.433  -6.585  1.00 10.49  ? 70  HIS A CD2   1 
ATOM 453  C CE1   . HIS A 1 71  ? 2.807   -3.883  -4.473  1.00 9.69   ? 70  HIS A CE1   1 
ATOM 454  N NE2   . HIS A 1 71  ? 3.770   -3.707  -5.362  1.00 9.44   ? 70  HIS A NE2   1 
ATOM 455  N N     . LYS A 1 72  ? 0.662   -0.394  -8.751  1.00 9.86   ? 71  LYS A N     1 
ATOM 456  C CA    . LYS A 1 72  ? 0.978   1.020   -8.820  1.00 11.47  ? 71  LYS A CA    1 
ATOM 457  C C     . LYS A 1 72  ? 0.253   1.829   -7.760  1.00 10.04  ? 71  LYS A C     1 
ATOM 458  O O     . LYS A 1 72  ? -0.935  1.626   -7.508  1.00 10.58  ? 71  LYS A O     1 
ATOM 459  C CB    . LYS A 1 72  ? 0.617   1.526   -10.218 1.00 14.99  ? 71  LYS A CB    1 
ATOM 460  C CG    . LYS A 1 72  ? 0.823   3.009   -10.447 1.00 18.22  ? 71  LYS A CG    1 
ATOM 461  C CD    . LYS A 1 72  ? 0.778   3.339   -11.937 1.00 22.45  ? 71  LYS A CD    1 
ATOM 462  C CE    . LYS A 1 72  ? -0.489  2.822   -12.595 1.00 23.64  ? 71  LYS A CE    1 
ATOM 463  N NZ    . LYS A 1 72  ? -0.514  3.108   -14.060 1.00 26.34  ? 71  LYS A NZ    1 
ATOM 464  N N     . LEU A 1 73  ? 0.983   2.746   -7.135  1.00 9.17   ? 72  LEU A N     1 
ATOM 465  C CA    . LEU A 1 73  ? 0.414   3.601   -6.107  1.00 9.62   ? 72  LEU A CA    1 
ATOM 466  C C     . LEU A 1 73  ? 0.551   5.054   -6.534  1.00 8.83   ? 72  LEU A C     1 
ATOM 467  O O     . LEU A 1 73  ? 1.605   5.476   -7.007  1.00 11.06  ? 72  LEU A O     1 
ATOM 468  C CB    . LEU A 1 73  ? 1.136   3.390   -4.772  1.00 9.82   ? 72  LEU A CB    1 
ATOM 469  C CG    . LEU A 1 73  ? 0.673   4.283   -3.614  1.00 10.23  ? 72  LEU A CG    1 
ATOM 470  C CD1   . LEU A 1 73  ? -0.761  3.934   -3.243  1.00 10.84  ? 72  LEU A CD1   1 
ATOM 471  C CD2   . LEU A 1 73  ? 1.592   4.102   -2.410  1.00 9.50   ? 72  LEU A CD2   1 
ATOM 472  N N     . HIS A 1 74  ? -0.529  5.809   -6.366  1.00 9.12   ? 73  HIS A N     1 
ATOM 473  C CA    . HIS A 1 74  ? -0.561  7.226   -6.711  1.00 10.30  ? 73  HIS A CA    1 
ATOM 474  C C     . HIS A 1 74  ? -0.925  7.962   -5.420  1.00 9.74   ? 73  HIS A C     1 
ATOM 475  O O     . HIS A 1 74  ? -1.960  7.682   -4.823  1.00 9.99   ? 73  HIS A O     1 
ATOM 476  C CB    . HIS A 1 74  ? -1.646  7.465   -7.768  1.00 11.40  ? 73  HIS A CB    1 
ATOM 477  C CG    . HIS A 1 74  ? -1.571  8.796   -8.445  1.00 14.50  ? 73  HIS A CG    1 
ATOM 478  N ND1   . HIS A 1 74  ? -0.864  9.863   -7.935  1.00 16.74  ? 73  HIS A ND1   1 
ATOM 479  C CD2   . HIS A 1 74  ? -2.140  9.238   -9.593  1.00 15.78  ? 73  HIS A CD2   1 
ATOM 480  C CE1   . HIS A 1 74  ? -1.000  10.905  -8.737  1.00 16.40  ? 73  HIS A CE1   1 
ATOM 481  N NE2   . HIS A 1 74  ? -1.771  10.553  -9.751  1.00 19.07  ? 73  HIS A NE2   1 
ATOM 482  N N     . VAL A 1 75  ? -0.065  8.877   -4.976  1.00 9.02   ? 74  VAL A N     1 
ATOM 483  C CA    . VAL A 1 75  ? -0.342  9.641   -3.763  1.00 8.52   ? 74  VAL A CA    1 
ATOM 484  C C     . VAL A 1 75  ? -0.340  11.128  -4.088  1.00 8.45   ? 74  VAL A C     1 
ATOM 485  O O     . VAL A 1 75  ? 0.385   11.580  -4.976  1.00 9.74   ? 74  VAL A O     1 
ATOM 486  C CB    . VAL A 1 75  ? 0.693   9.348   -2.641  1.00 9.62   ? 74  VAL A CB    1 
ATOM 487  C CG1   . VAL A 1 75  ? 0.566   7.898   -2.183  1.00 10.84  ? 74  VAL A CG1   1 
ATOM 488  C CG2   . VAL A 1 75  ? 2.100   9.635   -3.128  1.00 10.42  ? 74  VAL A CG2   1 
ATOM 489  N N     . ARG A 1 76  ? -1.156  11.886  -3.358  1.00 9.28   ? 75  ARG A N     1 
ATOM 490  C CA    . ARG A 1 76  ? -1.280  13.319  -3.589  1.00 8.69   ? 75  ARG A CA    1 
ATOM 491  C C     . ARG A 1 76  ? -1.569  14.058  -2.293  1.00 9.87   ? 75  ARG A C     1 
ATOM 492  O O     . ARG A 1 76  ? -2.320  13.573  -1.453  1.00 9.29   ? 75  ARG A O     1 
ATOM 493  C CB    . ARG A 1 76  ? -2.418  13.568  -4.578  1.00 9.69   ? 75  ARG A CB    1 
ATOM 494  C CG    . ARG A 1 76  ? -2.703  15.027  -4.893  1.00 10.52  ? 75  ARG A CG    1 
ATOM 495  C CD    . ARG A 1 76  ? -3.916  15.098  -5.811  1.00 11.99  ? 75  ARG A CD    1 
ATOM 496  N NE    . ARG A 1 76  ? -4.143  16.413  -6.401  1.00 12.77  ? 75  ARG A NE    1 
ATOM 497  C CZ    . ARG A 1 76  ? -5.072  17.274  -5.999  1.00 11.35  ? 75  ARG A CZ    1 
ATOM 498  N NH1   . ARG A 1 76  ? -5.869  16.974  -4.983  1.00 13.46  ? 75  ARG A NH1   1 
ATOM 499  N NH2   . ARG A 1 76  ? -5.232  18.421  -6.650  1.00 10.93  ? 75  ARG A NH2   1 
ATOM 500  N N     . GLY A 1 77  ? -0.972  15.234  -2.145  1.00 8.74   ? 76  GLY A N     1 
ATOM 501  C CA    . GLY A 1 77  ? -1.190  16.036  -0.960  1.00 9.21   ? 76  GLY A CA    1 
ATOM 502  C C     . GLY A 1 77  ? -1.509  17.470  -1.335  1.00 9.67   ? 76  GLY A C     1 
ATOM 503  O O     . GLY A 1 77  ? -0.965  17.995  -2.309  1.00 10.76  ? 76  GLY A O     1 
ATOM 504  N N     . THR A 1 78  ? -2.406  18.088  -0.574  1.00 9.82   ? 77  THR A N     1 
ATOM 505  C CA    . THR A 1 78  ? -2.802  19.476  -0.796  1.00 11.32  ? 77  THR A CA    1 
ATOM 506  C C     . THR A 1 78  ? -2.748  20.202  0.541   1.00 11.26  ? 77  THR A C     1 
ATOM 507  O O     . THR A 1 78  ? -3.416  19.810  1.498   1.00 11.48  ? 77  THR A O     1 
ATOM 508  C CB    . THR A 1 78  ? -4.243  19.586  -1.335  1.00 12.69  ? 77  THR A CB    1 
ATOM 509  O OG1   . THR A 1 78  ? -4.342  18.926  -2.601  1.00 16.99  ? 77  THR A OG1   1 
ATOM 510  C CG2   . THR A 1 78  ? -4.640  21.049  -1.502  1.00 14.63  ? 77  THR A CG2   1 
ATOM 511  N N     . ALA A 1 79  ? -1.946  21.259  0.611   1.00 11.39  ? 78  ALA A N     1 
ATOM 512  C CA    . ALA A 1 79  ? -1.836  22.028  1.840   1.00 12.04  ? 78  ALA A CA    1 
ATOM 513  C C     . ALA A 1 79  ? -3.089  22.869  2.051   1.00 11.84  ? 78  ALA A C     1 
ATOM 514  O O     . ALA A 1 79  ? -3.637  23.431  1.102   1.00 12.52  ? 78  ALA A O     1 
ATOM 515  C CB    . ALA A 1 79  ? -0.610  22.931  1.784   1.00 11.75  ? 78  ALA A CB    1 
ATOM 516  N N     . ILE A 1 80  ? -3.539  22.940  3.299   1.00 12.39  ? 79  ILE A N     1 
ATOM 517  C CA    . ILE A 1 80  ? -4.706  23.738  3.658   1.00 14.59  ? 79  ILE A CA    1 
ATOM 518  C C     . ILE A 1 80  ? -4.398  24.460  4.961   1.00 14.78  ? 79  ILE A C     1 
ATOM 519  O O     . ILE A 1 80  ? -3.888  23.856  5.906   1.00 13.70  ? 79  ILE A O     1 
ATOM 520  C CB    . ILE A 1 80  ? -5.963  22.864  3.861   1.00 15.08  ? 79  ILE A CB    1 
ATOM 521  C CG1   . ILE A 1 80  ? -6.301  22.126  2.563   1.00 17.45  ? 79  ILE A CG1   1 
ATOM 522  C CG2   . ILE A 1 80  ? -7.145  23.737  4.280   1.00 16.52  ? 79  ILE A CG2   1 
ATOM 523  C CD1   . ILE A 1 80  ? -7.462  21.173  2.697   1.00 18.53  ? 79  ILE A CD1   1 
ATOM 524  N N     . THR A 1 81  ? -4.700  25.758  4.991   1.00 15.06  ? 80  THR A N     1 
ATOM 525  C CA    . THR A 1 81  ? -4.479  26.615  6.157   1.00 15.81  ? 80  THR A CA    1 
ATOM 526  C C     . THR A 1 81  ? -3.007  26.920  6.402   1.00 16.14  ? 80  THR A C     1 
ATOM 527  O O     . THR A 1 81  ? -2.626  28.082  6.561   1.00 16.15  ? 80  THR A O     1 
ATOM 528  C CB    . THR A 1 81  ? -5.077  26.000  7.440   1.00 16.40  ? 80  THR A CB    1 
ATOM 529  O OG1   . THR A 1 81  ? -6.472  25.742  7.240   1.00 18.72  ? 80  THR A OG1   1 
ATOM 530  C CG2   . THR A 1 81  ? -4.913  26.961  8.613   1.00 17.34  ? 80  THR A CG2   1 
ATOM 531  N N     . VAL A 1 82  ? -2.180  25.881  6.443   1.00 14.64  ? 81  VAL A N     1 
ATOM 532  C CA    . VAL A 1 82  ? -0.752  26.066  6.660   1.00 14.80  ? 81  VAL A CA    1 
ATOM 533  C C     . VAL A 1 82  ? 0.063   25.161  5.747   1.00 12.69  ? 81  VAL A C     1 
ATOM 534  O O     . VAL A 1 82  ? -0.397  24.091  5.338   1.00 11.44  ? 81  VAL A O     1 
ATOM 535  C CB    . VAL A 1 82  ? -0.344  25.747  8.119   1.00 16.49  ? 81  VAL A CB    1 
ATOM 536  C CG1   . VAL A 1 82  ? -1.062  26.688  9.077   1.00 20.22  ? 81  VAL A CG1   1 
ATOM 537  C CG2   . VAL A 1 82  ? -0.661  24.290  8.447   1.00 17.28  ? 81  VAL A CG2   1 
ATOM 538  N N     . SER A 1 83  ? 1.266   25.607  5.408   1.00 11.80  ? 82  SER A N     1 
ATOM 539  C CA    . SER A 1 83  ? 2.149   24.799  4.584   1.00 11.02  ? 82  SER A CA    1 
ATOM 540  C C     . SER A 1 83  ? 2.433   23.581  5.452   1.00 11.35  ? 82  SER A C     1 
ATOM 541  O O     . SER A 1 83  ? 2.594   23.706  6.666   1.00 10.81  ? 82  SER A O     1 
ATOM 542  C CB    . SER A 1 83  ? 3.429   25.573  4.273   1.00 11.63  ? 82  SER A CB    1 
ATOM 543  O OG    . SER A 1 83  ? 3.127   26.692  3.459   1.00 11.60  ? 82  SER A OG    1 
ATOM 544  N N     . GLN A 1 84  ? 2.484   22.404  4.844   1.00 10.37  ? 83  GLN A N     1 
ATOM 545  C CA    . GLN A 1 84  ? 2.686   21.193  5.623   1.00 10.59  ? 83  GLN A CA    1 
ATOM 546  C C     . GLN A 1 84  ? 3.306   20.056  4.835   1.00 10.40  ? 83  GLN A C     1 
ATOM 547  O O     . GLN A 1 84  ? 3.447   20.129  3.617   1.00 11.39  ? 83  GLN A O     1 
ATOM 548  C CB    . GLN A 1 84  ? 1.344   20.742  6.192   1.00 10.75  ? 83  GLN A CB    1 
ATOM 549  C CG    . GLN A 1 84  ? 0.275   20.595  5.127   1.00 10.30  ? 83  GLN A CG    1 
ATOM 550  C CD    . GLN A 1 84  ? -1.108  20.438  5.716   1.00 11.39  ? 83  GLN A CD    1 
ATOM 551  O OE1   . GLN A 1 84  ? -1.513  19.343  6.106   1.00 11.67  ? 83  GLN A OE1   1 
ATOM 552  N NE2   . GLN A 1 84  ? -1.838  21.545  5.804   1.00 10.59  ? 83  GLN A NE2   1 
ATOM 553  N N     . THR A 1 85  ? 3.638   18.993  5.555   1.00 9.44   ? 84  THR A N     1 
ATOM 554  C CA    . THR A 1 85  ? 4.270   17.819  4.973   1.00 9.97   ? 84  THR A CA    1 
ATOM 555  C C     . THR A 1 85  ? 3.391   16.575  5.038   1.00 9.11   ? 84  THR A C     1 
ATOM 556  O O     . THR A 1 85  ? 2.724   16.328  6.045   1.00 10.24  ? 84  THR A O     1 
ATOM 557  C CB    . THR A 1 85  ? 5.594   17.512  5.714   1.00 10.22  ? 84  THR A CB    1 
ATOM 558  O OG1   . THR A 1 85  ? 6.489   18.620  5.563   1.00 11.52  ? 84  THR A OG1   1 
ATOM 559  C CG2   . THR A 1 85  ? 6.244   16.248  5.166   1.00 10.29  ? 84  THR A CG2   1 
ATOM 560  N N     . PHE A 1 86  ? 3.405   15.804  3.952   1.00 10.03  ? 85  PHE A N     1 
ATOM 561  C CA    . PHE A 1 86  ? 2.664   14.550  3.850   1.00 9.31   ? 85  PHE A CA    1 
ATOM 562  C C     . PHE A 1 86  ? 3.678   13.447  3.565   1.00 9.55   ? 85  PHE A C     1 
ATOM 563  O O     . PHE A 1 86  ? 4.461   13.559  2.625   1.00 10.44  ? 85  PHE A O     1 
ATOM 564  C CB    . PHE A 1 86  ? 1.683   14.549  2.668   1.00 9.34   ? 85  PHE A CB    1 
ATOM 565  C CG    . PHE A 1 86  ? 0.575   15.551  2.770   1.00 9.36   ? 85  PHE A CG    1 
ATOM 566  C CD1   . PHE A 1 86  ? 0.782   16.876  2.399   1.00 9.59   ? 85  PHE A CD1   1 
ATOM 567  C CD2   . PHE A 1 86  ? -0.694  15.157  3.189   1.00 9.73   ? 85  PHE A CD2   1 
ATOM 568  C CE1   . PHE A 1 86  ? -0.268  17.796  2.440   1.00 10.08  ? 85  PHE A CE1   1 
ATOM 569  C CE2   . PHE A 1 86  ? -1.748  16.070  3.233   1.00 10.13  ? 85  PHE A CE2   1 
ATOM 570  C CZ    . PHE A 1 86  ? -1.533  17.390  2.857   1.00 9.83   ? 85  PHE A CZ    1 
ATOM 571  N N     . ARG A 1 87  ? 3.671   12.390  4.369   1.00 7.86   ? 86  ARG A N     1 
ATOM 572  C CA    . ARG A 1 87  ? 4.570   11.266  4.139   1.00 8.53   ? 86  ARG A CA    1 
ATOM 573  C C     . ARG A 1 87  ? 3.723   10.035  3.833   1.00 8.04   ? 86  ARG A C     1 
ATOM 574  O O     . ARG A 1 87  ? 2.702   9.795   4.484   1.00 9.67   ? 86  ARG A O     1 
ATOM 575  C CB    . ARG A 1 87  ? 5.446   11.007  5.369   1.00 8.33   ? 86  ARG A CB    1 
ATOM 576  C CG    . ARG A 1 87  ? 6.410   9.836   5.204   1.00 9.79   ? 86  ARG A CG    1 
ATOM 577  C CD    . ARG A 1 87  ? 7.224   9.643   6.468   1.00 10.31  ? 86  ARG A CD    1 
ATOM 578  N NE    . ARG A 1 87  ? 8.210   8.573   6.356   1.00 10.78  ? 86  ARG A NE    1 
ATOM 579  C CZ    . ARG A 1 87  ? 9.007   8.201   7.355   1.00 11.39  ? 86  ARG A CZ    1 
ATOM 580  N NH1   . ARG A 1 87  ? 8.928   8.817   8.525   1.00 10.94  ? 86  ARG A NH1   1 
ATOM 581  N NH2   . ARG A 1 87  ? 9.875   7.211   7.189   1.00 10.60  ? 86  ARG A NH2   1 
ATOM 582  N N     . PHE A 1 88  ? 4.143   9.265   2.835   1.00 7.99   ? 87  PHE A N     1 
ATOM 583  C CA    . PHE A 1 88  ? 3.426   8.058   2.446   1.00 8.13   ? 87  PHE A CA    1 
ATOM 584  C C     . PHE A 1 88  ? 4.417   6.905   2.381   1.00 8.36   ? 87  PHE A C     1 
ATOM 585  O O     . PHE A 1 88  ? 5.403   6.967   1.649   1.00 8.60   ? 87  PHE A O     1 
ATOM 586  C CB    . PHE A 1 88  ? 2.766   8.232   1.072   1.00 8.47   ? 87  PHE A CB    1 
ATOM 587  C CG    . PHE A 1 88  ? 1.911   9.464   0.952   1.00 7.86   ? 87  PHE A CG    1 
ATOM 588  C CD1   . PHE A 1 88  ? 2.472   10.688  0.607   1.00 10.55  ? 87  PHE A CD1   1 
ATOM 589  C CD2   . PHE A 1 88  ? 0.536   9.393   1.165   1.00 9.85   ? 87  PHE A CD2   1 
ATOM 590  C CE1   . PHE A 1 88  ? 1.675   11.829  0.474   1.00 11.01  ? 87  PHE A CE1   1 
ATOM 591  C CE2   . PHE A 1 88  ? -0.269  10.528  1.035   1.00 10.44  ? 87  PHE A CE2   1 
ATOM 592  C CZ    . PHE A 1 88  ? 0.301   11.744  0.689   1.00 10.64  ? 87  PHE A CZ    1 
ATOM 593  N N     . ILE A 1 89  ? 4.159   5.856   3.155   1.00 8.50   ? 88  ILE A N     1 
ATOM 594  C CA    . ILE A 1 89  ? 5.044   4.704   3.162   1.00 9.03   ? 88  ILE A CA    1 
ATOM 595  C C     . ILE A 1 89  ? 4.301   3.496   2.608   1.00 8.97   ? 88  ILE A C     1 
ATOM 596  O O     . ILE A 1 89  ? 3.389   2.970   3.240   1.00 9.84   ? 88  ILE A O     1 
ATOM 597  C CB    . ILE A 1 89  ? 5.541   4.384   4.588   1.00 9.31   ? 88  ILE A CB    1 
ATOM 598  C CG1   . ILE A 1 89  ? 6.093   5.651   5.249   1.00 11.54  ? 88  ILE A CG1   1 
ATOM 599  C CG2   . ILE A 1 89  ? 6.634   3.324   4.529   1.00 10.75  ? 88  ILE A CG2   1 
ATOM 600  C CD1   . ILE A 1 89  ? 6.556   5.444   6.685   1.00 12.62  ? 88  ILE A CD1   1 
ATOM 601  N N     . TRP A 1 90  ? 4.695   3.076   1.414   1.00 8.00   ? 89  TRP A N     1 
ATOM 602  C CA    . TRP A 1 90  ? 4.091   1.927   0.742   1.00 8.49   ? 89  TRP A CA    1 
ATOM 603  C C     . TRP A 1 90  ? 4.869   0.718   1.247   1.00 8.03   ? 89  TRP A C     1 
ATOM 604  O O     . TRP A 1 90  ? 6.091   0.675   1.119   1.00 9.16   ? 89  TRP A O     1 
ATOM 605  C CB    . TRP A 1 90  ? 4.267   2.101   -0.769  1.00 8.55   ? 89  TRP A CB    1 
ATOM 606  C CG    . TRP A 1 90  ? 3.528   1.136   -1.661  1.00 8.73   ? 89  TRP A CG    1 
ATOM 607  C CD1   . TRP A 1 90  ? 2.539   0.260   -1.305  1.00 8.35   ? 89  TRP A CD1   1 
ATOM 608  C CD2   . TRP A 1 90  ? 3.691   1.006   -3.077  1.00 8.60   ? 89  TRP A CD2   1 
ATOM 609  N NE1   . TRP A 1 90  ? 2.076   -0.407  -2.421  1.00 9.60   ? 89  TRP A NE1   1 
ATOM 610  C CE2   . TRP A 1 90  ? 2.767   0.033   -3.519  1.00 9.57   ? 89  TRP A CE2   1 
ATOM 611  C CE3   . TRP A 1 90  ? 4.531   1.621   -4.016  1.00 9.63   ? 89  TRP A CE3   1 
ATOM 612  C CZ2   . TRP A 1 90  ? 2.659   -0.340  -4.869  1.00 9.64   ? 89  TRP A CZ2   1 
ATOM 613  C CZ3   . TRP A 1 90  ? 4.423   1.252   -5.356  1.00 11.06  ? 89  TRP A CZ3   1 
ATOM 614  C CH2   . TRP A 1 90  ? 3.493   0.279   -5.768  1.00 9.67   ? 89  TRP A CH2   1 
ATOM 615  N N     . PHE A 1 91  ? 4.180   -0.255  1.837   1.00 8.58   ? 90  PHE A N     1 
ATOM 616  C CA    . PHE A 1 91  ? 4.890   -1.419  2.351   1.00 8.88   ? 90  PHE A CA    1 
ATOM 617  C C     . PHE A 1 91  ? 4.132   -2.734  2.276   1.00 9.25   ? 90  PHE A C     1 
ATOM 618  O O     . PHE A 1 91  ? 2.909   -2.762  2.120   1.00 9.43   ? 90  PHE A O     1 
ATOM 619  C CB    . PHE A 1 91  ? 5.337   -1.172  3.806   1.00 10.00  ? 90  PHE A CB    1 
ATOM 620  C CG    . PHE A 1 91  ? 4.206   -1.114  4.803   1.00 9.11   ? 90  PHE A CG    1 
ATOM 621  C CD1   . PHE A 1 91  ? 3.461   0.051   4.976   1.00 8.78   ? 90  PHE A CD1   1 
ATOM 622  C CD2   . PHE A 1 91  ? 3.900   -2.224  5.587   1.00 8.55   ? 90  PHE A CD2   1 
ATOM 623  C CE1   . PHE A 1 91  ? 2.429   0.111   5.919   1.00 9.57   ? 90  PHE A CE1   1 
ATOM 624  C CE2   . PHE A 1 91  ? 2.865   -2.176  6.532   1.00 9.75   ? 90  PHE A CE2   1 
ATOM 625  C CZ    . PHE A 1 91  ? 2.131   -1.006  6.699   1.00 9.21   ? 90  PHE A CZ    1 
ATOM 626  N N     . ARG A 1 92  ? 4.889   -3.820  2.384   1.00 8.75   ? 91  ARG A N     1 
ATOM 627  C CA    . ARG A 1 92  ? 4.357   -5.177  2.362   1.00 9.28   ? 91  ARG A CA    1 
ATOM 628  C C     . ARG A 1 92  ? 4.521   -5.755  3.763   1.00 10.19  ? 91  ARG A C     1 
ATOM 629  O O     . ARG A 1 92  ? 5.587   -5.628  4.371   1.00 10.25  ? 91  ARG A O     1 
ATOM 630  C CB    . ARG A 1 92  ? 5.146   -6.029  1.360   1.00 9.64   ? 91  ARG A CB    1 
ATOM 631  C CG    . ARG A 1 92  ? 4.755   -7.515  1.279   1.00 9.23   ? 91  ARG A CG    1 
ATOM 632  C CD    . ARG A 1 92  ? 5.705   -8.251  0.321   1.00 12.59  ? 91  ARG A CD    1 
ATOM 633  N NE    . ARG A 1 92  ? 5.196   -9.523  -0.204  1.00 18.15  ? 91  ARG A NE    1 
ATOM 634  C CZ    . ARG A 1 92  ? 5.378   -10.722 0.351   1.00 19.35  ? 91  ARG A CZ    1 
ATOM 635  N NH1   . ARG A 1 92  ? 6.061   -10.858 1.481   1.00 20.77  ? 91  ARG A NH1   1 
ATOM 636  N NH2   . ARG A 1 92  ? 4.901   -11.805 -0.256  1.00 19.50  ? 91  ARG A NH2   1 
ATOM 637  N N     . ASP A 1 93  ? 3.459   -6.358  4.289   1.00 8.33   ? 92  ASP A N     1 
ATOM 638  C CA    . ASP A 1 93  ? 3.519   -6.987  5.604   1.00 9.39   ? 92  ASP A CA    1 
ATOM 639  C C     . ASP A 1 93  ? 3.747   -8.468  5.304   1.00 8.86   ? 92  ASP A C     1 
ATOM 640  O O     . ASP A 1 93  ? 2.815   -9.193  4.943   1.00 9.49   ? 92  ASP A O     1 
ATOM 641  C CB    . ASP A 1 93  ? 2.204   -6.799  6.364   1.00 8.86   ? 92  ASP A CB    1 
ATOM 642  C CG    . ASP A 1 93  ? 2.279   -7.305  7.797   1.00 10.41  ? 92  ASP A CG    1 
ATOM 643  O OD1   . ASP A 1 93  ? 3.070   -8.235  8.059   1.00 11.03  ? 92  ASP A OD1   1 
ATOM 644  O OD2   . ASP A 1 93  ? 1.539   -6.782  8.656   1.00 11.17  ? 92  ASP A OD2   1 
ATOM 645  N N     . ASN A 1 94  ? 4.994   -8.898  5.445   1.00 8.69   ? 93  ASN A N     1 
ATOM 646  C CA    . ASN A 1 94  ? 5.393   -10.268 5.154   1.00 9.22   ? 93  ASN A CA    1 
ATOM 647  C C     . ASN A 1 94  ? 4.850   -11.305 6.127   1.00 10.32  ? 93  ASN A C     1 
ATOM 648  O O     . ASN A 1 94  ? 4.888   -12.504 5.841   1.00 10.87  ? 93  ASN A O     1 
ATOM 649  C CB    . ASN A 1 94  ? 6.926   -10.369 5.155   1.00 9.81   ? 93  ASN A CB    1 
ATOM 650  C CG    . ASN A 1 94  ? 7.592   -9.333  4.264   1.00 12.75  ? 93  ASN A CG    1 
ATOM 651  O OD1   . ASN A 1 94  ? 8.550   -8.666  4.674   1.00 13.42  ? 93  ASN A OD1   1 
ATOM 652  N ND2   . ASN A 1 94  ? 7.103   -9.199  3.043   1.00 11.71  ? 93  ASN A ND2   1 
ATOM 653  N N     . MET A 1 95  ? 4.337   -10.855 7.268   1.00 9.72   ? 94  MET A N     1 
ATOM 654  C CA    . MET A 1 95  ? 3.878   -11.781 8.294   1.00 9.61   ? 94  MET A CA    1 
ATOM 655  C C     . MET A 1 95  ? 2.497   -11.507 8.873   1.00 9.88   ? 94  MET A C     1 
ATOM 656  O O     . MET A 1 95  ? 2.203   -11.924 9.997   1.00 10.01  ? 94  MET A O     1 
ATOM 657  C CB    . MET A 1 95  ? 4.895   -11.774 9.438   1.00 10.32  ? 94  MET A CB    1 
ATOM 658  C CG    . MET A 1 95  ? 6.323   -12.024 8.991   1.00 11.22  ? 94  MET A CG    1 
ATOM 659  S SD    . MET A 1 95  ? 7.508   -11.907 10.347  1.00 9.38   ? 94  MET A SD    1 
ATOM 660  C CE    . MET A 1 95  ? 9.016   -12.344 9.501   1.00 12.45  ? 94  MET A CE    1 
ATOM 661  N N     . ASN A 1 96  ? 1.642   -10.832 8.112   1.00 9.25   ? 95  ASN A N     1 
ATOM 662  C CA    . ASN A 1 96  ? 0.313   -10.485 8.603   1.00 8.96   ? 95  ASN A CA    1 
ATOM 663  C C     . ASN A 1 96  ? -0.539  -11.697 8.985   1.00 9.08   ? 95  ASN A C     1 
ATOM 664  O O     . ASN A 1 96  ? -0.659  -12.655 8.221   1.00 9.55   ? 95  ASN A O     1 
ATOM 665  C CB    . ASN A 1 96  ? -0.421  -9.640  7.564   1.00 9.49   ? 95  ASN A CB    1 
ATOM 666  C CG    . ASN A 1 96  ? -1.509  -8.792  8.182   1.00 10.71  ? 95  ASN A CG    1 
ATOM 667  O OD1   . ASN A 1 96  ? -1.291  -7.623  8.529   1.00 13.01  ? 95  ASN A OD1   1 
ATOM 668  N ND2   . ASN A 1 96  ? -2.679  -9.377  8.347   1.00 7.99   ? 95  ASN A ND2   1 
ATOM 669  N N     . ARG A 1 97  ? -1.140  -11.633 10.172  1.00 9.90   ? 96  ARG A N     1 
ATOM 670  C CA    . ARG A 1 97  ? -1.972  -12.714 10.688  1.00 9.86   ? 96  ARG A CA    1 
ATOM 671  C C     . ARG A 1 97  ? -3.443  -12.322 10.816  1.00 10.72  ? 96  ARG A C     1 
ATOM 672  O O     . ARG A 1 97  ? -4.177  -12.881 11.638  1.00 11.68  ? 96  ARG A O     1 
ATOM 673  C CB    . ARG A 1 97  ? -1.431  -13.163 12.050  1.00 10.28  ? 96  ARG A CB    1 
ATOM 674  C CG    . ARG A 1 97  ? 0.026   -13.611 12.014  1.00 11.78  ? 96  ARG A CG    1 
ATOM 675  C CD    . ARG A 1 97  ? 0.646   -13.635 13.405  1.00 10.60  ? 96  ARG A CD    1 
ATOM 676  N NE    . ARG A 1 97  ? 0.413   -14.873 14.153  1.00 10.60  ? 96  ARG A NE    1 
ATOM 677  C CZ    . ARG A 1 97  ? 1.294   -15.864 14.261  1.00 9.22   ? 96  ARG A CZ    1 
ATOM 678  N NH1   . ARG A 1 97  ? 2.475   -15.779 13.661  1.00 9.16   ? 96  ARG A NH1   1 
ATOM 679  N NH2   . ARG A 1 97  ? 1.006   -16.929 15.000  1.00 9.92   ? 96  ARG A NH2   1 
ATOM 680  N N     . GLY A 1 98  ? -3.870  -11.355 10.009  1.00 10.41  ? 97  GLY A N     1 
ATOM 681  C CA    . GLY A 1 98  ? -5.258  -10.920 10.040  1.00 10.33  ? 97  GLY A CA    1 
ATOM 682  C C     . GLY A 1 98  ? -5.487  -9.579  10.718  1.00 10.29  ? 97  GLY A C     1 
ATOM 683  O O     . GLY A 1 98  ? -6.392  -9.439  11.540  1.00 10.66  ? 97  GLY A O     1 
ATOM 684  N N     . THR A 1 99  ? -4.670  -8.590  10.370  1.00 10.80  ? 98  THR A N     1 
ATOM 685  C CA    . THR A 1 99  ? -4.795  -7.261  10.960  1.00 10.98  ? 98  THR A CA    1 
ATOM 686  C C     . THR A 1 99  ? -4.383  -6.167  9.989   1.00 9.65   ? 98  THR A C     1 
ATOM 687  O O     . THR A 1 99  ? -3.895  -6.423  8.888   1.00 10.17  ? 98  THR A O     1 
ATOM 688  C CB    . THR A 1 99  ? -3.856  -7.067  12.180  1.00 10.45  ? 98  THR A CB    1 
ATOM 689  O OG1   . THR A 1 99  ? -2.493  -7.053  11.729  1.00 10.93  ? 98  THR A OG1   1 
ATOM 690  C CG2   . THR A 1 99  ? -4.040  -8.173  13.205  1.00 11.92  ? 98  THR A CG2   1 
ATOM 691  N N     . THR A 1 100 ? -4.603  -4.934  10.422  1.00 12.33  ? 99  THR A N     1 
ATOM 692  C CA    . THR A 1 100 ? -4.153  -3.766  9.687   1.00 11.87  ? 99  THR A CA    1 
ATOM 693  C C     . THR A 1 100 ? -3.074  -3.298  10.659  1.00 10.66  ? 99  THR A C     1 
ATOM 694  O O     . THR A 1 100 ? -3.370  -2.978  11.812  1.00 12.57  ? 99  THR A O     1 
ATOM 695  C CB    . THR A 1 100 ? -5.239  -2.691  9.559   1.00 11.73  ? 99  THR A CB    1 
ATOM 696  O OG1   . THR A 1 100 ? -6.268  -3.156  8.677   1.00 13.32  ? 99  THR A OG1   1 
ATOM 697  C CG2   . THR A 1 100 ? -4.642  -1.408  8.985   1.00 12.22  ? 99  THR A CG2   1 
ATOM 698  N N     . PRO A 1 101 ? -1.806  -3.295  10.224  1.00 11.87  ? 100 PRO A N     1 
ATOM 699  C CA    . PRO A 1 101 ? -0.693  -2.873  11.083  1.00 11.48  ? 100 PRO A CA    1 
ATOM 700  C C     . PRO A 1 101 ? -0.885  -1.490  11.680  1.00 12.61  ? 100 PRO A C     1 
ATOM 701  O O     . PRO A 1 101 ? -1.539  -0.634  11.087  1.00 11.60  ? 100 PRO A O     1 
ATOM 702  C CB    . PRO A 1 101 ? 0.507   -2.911  10.138  1.00 13.18  ? 100 PRO A CB    1 
ATOM 703  C CG    . PRO A 1 101 ? 0.132   -3.955  9.148   1.00 13.34  ? 100 PRO A CG    1 
ATOM 704  C CD    . PRO A 1 101 ? -1.319  -3.656  8.882   1.00 11.69  ? 100 PRO A CD    1 
ATOM 705  N N     . THR A 1 102 ? -0.314  -1.275  12.859  1.00 12.46  ? 101 THR A N     1 
ATOM 706  C CA    . THR A 1 102 ? -0.407  0.026   13.503  1.00 12.59  ? 101 THR A CA    1 
ATOM 707  C C     . THR A 1 102 ? 0.774   0.865   13.043  1.00 11.56  ? 101 THR A C     1 
ATOM 708  O O     . THR A 1 102 ? 1.761   0.340   12.524  1.00 11.46  ? 101 THR A O     1 
ATOM 709  C CB    . THR A 1 102 ? -0.334  -0.075  15.039  1.00 13.96  ? 101 THR A CB    1 
ATOM 710  O OG1   . THR A 1 102 ? 0.955   -0.578  15.415  1.00 14.49  ? 101 THR A OG1   1 
ATOM 711  C CG2   . THR A 1 102 ? -1.427  -0.992  15.573  1.00 14.44  ? 101 THR A CG2   1 
ATOM 712  N N     . VAL A 1 103 ? 0.673   2.175   13.234  1.00 11.43  ? 102 VAL A N     1 
ATOM 713  C CA    . VAL A 1 103 ? 1.746   3.074   12.846  1.00 10.49  ? 102 VAL A CA    1 
ATOM 714  C C     . VAL A 1 103 ? 3.032   2.751   13.609  1.00 9.87   ? 102 VAL A C     1 
ATOM 715  O O     . VAL A 1 103 ? 4.113   2.733   13.027  1.00 10.49  ? 102 VAL A O     1 
ATOM 716  C CB    . VAL A 1 103 ? 1.344   4.545   13.104  1.00 10.31  ? 102 VAL A CB    1 
ATOM 717  C CG1   . VAL A 1 103 ? 2.534   5.475   12.869  1.00 11.69  ? 102 VAL A CG1   1 
ATOM 718  C CG2   . VAL A 1 103 ? 0.189   4.924   12.183  1.00 11.25  ? 102 VAL A CG2   1 
ATOM 719  N N     . LEU A 1 104 ? 2.908   2.477   14.906  1.00 10.10  ? 103 LEU A N     1 
ATOM 720  C CA    . LEU A 1 104 ? 4.080   2.170   15.726  1.00 10.26  ? 103 LEU A CA    1 
ATOM 721  C C     . LEU A 1 104 ? 4.772   0.859   15.356  1.00 11.04  ? 103 LEU A C     1 
ATOM 722  O O     . LEU A 1 104 ? 5.922   0.636   15.732  1.00 11.30  ? 103 LEU A O     1 
ATOM 723  C CB    . LEU A 1 104 ? 3.709   2.179   17.213  1.00 11.63  ? 103 LEU A CB    1 
ATOM 724  C CG    . LEU A 1 104 ? 3.449   3.570   17.807  1.00 13.63  ? 103 LEU A CG    1 
ATOM 725  C CD1   . LEU A 1 104 ? 2.949   3.433   19.240  1.00 14.90  ? 103 LEU A CD1   1 
ATOM 726  C CD2   . LEU A 1 104 ? 4.726   4.406   17.761  1.00 13.99  ? 103 LEU A CD2   1 
ATOM 727  N N     . GLU A 1 105 ? 4.083   -0.016  14.633  1.00 10.47  ? 104 GLU A N     1 
ATOM 728  C CA    . GLU A 1 105 ? 4.719   -1.262  14.211  1.00 10.12  ? 104 GLU A CA    1 
ATOM 729  C C     . GLU A 1 105 ? 5.721   -0.947  13.112  1.00 9.12   ? 104 GLU A C     1 
ATOM 730  O O     . GLU A 1 105 ? 6.733   -1.627  12.973  1.00 9.87   ? 104 GLU A O     1 
ATOM 731  C CB    . GLU A 1 105 ? 3.703   -2.253  13.646  1.00 10.24  ? 104 GLU A CB    1 
ATOM 732  C CG    . GLU A 1 105 ? 2.881   -2.997  14.668  1.00 13.23  ? 104 GLU A CG    1 
ATOM 733  C CD    . GLU A 1 105 ? 2.027   -4.067  14.019  1.00 12.86  ? 104 GLU A CD    1 
ATOM 734  O OE1   . GLU A 1 105 ? 2.586   -5.094  13.572  1.00 14.91  ? 104 GLU A OE1   1 
ATOM 735  O OE2   . GLU A 1 105 ? 0.798   -3.873  13.945  1.00 15.41  ? 104 GLU A OE2   1 
ATOM 736  N N     . VAL A 1 106 ? 5.428   0.087   12.328  1.00 7.70   ? 105 VAL A N     1 
ATOM 737  C CA    . VAL A 1 106 ? 6.284   0.481   11.215  1.00 8.72   ? 105 VAL A CA    1 
ATOM 738  C C     . VAL A 1 106 ? 7.316   1.546   11.573  1.00 8.09   ? 105 VAL A C     1 
ATOM 739  O O     . VAL A 1 106 ? 8.476   1.457   11.160  1.00 9.65   ? 105 VAL A O     1 
ATOM 740  C CB    . VAL A 1 106 ? 5.436   1.003   10.028  1.00 8.82   ? 105 VAL A CB    1 
ATOM 741  C CG1   . VAL A 1 106 ? 6.336   1.403   8.873   1.00 10.80  ? 105 VAL A CG1   1 
ATOM 742  C CG2   . VAL A 1 106 ? 4.446   -0.068  9.591   1.00 11.77  ? 105 VAL A CG2   1 
ATOM 743  N N     . LEU A 1 107 ? 6.888   2.546   12.338  1.00 8.44   ? 106 LEU A N     1 
ATOM 744  C CA    . LEU A 1 107 ? 7.761   3.646   12.736  1.00 9.51   ? 106 LEU A CA    1 
ATOM 745  C C     . LEU A 1 107 ? 8.173   3.562   14.199  1.00 9.34   ? 106 LEU A C     1 
ATOM 746  O O     . LEU A 1 107 ? 7.383   3.163   15.054  1.00 10.27  ? 106 LEU A O     1 
ATOM 747  C CB    . LEU A 1 107 ? 7.066   4.986   12.483  1.00 8.53   ? 106 LEU A CB    1 
ATOM 748  C CG    . LEU A 1 107 ? 6.715   5.291   11.022  1.00 9.36   ? 106 LEU A CG    1 
ATOM 749  C CD1   . LEU A 1 107 ? 5.951   6.605   10.945  1.00 9.89   ? 106 LEU A CD1   1 
ATOM 750  C CD2   . LEU A 1 107 ? 7.985   5.362   10.192  1.00 10.28  ? 106 LEU A CD2   1 
ATOM 751  N N     . ASN A 1 108 ? 9.414   3.950   14.482  1.00 9.50   ? 107 ASN A N     1 
ATOM 752  C CA    . ASN A 1 108 ? 9.923   3.923   15.846  1.00 9.52   ? 107 ASN A CA    1 
ATOM 753  C C     . ASN A 1 108 ? 9.007   4.752   16.749  1.00 9.66   ? 107 ASN A C     1 
ATOM 754  O O     . ASN A 1 108 ? 8.614   4.299   17.827  1.00 11.57  ? 107 ASN A O     1 
ATOM 755  C CB    . ASN A 1 108 ? 11.347  4.471   15.883  1.00 11.35  ? 107 ASN A CB    1 
ATOM 756  C CG    . ASN A 1 108 ? 11.994  4.290   17.233  1.00 12.48  ? 107 ASN A CG    1 
ATOM 757  O OD1   . ASN A 1 108 ? 12.083  3.169   17.741  1.00 13.04  ? 107 ASN A OD1   1 
ATOM 758  N ND2   . ASN A 1 108 ? 12.443  5.387   17.829  1.00 12.26  ? 107 ASN A ND2   1 
ATOM 759  N N     . THR A 1 109 ? 8.682   5.967   16.317  1.00 10.23  ? 108 THR A N     1 
ATOM 760  C CA    . THR A 1 109 ? 7.754   6.825   17.058  1.00 11.23  ? 108 THR A CA    1 
ATOM 761  C C     . THR A 1 109 ? 6.702   7.327   16.071  1.00 11.03  ? 108 THR A C     1 
ATOM 762  O O     . THR A 1 109 ? 6.937   7.338   14.863  1.00 10.16  ? 108 THR A O     1 
ATOM 763  C CB    . THR A 1 109 ? 8.451   8.039   17.729  1.00 12.27  ? 108 THR A CB    1 
ATOM 764  O OG1   . THR A 1 109 ? 9.208   8.776   16.760  1.00 13.10  ? 108 THR A OG1   1 
ATOM 765  C CG2   . THR A 1 109 ? 9.367   7.566   18.848  1.00 13.56  ? 108 THR A CG2   1 
ATOM 766  N N     . ALA A 1 110 ? 5.543   7.725   16.583  1.00 11.32  ? 109 ALA A N     1 
ATOM 767  C CA    . ALA A 1 110 ? 4.461   8.207   15.731  1.00 12.14  ? 109 ALA A CA    1 
ATOM 768  C C     . ALA A 1 110 ? 4.678   9.669   15.344  1.00 12.02  ? 109 ALA A C     1 
ATOM 769  O O     . ALA A 1 110 ? 3.952   10.563  15.786  1.00 13.26  ? 109 ALA A O     1 
ATOM 770  C CB    . ALA A 1 110 ? 3.120   8.037   16.444  1.00 12.81  ? 109 ALA A CB    1 
ATOM 771  N N     . ASN A 1 111 ? 5.689   9.895   14.515  1.00 10.65  ? 110 ASN A N     1 
ATOM 772  C CA    . ASN A 1 111 ? 6.034   11.229  14.045  1.00 11.01  ? 110 ASN A CA    1 
ATOM 773  C C     . ASN A 1 111 ? 6.467   11.094  12.591  1.00 10.16  ? 110 ASN A C     1 
ATOM 774  O O     . ASN A 1 111 ? 7.155   10.136  12.231  1.00 10.05  ? 110 ASN A O     1 
ATOM 775  C CB    . ASN A 1 111 ? 7.169   11.809  14.900  1.00 11.76  ? 110 ASN A CB    1 
ATOM 776  C CG    . ASN A 1 111 ? 7.505   13.236  14.530  1.00 13.00  ? 110 ASN A CG    1 
ATOM 777  O OD1   . ASN A 1 111 ? 8.237   13.487  13.577  1.00 12.31  ? 110 ASN A OD1   1 
ATOM 778  N ND2   . ASN A 1 111 ? 6.958   14.188  15.283  1.00 15.43  ? 110 ASN A ND2   1 
ATOM 779  N N     . PHE A 1 112 ? 6.066   12.048  11.757  1.00 9.77   ? 111 PHE A N     1 
ATOM 780  C CA    . PHE A 1 112 ? 6.383   12.002  10.336  1.00 10.15  ? 111 PHE A CA    1 
ATOM 781  C C     . PHE A 1 112 ? 7.875   11.991  10.001  1.00 9.74   ? 111 PHE A C     1 
ATOM 782  O O     . PHE A 1 112 ? 8.250   11.657  8.878   1.00 11.25  ? 111 PHE A O     1 
ATOM 783  C CB    . PHE A 1 112 ? 5.684   13.157  9.607   1.00 9.80   ? 111 PHE A CB    1 
ATOM 784  C CG    . PHE A 1 112 ? 6.352   14.488  9.794   1.00 11.17  ? 111 PHE A CG    1 
ATOM 785  C CD1   . PHE A 1 112 ? 7.151   15.018  8.785   1.00 10.71  ? 111 PHE A CD1   1 
ATOM 786  C CD2   . PHE A 1 112 ? 6.208   15.198  10.980  1.00 10.79  ? 111 PHE A CD2   1 
ATOM 787  C CE1   . PHE A 1 112 ? 7.797   16.240  8.954   1.00 13.30  ? 111 PHE A CE1   1 
ATOM 788  C CE2   . PHE A 1 112 ? 6.851   16.424  11.161  1.00 11.74  ? 111 PHE A CE2   1 
ATOM 789  C CZ    . PHE A 1 112 ? 7.647   16.943  10.147  1.00 11.64  ? 111 PHE A CZ    1 
ATOM 790  N N     . MET A 1 113 ? 8.722   12.344  10.966  1.00 10.28  ? 112 MET A N     1 
ATOM 791  C CA    . MET A 1 113 ? 10.174  12.347  10.752  1.00 11.70  ? 112 MET A CA    1 
ATOM 792  C C     . MET A 1 113 ? 10.836  11.063  11.252  1.00 11.23  ? 112 MET A C     1 
ATOM 793  O O     . MET A 1 113 ? 12.019  10.832  11.006  1.00 11.24  ? 112 MET A O     1 
ATOM 794  C CB    . MET A 1 113 ? 10.821  13.532  11.481  1.00 12.12  ? 112 MET A CB    1 
ATOM 795  C CG    . MET A 1 113 ? 10.754  14.864  10.748  1.00 13.96  ? 112 MET A CG    1 
ATOM 796  S SD    . MET A 1 113 ? 11.745  14.892  9.253   1.00 17.41  ? 112 MET A SD    1 
ATOM 797  C CE    . MET A 1 113 ? 13.426  14.930  9.948   1.00 14.52  ? 112 MET A CE    1 
ATOM 798  N N     . SER A 1 114 ? 10.074  10.226  11.948  1.00 10.22  ? 113 SER A N     1 
ATOM 799  C CA    . SER A 1 114 ? 10.618  8.992   12.513  1.00 9.36   ? 113 SER A CA    1 
ATOM 800  C C     . SER A 1 114 ? 11.237  7.991   11.546  1.00 9.00   ? 113 SER A C     1 
ATOM 801  O O     . SER A 1 114 ? 10.815  7.860   10.395  1.00 9.82   ? 113 SER A O     1 
ATOM 802  C CB    . SER A 1 114 ? 9.539   8.271   13.322  1.00 8.91   ? 113 SER A CB    1 
ATOM 803  O OG    . SER A 1 114 ? 10.066  7.105   13.943  1.00 10.07  ? 113 SER A OG    1 
ATOM 804  N N     . GLN A 1 115 ? 12.248  7.280   12.036  1.00 8.99   ? 114 GLN A N     1 
ATOM 805  C CA    . GLN A 1 115 ? 12.904  6.233   11.263  1.00 9.81   ? 114 GLN A CA    1 
ATOM 806  C C     . GLN A 1 115 ? 12.054  4.987   11.517  1.00 9.58   ? 114 GLN A C     1 
ATOM 807  O O     . GLN A 1 115 ? 11.141  5.011   12.352  1.00 9.10   ? 114 GLN A O     1 
ATOM 808  C CB    . GLN A 1 115 ? 14.330  6.005   11.773  1.00 9.87   ? 114 GLN A CB    1 
ATOM 809  C CG    . GLN A 1 115 ? 15.292  7.167   11.534  1.00 12.18  ? 114 GLN A CG    1 
ATOM 810  C CD    . GLN A 1 115 ? 15.659  7.337   10.073  1.00 12.88  ? 114 GLN A CD    1 
ATOM 811  O OE1   . GLN A 1 115 ? 15.842  6.355   9.353   1.00 15.34  ? 114 GLN A OE1   1 
ATOM 812  N NE2   . GLN A 1 115 ? 15.789  8.584   9.630   1.00 15.19  ? 114 GLN A NE2   1 
ATOM 813  N N     . TYR A 1 116 ? 12.347  3.899   10.818  1.00 10.24  ? 115 TYR A N     1 
ATOM 814  C CA    . TYR A 1 116 ? 11.574  2.675   10.996  1.00 10.97  ? 115 TYR A CA    1 
ATOM 815  C C     . TYR A 1 116 ? 11.779  2.020   12.356  1.00 11.05  ? 115 TYR A C     1 
ATOM 816  O O     . TYR A 1 116 ? 12.795  2.230   13.022  1.00 11.33  ? 115 TYR A O     1 
ATOM 817  C CB    . TYR A 1 116 ? 11.922  1.660   9.900   1.00 11.09  ? 115 TYR A CB    1 
ATOM 818  C CG    . TYR A 1 116 ? 11.745  2.196   8.498   1.00 11.93  ? 115 TYR A CG    1 
ATOM 819  C CD1   . TYR A 1 116 ? 12.691  1.934   7.513   1.00 11.58  ? 115 TYR A CD1   1 
ATOM 820  C CD2   . TYR A 1 116 ? 10.651  2.995   8.166   1.00 13.27  ? 115 TYR A CD2   1 
ATOM 821  C CE1   . TYR A 1 116 ? 12.562  2.458   6.236   1.00 12.61  ? 115 TYR A CE1   1 
ATOM 822  C CE2   . TYR A 1 116 ? 10.511  3.527   6.888   1.00 12.40  ? 115 TYR A CE2   1 
ATOM 823  C CZ    . TYR A 1 116 ? 11.475  3.256   5.929   1.00 12.25  ? 115 TYR A CZ    1 
ATOM 824  O OH    . TYR A 1 116 ? 11.376  3.800   4.671   1.00 13.34  ? 115 TYR A OH    1 
ATOM 825  N N     . ASN A 1 117 ? 10.792  1.228   12.756  1.00 10.20  ? 116 ASN A N     1 
ATOM 826  C CA    . ASN A 1 117 ? 10.825  0.476   14.011  1.00 10.72  ? 116 ASN A CA    1 
ATOM 827  C C     . ASN A 1 117 ? 12.017  -0.486  13.875  1.00 10.29  ? 116 ASN A C     1 
ATOM 828  O O     . ASN A 1 117 ? 12.044  -1.324  12.976  1.00 9.68   ? 116 ASN A O     1 
ATOM 829  C CB    . ASN A 1 117 ? 9.512   -0.304  14.144  1.00 9.79   ? 116 ASN A CB    1 
ATOM 830  C CG    . ASN A 1 117 ? 9.446   -1.147  15.400  1.00 11.42  ? 116 ASN A CG    1 
ATOM 831  O OD1   . ASN A 1 117 ? 10.389  -1.857  15.743  1.00 11.61  ? 116 ASN A OD1   1 
ATOM 832  N ND2   . ASN A 1 117 ? 8.307   -1.090  16.083  1.00 10.60  ? 116 ASN A ND2   1 
ATOM 833  N N     . PRO A 1 118 ? 13.017  -0.379  14.766  1.00 11.17  ? 117 PRO A N     1 
ATOM 834  C CA    . PRO A 1 118 ? 14.190  -1.260  14.686  1.00 10.25  ? 117 PRO A CA    1 
ATOM 835  C C     . PRO A 1 118 ? 13.900  -2.755  14.758  1.00 9.95   ? 117 PRO A C     1 
ATOM 836  O O     . PRO A 1 118 ? 14.494  -3.544  14.027  1.00 11.09  ? 117 PRO A O     1 
ATOM 837  C CB    . PRO A 1 118 ? 15.054  -0.801  15.862  1.00 12.36  ? 117 PRO A CB    1 
ATOM 838  C CG    . PRO A 1 118 ? 14.669  0.631   16.036  1.00 13.33  ? 117 PRO A CG    1 
ATOM 839  C CD    . PRO A 1 118 ? 13.168  0.590   15.863  1.00 10.34  ? 117 PRO A CD    1 
ATOM 840  N N     . ILE A 1 119 ? 12.985  -3.138  15.638  1.00 9.46   ? 118 ILE A N     1 
ATOM 841  C CA    . ILE A 1 119 ? 12.655  -4.545  15.822  1.00 9.76   ? 118 ILE A CA    1 
ATOM 842  C C     . ILE A 1 119 ? 11.902  -5.172  14.651  1.00 10.70  ? 118 ILE A C     1 
ATOM 843  O O     . ILE A 1 119 ? 12.299  -6.229  14.150  1.00 10.34  ? 118 ILE A O     1 
ATOM 844  C CB    . ILE A 1 119 ? 11.846  -4.742  17.119  1.00 10.85  ? 118 ILE A CB    1 
ATOM 845  C CG1   . ILE A 1 119 ? 12.697  -4.310  18.318  1.00 13.27  ? 118 ILE A CG1   1 
ATOM 846  C CG2   . ILE A 1 119 ? 11.430  -6.198  17.266  1.00 13.04  ? 118 ILE A CG2   1 
ATOM 847  C CD1   . ILE A 1 119 ? 11.979  -4.384  19.652  1.00 15.32  ? 118 ILE A CD1   1 
ATOM 848  N N     . THR A 1 120 ? 10.826  -4.534  14.202  1.00 9.96   ? 119 THR A N     1 
ATOM 849  C CA    . THR A 1 120 ? 10.068  -5.114  13.102  1.00 10.20  ? 119 THR A CA    1 
ATOM 850  C C     . THR A 1 120 ? 10.860  -5.144  11.798  1.00 10.18  ? 119 THR A C     1 
ATOM 851  O O     . THR A 1 120 ? 10.679  -6.051  10.986  1.00 10.73  ? 119 THR A O     1 
ATOM 852  C CB    . THR A 1 120 ? 8.730   -4.382  12.891  1.00 10.10  ? 119 THR A CB    1 
ATOM 853  O OG1   . THR A 1 120 ? 8.974   -3.017  12.542  1.00 10.80  ? 119 THR A OG1   1 
ATOM 854  C CG2   . THR A 1 120 ? 7.893   -4.441  14.165  1.00 9.93   ? 119 THR A CG2   1 
ATOM 855  N N     . LEU A 1 121 ? 11.742  -4.171  11.591  1.00 9.52   ? 120 LEU A N     1 
ATOM 856  C CA    . LEU A 1 121 ? 12.546  -4.180  10.376  1.00 10.87  ? 120 LEU A CA    1 
ATOM 857  C C     . LEU A 1 121 ? 13.675  -5.213  10.486  1.00 10.49  ? 120 LEU A C     1 
ATOM 858  O O     . LEU A 1 121 ? 14.015  -5.864  9.500   1.00 11.59  ? 120 LEU A O     1 
ATOM 859  C CB    . LEU A 1 121 ? 13.119  -2.784  10.084  1.00 11.34  ? 120 LEU A CB    1 
ATOM 860  C CG    . LEU A 1 121 ? 12.277  -1.897  9.155   1.00 12.11  ? 120 LEU A CG    1 
ATOM 861  C CD1   . LEU A 1 121 ? 12.212  -2.519  7.764   1.00 14.59  ? 120 LEU A CD1   1 
ATOM 862  C CD2   . LEU A 1 121 ? 10.872  -1.724  9.722   1.00 12.97  ? 120 LEU A CD2   1 
ATOM 863  N N     . GLN A 1 122 ? 14.246  -5.379  11.676  1.00 10.64  ? 121 GLN A N     1 
ATOM 864  C CA    . GLN A 1 122 ? 15.312  -6.370  11.845  1.00 10.11  ? 121 GLN A CA    1 
ATOM 865  C C     . GLN A 1 122 ? 14.822  -7.769  11.481  1.00 9.98   ? 121 GLN A C     1 
ATOM 866  O O     . GLN A 1 122 ? 15.500  -8.516  10.773  1.00 11.69  ? 121 GLN A O     1 
ATOM 867  C CB    . GLN A 1 122 ? 15.817  -6.401  13.294  1.00 10.76  ? 121 GLN A CB    1 
ATOM 868  C CG    . GLN A 1 122 ? 16.854  -7.508  13.524  1.00 10.14  ? 121 GLN A CG    1 
ATOM 869  C CD    . GLN A 1 122 ? 17.192  -7.732  14.989  1.00 10.26  ? 121 GLN A CD    1 
ATOM 870  O OE1   . GLN A 1 122 ? 16.366  -8.214  15.768  1.00 11.19  ? 121 GLN A OE1   1 
ATOM 871  N NE2   . GLN A 1 122 ? 18.418  -7.391  15.366  1.00 10.47  ? 121 GLN A NE2   1 
ATOM 872  N N     . GLN A 1 123 ? 13.633  -8.114  11.968  1.00 9.94   ? 122 GLN A N     1 
ATOM 873  C CA    . GLN A 1 123 ? 13.050  -9.430  11.725  1.00 10.12  ? 122 GLN A CA    1 
ATOM 874  C C     . GLN A 1 123 ? 12.352  -9.535  10.373  1.00 11.03  ? 122 GLN A C     1 
ATOM 875  O O     . GLN A 1 123 ? 11.810  -10.586 10.031  1.00 11.71  ? 122 GLN A O     1 
ATOM 876  C CB    . GLN A 1 123 ? 12.060  -9.759  12.846  1.00 10.32  ? 122 GLN A CB    1 
ATOM 877  C CG    . GLN A 1 123 ? 10.811  -8.891  12.820  1.00 10.22  ? 122 GLN A CG    1 
ATOM 878  C CD    . GLN A 1 123 ? 10.014  -8.950  14.110  1.00 10.27  ? 122 GLN A CD    1 
ATOM 879  O OE1   . GLN A 1 123 ? 8.785   -8.900  14.090  1.00 10.73  ? 122 GLN A OE1   1 
ATOM 880  N NE2   . GLN A 1 123 ? 10.709  -9.038  15.241  1.00 10.08  ? 122 GLN A NE2   1 
ATOM 881  N N     . LYS A 1 124 ? 12.367  -8.445  9.613   1.00 10.29  ? 123 LYS A N     1 
ATOM 882  C CA    . LYS A 1 124 ? 11.743  -8.397  8.293   1.00 11.64  ? 123 LYS A CA    1 
ATOM 883  C C     . LYS A 1 124 ? 10.241  -8.658  8.312   1.00 10.56  ? 123 LYS A C     1 
ATOM 884  O O     . LYS A 1 124 ? 9.703   -9.338  7.429   1.00 10.66  ? 123 LYS A O     1 
ATOM 885  C CB    . LYS A 1 124 ? 12.449  -9.372  7.344   1.00 13.59  ? 123 LYS A CB    1 
ATOM 886  C CG    . LYS A 1 124 ? 13.895  -8.989  7.071   1.00 16.90  ? 123 LYS A CG    1 
ATOM 887  C CD    . LYS A 1 124 ? 14.566  -9.961  6.117   1.00 21.75  ? 123 LYS A CD    1 
ATOM 888  C CE    . LYS A 1 124 ? 15.980  -9.510  5.799   1.00 25.14  ? 123 LYS A CE    1 
ATOM 889  N NZ    . LYS A 1 124 ? 16.803  -9.382  7.034   1.00 26.84  ? 123 LYS A NZ    1 
ATOM 890  N N     . ARG A 1 125 ? 9.566   -8.117  9.321   1.00 9.82   ? 124 ARG A N     1 
ATOM 891  C CA    . ARG A 1 125 ? 8.120   -8.262  9.420   1.00 8.56   ? 124 ARG A CA    1 
ATOM 892  C C     . ARG A 1 125 ? 7.525   -7.486  8.248   1.00 10.12  ? 124 ARG A C     1 
ATOM 893  O O     . ARG A 1 125 ? 6.498   -7.875  7.683   1.00 10.80  ? 124 ARG A O     1 
ATOM 894  C CB    . ARG A 1 125 ? 7.599   -7.679  10.742  1.00 8.69   ? 124 ARG A CB    1 
ATOM 895  C CG    . ARG A 1 125 ? 6.097   -7.882  10.938  1.00 10.46  ? 124 ARG A CG    1 
ATOM 896  C CD    . ARG A 1 125 ? 5.564   -7.190  12.189  1.00 10.05  ? 124 ARG A CD    1 
ATOM 897  N NE    . ARG A 1 125 ? 6.232   -7.649  13.404  1.00 10.00  ? 124 ARG A NE    1 
ATOM 898  C CZ    . ARG A 1 125 ? 5.836   -7.348  14.640  1.00 8.61   ? 124 ARG A CZ    1 
ATOM 899  N NH1   . ARG A 1 125 ? 6.517   -7.807  15.682  1.00 10.08  ? 124 ARG A NH1   1 
ATOM 900  N NH2   . ARG A 1 125 ? 4.753   -6.602  14.842  1.00 10.01  ? 124 ARG A NH2   1 
ATOM 901  N N     . PHE A 1 126 ? 8.186   -6.387  7.883   1.00 8.70   ? 125 PHE A N     1 
ATOM 902  C CA    . PHE A 1 126 ? 7.746   -5.543  6.778   1.00 9.49   ? 125 PHE A CA    1 
ATOM 903  C C     . PHE A 1 126 ? 8.859   -5.333  5.763   1.00 10.62  ? 125 PHE A C     1 
ATOM 904  O O     . PHE A 1 126 ? 10.043  -5.429  6.090   1.00 10.35  ? 125 PHE A O     1 
ATOM 905  C CB    . PHE A 1 126 ? 7.335   -4.148  7.277   1.00 9.95   ? 125 PHE A CB    1 
ATOM 906  C CG    . PHE A 1 126 ? 6.319   -4.163  8.376   1.00 9.58   ? 125 PHE A CG    1 
ATOM 907  C CD1   . PHE A 1 126 ? 6.667   -3.773  9.668   1.00 10.17  ? 125 PHE A CD1   1 
ATOM 908  C CD2   . PHE A 1 126 ? 5.015   -4.561  8.126   1.00 9.66   ? 125 PHE A CD2   1 
ATOM 909  C CE1   . PHE A 1 126 ? 5.727   -3.781  10.692  1.00 9.73   ? 125 PHE A CE1   1 
ATOM 910  C CE2   . PHE A 1 126 ? 4.064   -4.575  9.142   1.00 9.64   ? 125 PHE A CE2   1 
ATOM 911  C CZ    . PHE A 1 126 ? 4.419   -4.184  10.430  1.00 10.11  ? 125 PHE A CZ    1 
ATOM 912  N N     . THR A 1 127 ? 8.464   -5.049  4.529   1.00 9.41   ? 126 THR A N     1 
ATOM 913  C CA    . THR A 1 127 ? 9.410   -4.730  3.468   1.00 9.83   ? 126 THR A CA    1 
ATOM 914  C C     . THR A 1 127 ? 8.911   -3.388  2.945   1.00 10.00  ? 126 THR A C     1 
ATOM 915  O O     . THR A 1 127 ? 7.763   -3.277  2.522   1.00 10.33  ? 126 THR A O     1 
ATOM 916  C CB    . THR A 1 127 ? 9.397   -5.763  2.326   1.00 11.42  ? 126 THR A CB    1 
ATOM 917  O OG1   . THR A 1 127 ? 9.939   -7.003  2.797   1.00 12.29  ? 126 THR A OG1   1 
ATOM 918  C CG2   . THR A 1 127 ? 10.236  -5.267  1.149   1.00 11.67  ? 126 THR A CG2   1 
ATOM 919  N N     . ILE A 1 128 ? 9.753   -2.362  3.011   1.00 10.13  ? 127 ILE A N     1 
ATOM 920  C CA    . ILE A 1 128 ? 9.359   -1.040  2.538   1.00 10.64  ? 127 ILE A CA    1 
ATOM 921  C C     . ILE A 1 128 ? 9.489   -0.996  1.023   1.00 10.33  ? 127 ILE A C     1 
ATOM 922  O O     . ILE A 1 128 ? 10.560  -1.252  0.475   1.00 12.32  ? 127 ILE A O     1 
ATOM 923  C CB    . ILE A 1 128 ? 10.250  0.068   3.157   1.00 11.57  ? 127 ILE A CB    1 
ATOM 924  C CG1   . ILE A 1 128 ? 10.225  -0.031  4.689   1.00 11.35  ? 127 ILE A CG1   1 
ATOM 925  C CG2   . ILE A 1 128 ? 9.761   1.443   2.700   1.00 12.79  ? 127 ILE A CG2   1 
ATOM 926  C CD1   . ILE A 1 128 ? 8.834   0.029   5.304   1.00 14.48  ? 127 ILE A CD1   1 
ATOM 927  N N     . LEU A 1 129 ? 8.389   -0.679  0.344   1.00 10.27  ? 128 LEU A N     1 
ATOM 928  C CA    . LEU A 1 129 ? 8.396   -0.616  -1.111  1.00 10.47  ? 128 LEU A CA    1 
ATOM 929  C C     . LEU A 1 129 ? 8.801   0.772   -1.598  1.00 10.86  ? 128 LEU A C     1 
ATOM 930  O O     . LEU A 1 129 ? 9.563   0.906   -2.555  1.00 11.11  ? 128 LEU A O     1 
ATOM 931  C CB    . LEU A 1 129 ? 7.010   -0.983  -1.656  1.00 10.41  ? 128 LEU A CB    1 
ATOM 932  C CG    . LEU A 1 129 ? 6.449   -2.326  -1.166  1.00 11.84  ? 128 LEU A CG    1 
ATOM 933  C CD1   . LEU A 1 129 ? 5.107   -2.595  -1.838  1.00 10.21  ? 128 LEU A CD1   1 
ATOM 934  C CD2   . LEU A 1 129 ? 7.437   -3.444  -1.473  1.00 11.97  ? 128 LEU A CD2   1 
ATOM 935  N N     . LYS A 1 130 ? 8.294   1.802   -0.929  1.00 11.29  ? 129 LYS A N     1 
ATOM 936  C CA    . LYS A 1 130 ? 8.616   3.177   -1.293  1.00 11.85  ? 129 LYS A CA    1 
ATOM 937  C C     . LYS A 1 130 ? 8.235   4.091   -0.139  1.00 11.22  ? 129 LYS A C     1 
ATOM 938  O O     . LYS A 1 130 ? 7.183   3.919   0.468   1.00 12.37  ? 129 LYS A O     1 
ATOM 939  C CB    . LYS A 1 130 ? 7.848   3.580   -2.555  1.00 12.61  ? 129 LYS A CB    1 
ATOM 940  C CG    . LYS A 1 130 ? 8.391   4.808   -3.263  1.00 18.28  ? 129 LYS A CG    1 
ATOM 941  C CD    . LYS A 1 130 ? 9.779   4.551   -3.828  1.00 21.62  ? 129 LYS A CD    1 
ATOM 942  C CE    . LYS A 1 130 ? 10.161  5.603   -4.860  1.00 25.66  ? 129 LYS A CE    1 
ATOM 943  N NZ    . LYS A 1 130 ? 10.053  6.989   -4.325  1.00 29.88  ? 129 LYS A NZ    1 
ATOM 944  N N     . ASP A 1 131 ? 9.096   5.060   0.158   1.00 11.35  ? 130 ASP A N     1 
ATOM 945  C CA    . ASP A 1 131 ? 8.857   6.010   1.241   1.00 11.64  ? 130 ASP A CA    1 
ATOM 946  C C     . ASP A 1 131 ? 8.935   7.388   0.587   1.00 10.67  ? 130 ASP A C     1 
ATOM 947  O O     . ASP A 1 131 ? 10.006  7.828   0.166   1.00 12.56  ? 130 ASP A O     1 
ATOM 948  C CB    . ASP A 1 131 ? 9.932   5.829   2.315   1.00 12.93  ? 130 ASP A CB    1 
ATOM 949  C CG    . ASP A 1 131 ? 9.578   6.494   3.631   1.00 14.68  ? 130 ASP A CG    1 
ATOM 950  O OD1   . ASP A 1 131 ? 10.103  6.043   4.676   1.00 15.49  ? 130 ASP A OD1   1 
ATOM 951  O OD2   . ASP A 1 131 ? 8.794   7.463   3.634   1.00 12.87  ? 130 ASP A OD2   1 
ATOM 952  N N     . VAL A 1 132 ? 7.786   8.054   0.499   1.00 10.45  ? 131 VAL A N     1 
ATOM 953  C CA    . VAL A 1 132 ? 7.672   9.354   -0.155  1.00 11.21  ? 131 VAL A CA    1 
ATOM 954  C C     . VAL A 1 132 ? 7.254   10.498  0.768   1.00 10.65  ? 131 VAL A C     1 
ATOM 955  O O     . VAL A 1 132 ? 6.297   10.373  1.528   1.00 11.67  ? 131 VAL A O     1 
ATOM 956  C CB    . VAL A 1 132 ? 6.639   9.274   -1.308  1.00 13.46  ? 131 VAL A CB    1 
ATOM 957  C CG1   . VAL A 1 132 ? 6.472   10.635  -1.970  1.00 16.60  ? 131 VAL A CG1   1 
ATOM 958  C CG2   . VAL A 1 132 ? 7.073   8.231   -2.323  1.00 17.86  ? 131 VAL A CG2   1 
ATOM 959  N N     . THR A 1 133 ? 7.973   11.613  0.693   1.00 11.59  ? 132 THR A N     1 
ATOM 960  C CA    . THR A 1 133 ? 7.643   12.785  1.496   1.00 12.11  ? 132 THR A CA    1 
ATOM 961  C C     . THR A 1 133 ? 7.357   13.961  0.568   1.00 11.17  ? 132 THR A C     1 
ATOM 962  O O     . THR A 1 133 ? 8.190   14.323  -0.271  1.00 12.89  ? 132 THR A O     1 
ATOM 963  C CB    . THR A 1 133 ? 8.790   13.160  2.465   1.00 12.86  ? 132 THR A CB    1 
ATOM 964  O OG1   . THR A 1 133 ? 8.842   12.206  3.533   1.00 16.52  ? 132 THR A OG1   1 
ATOM 965  C CG2   . THR A 1 133 ? 8.564   14.552  3.053   1.00 14.99  ? 132 THR A CG2   1 
ATOM 966  N N     . LEU A 1 134 ? 6.166   14.536  0.709   1.00 9.88   ? 133 LEU A N     1 
ATOM 967  C CA    . LEU A 1 134 ? 5.754   15.679  -0.103  1.00 10.84  ? 133 LEU A CA    1 
ATOM 968  C C     . LEU A 1 134 ? 5.554   16.901  0.782   1.00 9.93   ? 133 LEU A C     1 
ATOM 969  O O     . LEU A 1 134 ? 4.763   16.870  1.724   1.00 11.25  ? 133 LEU A O     1 
ATOM 970  C CB    . LEU A 1 134 ? 4.440   15.377  -0.832  1.00 10.22  ? 133 LEU A CB    1 
ATOM 971  C CG    . LEU A 1 134 ? 4.399   14.128  -1.713  1.00 12.28  ? 133 LEU A CG    1 
ATOM 972  C CD1   . LEU A 1 134 ? 3.039   14.039  -2.386  1.00 13.53  ? 133 LEU A CD1   1 
ATOM 973  C CD2   . LEU A 1 134 ? 5.509   14.182  -2.750  1.00 13.80  ? 133 LEU A CD2   1 
ATOM 974  N N     . ASN A 1 135 ? 6.278   17.972  0.476   1.00 10.54  ? 134 ASN A N     1 
ATOM 975  C CA    . ASN A 1 135 ? 6.171   19.218  1.228   1.00 10.39  ? 134 ASN A CA    1 
ATOM 976  C C     . ASN A 1 135 ? 5.302   20.168  0.410   1.00 10.37  ? 134 ASN A C     1 
ATOM 977  O O     . ASN A 1 135 ? 5.700   20.617  -0.663  1.00 12.45  ? 134 ASN A O     1 
ATOM 978  C CB    . ASN A 1 135 ? 7.560   19.821  1.439   1.00 11.18  ? 134 ASN A CB    1 
ATOM 979  C CG    . ASN A 1 135 ? 8.486   18.883  2.183   1.00 11.63  ? 134 ASN A CG    1 
ATOM 980  O OD1   . ASN A 1 135 ? 9.643   18.702  1.802   1.00 14.45  ? 134 ASN A OD1   1 
ATOM 981  N ND2   . ASN A 1 135 ? 7.983   18.285  3.254   1.00 9.08   ? 134 ASN A ND2   1 
ATOM 982  N N     . CYS A 1 136 ? 4.108   20.456  0.915   1.00 9.56   ? 135 CYS A N     1 
ATOM 983  C CA    . CYS A 1 136 ? 3.173   21.329  0.217   1.00 10.66  ? 135 CYS A CA    1 
ATOM 984  C C     . CYS A 1 136 ? 3.146   22.719  0.849   1.00 10.02  ? 135 CYS A C     1 
ATOM 985  O O     . CYS A 1 136 ? 2.796   22.879  2.023   1.00 10.25  ? 135 CYS A O     1 
ATOM 986  C CB    . CYS A 1 136 ? 1.788   20.688  0.231   1.00 10.38  ? 135 CYS A CB    1 
ATOM 987  S SG    . CYS A 1 136 ? 1.783   19.057  -0.580  1.00 13.17  ? 135 CYS A SG    1 
ATOM 988  N N     . SER A 1 137 ? 3.518   23.718  0.054   1.00 11.02  ? 136 SER A N     1 
ATOM 989  C CA    . SER A 1 137 ? 3.594   25.095  0.525   1.00 11.91  ? 136 SER A CA    1 
ATOM 990  C C     . SER A 1 137 ? 2.513   26.036  0.010   1.00 11.58  ? 136 SER A C     1 
ATOM 991  O O     . SER A 1 137 ? 2.275   26.123  -1.195  1.00 10.95  ? 136 SER A O     1 
ATOM 992  C CB    . SER A 1 137 ? 4.961   25.674  0.165   1.00 12.76  ? 136 SER A CB    1 
ATOM 993  O OG    . SER A 1 137 ? 5.031   27.043  0.517   1.00 14.29  ? 136 SER A OG    1 
ATOM 994  N N     . LEU A 1 138 ? 1.879   26.757  0.932   1.00 10.78  ? 137 LEU A N     1 
ATOM 995  C CA    . LEU A 1 138 ? 0.840   27.712  0.565   1.00 11.18  ? 137 LEU A CA    1 
ATOM 996  C C     . LEU A 1 138 ? 1.437   29.007  0.015   1.00 12.02  ? 137 LEU A C     1 
ATOM 997  O O     . LEU A 1 138 ? 0.710   29.951  -0.290  1.00 12.80  ? 137 LEU A O     1 
ATOM 998  C CB    . LEU A 1 138 ? -0.068  28.005  1.763   1.00 12.86  ? 137 LEU A CB    1 
ATOM 999  C CG    . LEU A 1 138 ? -1.015  26.857  2.121   1.00 14.10  ? 137 LEU A CG    1 
ATOM 1000 C CD1   . LEU A 1 138 ? -1.790  27.207  3.373   1.00 15.49  ? 137 LEU A CD1   1 
ATOM 1001 C CD2   . LEU A 1 138 ? -1.959  26.585  0.959   1.00 14.80  ? 137 LEU A CD2   1 
ATOM 1002 N N     . THR A 1 139 ? 2.762   29.054  -0.094  1.00 10.51  ? 138 THR A N     1 
ATOM 1003 C CA    . THR A 1 139 ? 3.437   30.209  -0.674  1.00 11.16  ? 138 THR A CA    1 
ATOM 1004 C C     . THR A 1 139 ? 4.225   29.724  -1.888  1.00 10.53  ? 138 THR A C     1 
ATOM 1005 O O     . THR A 1 139 ? 5.021   30.458  -2.469  1.00 11.00  ? 138 THR A O     1 
ATOM 1006 C CB    . THR A 1 139 ? 4.401   30.905  0.325   1.00 11.22  ? 138 THR A CB    1 
ATOM 1007 O OG1   . THR A 1 139 ? 5.341   29.957  0.851   1.00 11.12  ? 138 THR A OG1   1 
ATOM 1008 C CG2   . THR A 1 139 ? 3.614   31.528  1.465   1.00 11.94  ? 138 THR A CG2   1 
ATOM 1009 N N     . GLY A 1 140 ? 3.978   28.474  -2.272  1.00 9.54   ? 139 GLY A N     1 
ATOM 1010 C CA    . GLY A 1 140 ? 4.658   27.888  -3.414  1.00 9.97   ? 139 GLY A CA    1 
ATOM 1011 C C     . GLY A 1 140 ? 3.792   26.814  -4.050  1.00 10.21  ? 139 GLY A C     1 
ATOM 1012 O O     . GLY A 1 140 ? 2.656   27.084  -4.440  1.00 10.71  ? 139 GLY A O     1 
ATOM 1013 N N     . GLU A 1 141 ? 4.321   25.600  -4.161  1.00 10.99  ? 140 GLU A N     1 
ATOM 1014 C CA    . GLU A 1 141 ? 3.562   24.496  -4.738  1.00 11.83  ? 140 GLU A CA    1 
ATOM 1015 C C     . GLU A 1 141 ? 2.734   23.855  -3.632  1.00 11.36  ? 140 GLU A C     1 
ATOM 1016 O O     . GLU A 1 141 ? 3.243   23.068  -2.831  1.00 11.79  ? 140 GLU A O     1 
ATOM 1017 C CB    . GLU A 1 141 ? 4.505   23.461  -5.355  1.00 15.05  ? 140 GLU A CB    1 
ATOM 1018 C CG    . GLU A 1 141 ? 5.306   23.968  -6.541  1.00 19.25  ? 140 GLU A CG    1 
ATOM 1019 C CD    . GLU A 1 141 ? 4.425   24.519  -7.646  1.00 23.90  ? 140 GLU A CD    1 
ATOM 1020 O OE1   . GLU A 1 141 ? 4.258   25.755  -7.718  1.00 19.92  ? 140 GLU A OE1   1 
ATOM 1021 O OE2   . GLU A 1 141 ? 3.883   23.715  -8.438  1.00 26.52  ? 140 GLU A OE2   1 
ATOM 1022 N N     . SER A 1 142 ? 1.448   24.191  -3.598  1.00 10.61  ? 141 SER A N     1 
ATOM 1023 C CA    . SER A 1 142 ? 0.550   23.681  -2.570  1.00 10.55  ? 141 SER A CA    1 
ATOM 1024 C C     . SER A 1 142 ? 0.006   22.290  -2.861  1.00 10.45  ? 141 SER A C     1 
ATOM 1025 O O     . SER A 1 142 ? -0.534  21.636  -1.966  1.00 11.03  ? 141 SER A O     1 
ATOM 1026 C CB    . SER A 1 142 ? -0.613  24.657  -2.371  1.00 11.61  ? 141 SER A CB    1 
ATOM 1027 O OG    . SER A 1 142 ? -1.344  24.833  -3.574  1.00 12.23  ? 141 SER A OG    1 
ATOM 1028 N N     . ILE A 1 143 ? 0.145   21.848  -4.108  1.00 10.69  ? 142 ILE A N     1 
ATOM 1029 C CA    . ILE A 1 143 ? -0.330  20.533  -4.526  1.00 10.58  ? 142 ILE A CA    1 
ATOM 1030 C C     . ILE A 1 143 ? 0.825   19.734  -5.109  1.00 10.65  ? 142 ILE A C     1 
ATOM 1031 O O     . ILE A 1 143 ? 1.522   20.207  -6.004  1.00 10.37  ? 142 ILE A O     1 
ATOM 1032 C CB    . ILE A 1 143 ? -1.408  20.639  -5.623  1.00 11.47  ? 142 ILE A CB    1 
ATOM 1033 C CG1   . ILE A 1 143 ? -2.581  21.483  -5.126  1.00 11.80  ? 142 ILE A CG1   1 
ATOM 1034 C CG2   . ILE A 1 143 ? -1.877  19.240  -6.024  1.00 11.00  ? 142 ILE A CG2   1 
ATOM 1035 C CD1   . ILE A 1 143 ? -3.581  21.828  -6.214  1.00 12.47  ? 142 ILE A CD1   1 
ATOM 1036 N N     . LYS A 1 144 ? 1.029   18.526  -4.599  1.00 10.29  ? 143 LYS A N     1 
ATOM 1037 C CA    . LYS A 1 144 ? 2.093   17.670  -5.101  1.00 11.15  ? 143 LYS A CA    1 
ATOM 1038 C C     . LYS A 1 144 ? 1.593   16.235  -5.184  1.00 10.33  ? 143 LYS A C     1 
ATOM 1039 O O     . LYS A 1 144 ? 0.704   15.837  -4.431  1.00 10.71  ? 143 LYS A O     1 
ATOM 1040 C CB    . LYS A 1 144 ? 3.327   17.753  -4.194  1.00 12.84  ? 143 LYS A CB    1 
ATOM 1041 C CG    . LYS A 1 144 ? 4.033   19.102  -4.269  1.00 14.66  ? 143 LYS A CG    1 
ATOM 1042 C CD    . LYS A 1 144 ? 5.338   19.112  -3.493  1.00 16.19  ? 143 LYS A CD    1 
ATOM 1043 C CE    . LYS A 1 144 ? 6.048   20.447  -3.657  1.00 17.74  ? 143 LYS A CE    1 
ATOM 1044 N NZ    . LYS A 1 144 ? 7.319   20.508  -2.881  1.00 18.94  ? 143 LYS A NZ    1 
ATOM 1045 N N     . ASP A 1 145 ? 2.146   15.466  -6.117  1.00 11.49  ? 144 ASP A N     1 
ATOM 1046 C CA    . ASP A 1 145 ? 1.743   14.073  -6.277  1.00 11.87  ? 144 ASP A CA    1 
ATOM 1047 C C     . ASP A 1 145 ? 2.901   13.213  -6.759  1.00 12.71  ? 144 ASP A C     1 
ATOM 1048 O O     . ASP A 1 145 ? 3.895   13.719  -7.289  1.00 12.93  ? 144 ASP A O     1 
ATOM 1049 C CB    . ASP A 1 145 ? 0.571   13.957  -7.260  1.00 13.81  ? 144 ASP A CB    1 
ATOM 1050 C CG    . ASP A 1 145 ? 0.999   14.112  -8.706  1.00 16.93  ? 144 ASP A CG    1 
ATOM 1051 O OD1   . ASP A 1 145 ? 1.481   15.200  -9.081  1.00 18.46  ? 144 ASP A OD1   1 
ATOM 1052 O OD2   . ASP A 1 145 ? 0.852   13.138  -9.477  1.00 20.18  ? 144 ASP A OD2   1 
ATOM 1053 N N     . ARG A 1 146 ? 2.765   11.905  -6.571  1.00 11.06  ? 145 ARG A N     1 
ATOM 1054 C CA    . ARG A 1 146 ? 3.796   10.965  -6.983  1.00 11.58  ? 145 ARG A CA    1 
ATOM 1055 C C     . ARG A 1 146 ? 3.137   9.650   -7.367  1.00 10.88  ? 145 ARG A C     1 
ATOM 1056 O O     . ARG A 1 146 ? 2.240   9.178   -6.672  1.00 10.46  ? 145 ARG A O     1 
ATOM 1057 C CB    . ARG A 1 146 ? 4.775   10.719  -5.831  1.00 14.17  ? 145 ARG A CB    1 
ATOM 1058 C CG    . ARG A 1 146 ? 5.948   9.815   -6.179  1.00 19.32  ? 145 ARG A CG    1 
ATOM 1059 C CD    . ARG A 1 146 ? 6.945   10.545  -7.057  1.00 25.04  ? 145 ARG A CD    1 
ATOM 1060 N NE    . ARG A 1 146 ? 7.455   11.738  -6.386  1.00 31.09  ? 145 ARG A NE    1 
ATOM 1061 C CZ    . ARG A 1 146 ? 8.228   11.717  -5.303  1.00 33.55  ? 145 ARG A CZ    1 
ATOM 1062 N NH1   . ARG A 1 146 ? 8.592   10.559  -4.764  1.00 35.35  ? 145 ARG A NH1   1 
ATOM 1063 N NH2   . ARG A 1 146 ? 8.632   12.854  -4.754  1.00 34.85  ? 145 ARG A NH2   1 
ATOM 1064 N N     . ILE A 1 147 ? 3.571   9.073   -8.484  1.00 12.39  ? 146 ILE A N     1 
ATOM 1065 C CA    . ILE A 1 147 ? 3.046   7.789   -8.939  1.00 13.55  ? 146 ILE A CA    1 
ATOM 1066 C C     . ILE A 1 147 ? 4.229   6.831   -8.965  1.00 13.04  ? 146 ILE A C     1 
ATOM 1067 O O     . ILE A 1 147 ? 5.289   7.164   -9.494  1.00 13.14  ? 146 ILE A O     1 
ATOM 1068 C CB    . ILE A 1 147 ? 2.456   7.873   -10.362 1.00 17.59  ? 146 ILE A CB    1 
ATOM 1069 C CG1   . ILE A 1 147 ? 1.362   8.937   -10.420 1.00 20.20  ? 146 ILE A CG1   1 
ATOM 1070 C CG2   . ILE A 1 147 ? 1.889   6.516   -10.763 1.00 19.38  ? 146 ILE A CG2   1 
ATOM 1071 C CD1   . ILE A 1 147 ? 0.768   9.131   -11.802 1.00 24.25  ? 146 ILE A CD1   1 
ATOM 1072 N N     . ILE A 1 148 ? 4.051   5.646   -8.390  1.00 11.85  ? 147 ILE A N     1 
ATOM 1073 C CA    . ILE A 1 148 ? 5.121   4.658   -8.351  1.00 13.51  ? 147 ILE A CA    1 
ATOM 1074 C C     . ILE A 1 148 ? 4.626   3.298   -8.838  1.00 13.07  ? 147 ILE A C     1 
ATOM 1075 O O     . ILE A 1 148 ? 3.587   2.818   -8.392  1.00 12.01  ? 147 ILE A O     1 
ATOM 1076 C CB    . ILE A 1 148 ? 5.668   4.476   -6.919  1.00 14.55  ? 147 ILE A CB    1 
ATOM 1077 C CG1   . ILE A 1 148 ? 5.947   5.836   -6.277  1.00 17.39  ? 147 ILE A CG1   1 
ATOM 1078 C CG2   . ILE A 1 148 ? 6.941   3.645   -6.955  1.00 15.74  ? 147 ILE A CG2   1 
ATOM 1079 C CD1   . ILE A 1 148 ? 4.748   6.427   -5.573  1.00 20.71  ? 147 ILE A CD1   1 
ATOM 1080 N N     . ASN A 1 149 ? 5.372   2.685   -9.754  1.00 14.53  ? 148 ASN A N     1 
ATOM 1081 C CA    . ASN A 1 149 ? 5.011   1.370   -10.286 1.00 14.84  ? 148 ASN A CA    1 
ATOM 1082 C C     . ASN A 1 149 ? 6.117   0.384   -9.928  1.00 13.97  ? 148 ASN A C     1 
ATOM 1083 O O     . ASN A 1 149 ? 7.300   0.679   -10.109 1.00 14.51  ? 148 ASN A O     1 
ATOM 1084 C CB    . ASN A 1 149 ? 4.844   1.428   -11.807 1.00 18.04  ? 148 ASN A CB    1 
ATOM 1085 C CG    . ASN A 1 149 ? 4.325   0.117   -12.389 1.00 22.06  ? 148 ASN A CG    1 
ATOM 1086 O OD1   . ASN A 1 149 ? 3.227   -0.332  -12.061 1.00 23.67  ? 148 ASN A OD1   1 
ATOM 1087 N ND2   . ASN A 1 149 ? 5.120   -0.500  -13.255 1.00 25.53  ? 148 ASN A ND2   1 
ATOM 1088 N N     . LEU A 1 150 ? 5.733   -0.786  -9.428  1.00 12.35  ? 149 LEU A N     1 
ATOM 1089 C CA    . LEU A 1 150 ? 6.709   -1.793  -9.028  1.00 12.72  ? 149 LEU A CA    1 
ATOM 1090 C C     . LEU A 1 150 ? 6.227   -3.211  -9.283  1.00 12.01  ? 149 LEU A C     1 
ATOM 1091 O O     . LEU A 1 150 ? 5.022   -3.465  -9.322  1.00 11.62  ? 149 LEU A O     1 
ATOM 1092 C CB    . LEU A 1 150 ? 7.005   -1.676  -7.532  1.00 13.35  ? 149 LEU A CB    1 
ATOM 1093 C CG    . LEU A 1 150 ? 7.637   -0.403  -6.977  1.00 14.47  ? 149 LEU A CG    1 
ATOM 1094 C CD1   . LEU A 1 150 ? 7.565   -0.433  -5.456  1.00 15.80  ? 149 LEU A CD1   1 
ATOM 1095 C CD2   . LEU A 1 150 ? 9.079   -0.296  -7.452  1.00 17.16  ? 149 LEU A CD2   1 
ATOM 1096 N N     . PRO A 1 151 ? 7.164   -4.150  -9.482  1.00 11.94  ? 150 PRO A N     1 
ATOM 1097 C CA    . PRO A 1 151 ? 6.776   -5.544  -9.712  1.00 11.71  ? 150 PRO A CA    1 
ATOM 1098 C C     . PRO A 1 151 ? 6.295   -6.051  -8.356  1.00 12.20  ? 150 PRO A C     1 
ATOM 1099 O O     . PRO A 1 151 ? 6.746   -5.563  -7.317  1.00 12.19  ? 150 PRO A O     1 
ATOM 1100 C CB    . PRO A 1 151 ? 8.080   -6.200  -10.156 1.00 13.47  ? 150 PRO A CB    1 
ATOM 1101 C CG    . PRO A 1 151 ? 9.122   -5.393  -9.425  1.00 15.05  ? 150 PRO A CG    1 
ATOM 1102 C CD    . PRO A 1 151 ? 8.622   -3.981  -9.612  1.00 13.59  ? 150 PRO A CD    1 
ATOM 1103 N N     . GLY A 1 152 ? 5.386   -7.017  -8.352  1.00 10.80  ? 151 GLY A N     1 
ATOM 1104 C CA    . GLY A 1 152 ? 4.868   -7.515  -7.093  1.00 10.83  ? 151 GLY A CA    1 
ATOM 1105 C C     . GLY A 1 152 ? 5.309   -8.905  -6.698  1.00 11.04  ? 151 GLY A C     1 
ATOM 1106 O O     . GLY A 1 152 ? 6.183   -9.500  -7.327  1.00 12.62  ? 151 GLY A O     1 
ATOM 1107 N N     . GLN A 1 153 ? 4.686   -9.419  -5.644  1.00 11.43  ? 152 GLN A N     1 
ATOM 1108 C CA    . GLN A 1 153 ? 5.000   -10.741 -5.131  1.00 13.73  ? 152 GLN A CA    1 
ATOM 1109 C C     . GLN A 1 153 ? 3.726   -11.451 -4.696  1.00 11.93  ? 152 GLN A C     1 
ATOM 1110 O O     . GLN A 1 153 ? 2.617   -10.942 -4.859  1.00 11.19  ? 152 GLN A O     1 
ATOM 1111 C CB    . GLN A 1 153 ? 5.947   -10.630 -3.929  1.00 17.03  ? 152 GLN A CB    1 
ATOM 1112 C CG    . GLN A 1 153 ? 7.239   -9.889  -4.219  1.00 22.64  ? 152 GLN A CG    1 
ATOM 1113 C CD    . GLN A 1 153 ? 8.122   -9.749  -2.994  1.00 27.31  ? 152 GLN A CD    1 
ATOM 1114 O OE1   . GLN A 1 153 ? 7.723   -9.158  -1.991  1.00 30.65  ? 152 GLN A OE1   1 
ATOM 1115 N NE2   . GLN A 1 153 ? 9.333   -10.289 -3.072  1.00 30.64  ? 152 GLN A NE2   1 
ATOM 1116 N N     . LEU A 1 154 ? 3.906   -12.634 -4.130  1.00 11.51  ? 153 LEU A N     1 
ATOM 1117 C CA    . LEU A 1 154 ? 2.796   -13.432 -3.645  1.00 11.10  ? 153 LEU A CA    1 
ATOM 1118 C C     . LEU A 1 154 ? 2.026   -12.700 -2.546  1.00 10.56  ? 153 LEU A C     1 
ATOM 1119 O O     . LEU A 1 154 ? 2.608   -11.961 -1.749  1.00 10.30  ? 153 LEU A O     1 
ATOM 1120 C CB    . LEU A 1 154 ? 3.331   -14.749 -3.083  1.00 12.86  ? 153 LEU A CB    1 
ATOM 1121 C CG    . LEU A 1 154 ? 2.350   -15.702 -2.400  1.00 13.66  ? 153 LEU A CG    1 
ATOM 1122 C CD1   . LEU A 1 154 ? 1.407   -16.301 -3.432  1.00 16.16  ? 153 LEU A CD1   1 
ATOM 1123 C CD2   . LEU A 1 154 ? 3.131   -16.807 -1.699  1.00 15.91  ? 153 LEU A CD2   1 
ATOM 1124 N N     . VAL A 1 155 ? 0.711   -12.896 -2.522  1.00 9.94   ? 154 VAL A N     1 
ATOM 1125 C CA    . VAL A 1 155 ? -0.136  -12.319 -1.486  1.00 9.64   ? 154 VAL A CA    1 
ATOM 1126 C C     . VAL A 1 155 ? -1.018  -13.436 -0.939  1.00 9.67   ? 154 VAL A C     1 
ATOM 1127 O O     . VAL A 1 155 ? -1.752  -14.079 -1.692  1.00 10.16  ? 154 VAL A O     1 
ATOM 1128 C CB    . VAL A 1 155 ? -1.064  -11.203 -2.006  1.00 9.84   ? 154 VAL A CB    1 
ATOM 1129 C CG1   . VAL A 1 155 ? -1.890  -10.647 -0.847  1.00 11.92  ? 154 VAL A CG1   1 
ATOM 1130 C CG2   . VAL A 1 155 ? -0.251  -10.092 -2.645  1.00 11.87  ? 154 VAL A CG2   1 
ATOM 1131 N N     . ASN A 1 156 ? -0.924  -13.668 0.368   1.00 9.49   ? 155 ASN A N     1 
ATOM 1132 C CA    . ASN A 1 156 ? -1.720  -14.687 1.045   1.00 10.59  ? 155 ASN A CA    1 
ATOM 1133 C C     . ASN A 1 156 ? -2.828  -13.998 1.826   1.00 10.31  ? 155 ASN A C     1 
ATOM 1134 O O     . ASN A 1 156 ? -2.627  -12.900 2.349   1.00 10.51  ? 155 ASN A O     1 
ATOM 1135 C CB    . ASN A 1 156 ? -0.864  -15.471 2.044   1.00 11.31  ? 155 ASN A CB    1 
ATOM 1136 C CG    . ASN A 1 156 ? 0.242   -16.256 1.388   1.00 16.18  ? 155 ASN A CG    1 
ATOM 1137 O OD1   . ASN A 1 156 ? 0.003   -17.312 0.812   1.00 16.47  ? 155 ASN A OD1   1 
ATOM 1138 N ND2   . ASN A 1 156 ? 1.465   -15.742 1.469   1.00 16.49  ? 155 ASN A ND2   1 
ATOM 1139 N N     . TYR A 1 157 ? -3.986  -14.649 1.913   1.00 8.76   ? 156 TYR A N     1 
ATOM 1140 C CA    . TYR A 1 157 ? -5.124  -14.116 2.654   1.00 8.73   ? 156 TYR A CA    1 
ATOM 1141 C C     . TYR A 1 157 ? -5.538  -15.078 3.759   1.00 8.74   ? 156 TYR A C     1 
ATOM 1142 O O     . TYR A 1 157 ? -5.259  -16.278 3.688   1.00 8.87   ? 156 TYR A O     1 
ATOM 1143 C CB    . TYR A 1 157 ? -6.322  -13.871 1.726   1.00 7.88   ? 156 TYR A CB    1 
ATOM 1144 C CG    . TYR A 1 157 ? -6.107  -12.746 0.747   1.00 8.27   ? 156 TYR A CG    1 
ATOM 1145 C CD1   . TYR A 1 157 ? -5.354  -12.936 -0.408  1.00 7.50   ? 156 TYR A CD1   1 
ATOM 1146 C CD2   . TYR A 1 157 ? -6.618  -11.472 1.002   1.00 8.21   ? 156 TYR A CD2   1 
ATOM 1147 C CE1   . TYR A 1 157 ? -5.106  -11.889 -1.287  1.00 8.32   ? 156 TYR A CE1   1 
ATOM 1148 C CE2   . TYR A 1 157 ? -6.378  -10.418 0.127   1.00 8.27   ? 156 TYR A CE2   1 
ATOM 1149 C CZ    . TYR A 1 157 ? -5.615  -10.639 -1.011  1.00 7.75   ? 156 TYR A CZ    1 
ATOM 1150 O OH    . TYR A 1 157 ? -5.324  -9.606  -1.863  1.00 8.76   ? 156 TYR A OH    1 
ATOM 1151 N N     . ASN A 1 158 ? -6.198  -14.539 4.780   1.00 9.03   ? 157 ASN A N     1 
ATOM 1152 C CA    . ASN A 1 158 ? -6.670  -15.328 5.915   1.00 10.28  ? 157 ASN A CA    1 
ATOM 1153 C C     . ASN A 1 158 ? -8.188  -15.406 5.952   1.00 11.37  ? 157 ASN A C     1 
ATOM 1154 O O     . ASN A 1 158 ? -8.764  -15.939 6.901   1.00 12.42  ? 157 ASN A O     1 
ATOM 1155 C CB    . ASN A 1 158 ? -6.165  -14.722 7.225   1.00 8.70   ? 157 ASN A CB    1 
ATOM 1156 C CG    . ASN A 1 158 ? -4.741  -15.119 7.536   1.00 9.71   ? 157 ASN A CG    1 
ATOM 1157 O OD1   . ASN A 1 158 ? -4.417  -16.307 7.578   1.00 11.01  ? 157 ASN A OD1   1 
ATOM 1158 N ND2   . ASN A 1 158 ? -3.881  -14.131 7.763   1.00 11.10  ? 157 ASN A ND2   1 
ATOM 1159 N N     . GLY A 1 159 ? -8.828  -14.879 4.913   1.00 10.30  ? 158 GLY A N     1 
ATOM 1160 C CA    . GLY A 1 159 ? -10.276 -14.889 4.850   1.00 11.73  ? 158 GLY A CA    1 
ATOM 1161 C C     . GLY A 1 159 ? -10.780 -14.511 3.472   1.00 10.54  ? 158 GLY A C     1 
ATOM 1162 O O     . GLY A 1 159 ? -10.001 -14.114 2.607   1.00 11.39  ? 158 GLY A O     1 
ATOM 1163 N N     . ALA A 1 160 ? -12.092 -14.608 3.281   1.00 10.84  ? 159 ALA A N     1 
ATOM 1164 C CA    . ALA A 1 160 ? -12.706 -14.320 1.990   1.00 11.11  ? 159 ALA A CA    1 
ATOM 1165 C C     . ALA A 1 160 ? -13.161 -12.892 1.710   1.00 11.39  ? 159 ALA A C     1 
ATOM 1166 O O     . ALA A 1 160 ? -13.188 -12.483 0.551   1.00 12.40  ? 159 ALA A O     1 
ATOM 1167 C CB    . ALA A 1 160 ? -13.891 -15.266 1.776   1.00 12.14  ? 159 ALA A CB    1 
ATOM 1168 N N     . THR A 1 161 ? -13.510 -12.133 2.745   1.00 11.86  ? 160 THR A N     1 
ATOM 1169 C CA    . THR A 1 161 ? -14.020 -10.777 2.542   1.00 11.39  ? 160 THR A CA    1 
ATOM 1170 C C     . THR A 1 161 ? -13.060 -9.624  2.823   1.00 12.00  ? 160 THR A C     1 
ATOM 1171 O O     . THR A 1 161 ? -11.963 -9.817  3.347   1.00 10.54  ? 160 THR A O     1 
ATOM 1172 C CB    . THR A 1 161 ? -15.303 -10.565 3.368   1.00 12.05  ? 160 THR A CB    1 
ATOM 1173 O OG1   . THR A 1 161 ? -14.983 -10.572 4.764   1.00 14.55  ? 160 THR A OG1   1 
ATOM 1174 C CG2   . THR A 1 161 ? -16.307 -11.684 3.081   1.00 13.24  ? 160 THR A CG2   1 
ATOM 1175 N N     . ALA A 1 162 ? -13.499 -8.416  2.478   1.00 11.52  ? 161 ALA A N     1 
ATOM 1176 C CA    . ALA A 1 162 ? -12.680 -7.223  2.657   1.00 11.97  ? 161 ALA A CA    1 
ATOM 1177 C C     . ALA A 1 162 ? -12.687 -6.662  4.076   1.00 12.14  ? 161 ALA A C     1 
ATOM 1178 O O     . ALA A 1 162 ? -13.152 -5.543  4.312   1.00 13.61  ? 161 ALA A O     1 
ATOM 1179 C CB    . ALA A 1 162 ? -13.114 -6.148  1.666   1.00 11.35  ? 161 ALA A CB    1 
ATOM 1180 N N     . VAL A 1 163 ? -12.169 -7.445  5.017   1.00 12.05  ? 162 VAL A N     1 
ATOM 1181 C CA    . VAL A 1 163 ? -12.083 -7.026  6.411   1.00 11.98  ? 162 VAL A CA    1 
ATOM 1182 C C     . VAL A 1 163 ? -10.650 -7.272  6.863   1.00 11.56  ? 162 VAL A C     1 
ATOM 1183 O O     . VAL A 1 163 ? -9.930  -8.044  6.239   1.00 10.97  ? 162 VAL A O     1 
ATOM 1184 C CB    . VAL A 1 163 ? -13.058 -7.818  7.310   1.00 12.91  ? 162 VAL A CB    1 
ATOM 1185 C CG1   . VAL A 1 163 ? -14.494 -7.527  6.890   1.00 14.19  ? 162 VAL A CG1   1 
ATOM 1186 C CG2   . VAL A 1 163 ? -12.770 -9.306  7.217   1.00 13.61  ? 162 VAL A CG2   1 
ATOM 1187 N N     . ALA A 1 164 ? -10.237 -6.614  7.941   1.00 11.40  ? 163 ALA A N     1 
ATOM 1188 C CA    . ALA A 1 164 ? -8.873  -6.752  8.445   1.00 11.89  ? 163 ALA A CA    1 
ATOM 1189 C C     . ALA A 1 164 ? -8.446  -8.198  8.676   1.00 11.59  ? 163 ALA A C     1 
ATOM 1190 O O     . ALA A 1 164 ? -7.311  -8.574  8.374   1.00 11.16  ? 163 ALA A O     1 
ATOM 1191 C CB    . ALA A 1 164 ? -8.715  -5.951  9.733   1.00 12.50  ? 163 ALA A CB    1 
ATOM 1192 N N     . ALA A 1 165 ? -9.357  -9.012  9.201   1.00 10.19  ? 164 ALA A N     1 
ATOM 1193 C CA    . ALA A 1 165 ? -9.054  -10.410 9.485   1.00 10.23  ? 164 ALA A CA    1 
ATOM 1194 C C     . ALA A 1 165 ? -8.640  -11.215 8.255   1.00 9.78   ? 164 ALA A C     1 
ATOM 1195 O O     . ALA A 1 165 ? -8.063  -12.293 8.384   1.00 11.06  ? 164 ALA A O     1 
ATOM 1196 C CB    . ALA A 1 165 ? -10.248 -11.075 10.161  1.00 10.23  ? 164 ALA A CB    1 
ATOM 1197 N N     . SER A 1 166 ? -8.930  -10.694 7.065   1.00 9.43   ? 165 SER A N     1 
ATOM 1198 C CA    . SER A 1 166 ? -8.565  -11.397 5.842   1.00 9.84   ? 165 SER A CA    1 
ATOM 1199 C C     . SER A 1 166 ? -7.152  -11.098 5.365   1.00 8.78   ? 165 SER A C     1 
ATOM 1200 O O     . SER A 1 166 ? -6.632  -11.796 4.495   1.00 9.37   ? 165 SER A O     1 
ATOM 1201 C CB    . SER A 1 166 ? -9.562  -11.082 4.725   1.00 10.31  ? 165 SER A CB    1 
ATOM 1202 O OG    . SER A 1 166 ? -10.839 -11.605 5.036   1.00 10.90  ? 165 SER A OG    1 
ATOM 1203 N N     . ASN A 1 167 ? -6.522  -10.064 5.914   1.00 9.23   ? 166 ASN A N     1 
ATOM 1204 C CA    . ASN A 1 167 ? -5.158  -9.767  5.500   1.00 8.94   ? 166 ASN A CA    1 
ATOM 1205 C C     . ASN A 1 167 ? -4.263  -10.925 5.916   1.00 8.18   ? 166 ASN A C     1 
ATOM 1206 O O     . ASN A 1 167 ? -4.462  -11.527 6.975   1.00 10.13  ? 166 ASN A O     1 
ATOM 1207 C CB    . ASN A 1 167 ? -4.650  -8.468  6.132   1.00 9.04   ? 166 ASN A CB    1 
ATOM 1208 C CG    . ASN A 1 167 ? -5.291  -7.239  5.519   1.00 9.60   ? 166 ASN A CG    1 
ATOM 1209 O OD1   . ASN A 1 167 ? -5.538  -7.189  4.309   1.00 10.10  ? 166 ASN A OD1   1 
ATOM 1210 N ND2   . ASN A 1 167 ? -5.551  -6.233  6.345   1.00 8.91   ? 166 ASN A ND2   1 
ATOM 1211 N N     . GLY A 1 168 ? -3.289  -11.233 5.070   1.00 8.45   ? 167 GLY A N     1 
ATOM 1212 C CA    . GLY A 1 168 ? -2.371  -12.319 5.353   1.00 8.48   ? 167 GLY A CA    1 
ATOM 1213 C C     . GLY A 1 168 ? -0.967  -11.993 4.888   1.00 9.00   ? 167 GLY A C     1 
ATOM 1214 O O     . GLY A 1 168 ? -0.710  -10.894 4.391   1.00 8.48   ? 167 GLY A O     1 
ATOM 1215 N N     . PRO A 1 169 ? -0.031  -12.939 5.022   1.00 8.45   ? 168 PRO A N     1 
ATOM 1216 C CA    . PRO A 1 169 ? 1.359   -12.724 4.607   1.00 8.34   ? 168 PRO A CA    1 
ATOM 1217 C C     . PRO A 1 169 ? 1.486   -12.218 3.175   1.00 9.25   ? 168 PRO A C     1 
ATOM 1218 O O     . PRO A 1 169 ? 1.076   -12.888 2.225   1.00 9.04   ? 168 PRO A O     1 
ATOM 1219 C CB    . PRO A 1 169 ? 1.987   -14.102 4.800   1.00 8.15   ? 168 PRO A CB    1 
ATOM 1220 C CG    . PRO A 1 169 ? 1.208   -14.659 5.968   1.00 8.08   ? 168 PRO A CG    1 
ATOM 1221 C CD    . PRO A 1 169 ? -0.209  -14.287 5.587   1.00 9.28   ? 168 PRO A CD    1 
ATOM 1222 N N     . GLY A 1 170 ? 2.064   -11.030 3.027   1.00 7.92   ? 169 GLY A N     1 
ATOM 1223 C CA    . GLY A 1 170 ? 2.229   -10.451 1.706   1.00 8.57   ? 169 GLY A CA    1 
ATOM 1224 C C     . GLY A 1 170 ? 1.275   -9.296  1.463   1.00 8.93   ? 169 GLY A C     1 
ATOM 1225 O O     . GLY A 1 170 ? 1.365   -8.620  0.440   1.00 9.46   ? 169 GLY A O     1 
ATOM 1226 N N     . ALA A 1 171 ? 0.362   -9.064  2.403   1.00 8.32   ? 170 ALA A N     1 
ATOM 1227 C CA    . ALA A 1 171 ? -0.601  -7.977  2.273   1.00 9.25   ? 170 ALA A CA    1 
ATOM 1228 C C     . ALA A 1 171 ? 0.113   -6.648  2.047   1.00 9.76   ? 170 ALA A C     1 
ATOM 1229 O O     . ALA A 1 171 ? 1.168   -6.380  2.638   1.00 8.57   ? 170 ALA A O     1 
ATOM 1230 C CB    . ALA A 1 171 ? -1.476  -7.899  3.519   1.00 9.27   ? 170 ALA A CB    1 
ATOM 1231 N N     . ILE A 1 172 ? -0.477  -5.820  1.190   1.00 7.85   ? 171 ILE A N     1 
ATOM 1232 C CA    . ILE A 1 172 ? 0.079   -4.516  0.832   1.00 8.55   ? 171 ILE A CA    1 
ATOM 1233 C C     . ILE A 1 172 ? -0.690  -3.383  1.519   1.00 8.21   ? 171 ILE A C     1 
ATOM 1234 O O     . ILE A 1 172 ? -1.926  -3.363  1.516   1.00 8.13   ? 171 ILE A O     1 
ATOM 1235 C CB    . ILE A 1 172 ? 0.034   -4.327  -0.703  1.00 9.20   ? 171 ILE A CB    1 
ATOM 1236 C CG1   . ILE A 1 172 ? 0.751   -5.495  -1.393  1.00 8.57   ? 171 ILE A CG1   1 
ATOM 1237 C CG2   . ILE A 1 172 ? 0.668   -3.001  -1.096  1.00 8.22   ? 171 ILE A CG2   1 
ATOM 1238 C CD1   . ILE A 1 172 ? 2.203   -5.678  -0.978  1.00 9.45   ? 171 ILE A CD1   1 
ATOM 1239 N N     . PHE A 1 173 ? 0.053   -2.440  2.098   1.00 8.78   ? 172 PHE A N     1 
ATOM 1240 C CA    . PHE A 1 173 ? -0.527  -1.306  2.815   1.00 8.57   ? 172 PHE A CA    1 
ATOM 1241 C C     . PHE A 1 173 ? 0.204   -0.003  2.503   1.00 9.00   ? 172 PHE A C     1 
ATOM 1242 O O     . PHE A 1 173 ? 1.240   0.010   1.840   1.00 8.75   ? 172 PHE A O     1 
ATOM 1243 C CB    . PHE A 1 173 ? -0.426  -1.505  4.336   1.00 9.04   ? 172 PHE A CB    1 
ATOM 1244 C CG    . PHE A 1 173 ? -1.087  -2.754  4.852   1.00 9.17   ? 172 PHE A CG    1 
ATOM 1245 C CD1   . PHE A 1 173 ? -0.375  -3.949  4.941   1.00 9.45   ? 172 PHE A CD1   1 
ATOM 1246 C CD2   . PHE A 1 173 ? -2.413  -2.730  5.271   1.00 8.40   ? 172 PHE A CD2   1 
ATOM 1247 C CE1   . PHE A 1 173 ? -0.976  -5.102  5.447   1.00 11.02  ? 172 PHE A CE1   1 
ATOM 1248 C CE2   . PHE A 1 173 ? -3.026  -3.879  5.776   1.00 9.78   ? 172 PHE A CE2   1 
ATOM 1249 C CZ    . PHE A 1 173 ? -2.306  -5.067  5.864   1.00 10.23  ? 172 PHE A CZ    1 
ATOM 1250 N N     . MET A 1 174 ? -0.353  1.092   3.004   1.00 8.86   ? 173 MET A N     1 
ATOM 1251 C CA    . MET A 1 174 ? 0.264   2.400   2.857   1.00 9.90   ? 173 MET A CA    1 
ATOM 1252 C C     . MET A 1 174 ? 0.045   3.166   4.148   1.00 10.02  ? 173 MET A C     1 
ATOM 1253 O O     . MET A 1 174 ? -1.085  3.323   4.607   1.00 10.49  ? 173 MET A O     1 
ATOM 1254 C CB    . MET A 1 174 ? -0.332  3.205   1.701   1.00 11.44  ? 173 MET A CB    1 
ATOM 1255 C CG    . MET A 1 174 ? 0.337   4.571   1.560   1.00 12.76  ? 173 MET A CG    1 
ATOM 1256 S SD    . MET A 1 174 ? -0.521  5.741   0.506   1.00 16.97  ? 173 MET A SD    1 
ATOM 1257 C CE    . MET A 1 174 ? -1.787  6.343   1.628   1.00 16.23  ? 173 MET A CE    1 
ATOM 1258 N N     . LEU A 1 175 ? 1.137   3.622   4.747   1.00 8.90   ? 174 LEU A N     1 
ATOM 1259 C CA    . LEU A 1 175 ? 1.056   4.402   5.969   1.00 9.06   ? 174 LEU A CA    1 
ATOM 1260 C C     . LEU A 1 175 ? 1.141   5.878   5.582   1.00 9.58   ? 174 LEU A C     1 
ATOM 1261 O O     . LEU A 1 175 ? 1.974   6.256   4.766   1.00 11.10  ? 174 LEU A O     1 
ATOM 1262 C CB    . LEU A 1 175 ? 2.218   4.031   6.899   1.00 10.42  ? 174 LEU A CB    1 
ATOM 1263 C CG    . LEU A 1 175 ? 2.303   4.672   8.291   1.00 10.08  ? 174 LEU A CG    1 
ATOM 1264 C CD1   . LEU A 1 175 ? 3.218   3.824   9.162   1.00 10.14  ? 174 LEU A CD1   1 
ATOM 1265 C CD2   . LEU A 1 175 ? 2.814   6.104   8.206   1.00 12.76  ? 174 LEU A CD2   1 
ATOM 1266 N N     . GLN A 1 176 ? 0.259   6.703   6.137   1.00 8.12   ? 175 GLN A N     1 
ATOM 1267 C CA    . GLN A 1 176 ? 0.301   8.137   5.864   1.00 9.09   ? 175 GLN A CA    1 
ATOM 1268 C C     . GLN A 1 176 ? 0.473   8.854   7.193   1.00 8.49   ? 175 GLN A C     1 
ATOM 1269 O O     . GLN A 1 176 ? -0.174  8.514   8.183   1.00 9.16   ? 175 GLN A O     1 
ATOM 1270 C CB    . GLN A 1 176 ? -0.978  8.615   5.173   1.00 11.58  ? 175 GLN A CB    1 
ATOM 1271 C CG    . GLN A 1 176 ? -2.235  8.506   6.003   1.00 18.58  ? 175 GLN A CG    1 
ATOM 1272 C CD    . GLN A 1 176 ? -2.651  9.808   6.684   1.00 19.87  ? 175 GLN A CD    1 
ATOM 1273 O OE1   . GLN A 1 176 ? -3.727  9.865   7.293   1.00 15.93  ? 175 GLN A OE1   1 
ATOM 1274 N NE2   . GLN A 1 176 ? -1.806  10.861  6.590   1.00 12.73  ? 175 GLN A NE2   1 
ATOM 1275 N N     . ILE A 1 177 ? 1.373   9.827   7.218   1.00 8.72   ? 176 ILE A N     1 
ATOM 1276 C CA    . ILE A 1 177 ? 1.619   10.593  8.431   1.00 7.65   ? 176 ILE A CA    1 
ATOM 1277 C C     . ILE A 1 177 ? 2.191   11.946  8.026   1.00 9.18   ? 176 ILE A C     1 
ATOM 1278 O O     . ILE A 1 177 ? 2.912   12.050  7.037   1.00 9.50   ? 176 ILE A O     1 
ATOM 1279 C CB    . ILE A 1 177 ? 2.586   9.824   9.379   1.00 7.42   ? 176 ILE A CB    1 
ATOM 1280 C CG1   . ILE A 1 177 ? 2.683   10.544  10.725  1.00 9.35   ? 176 ILE A CG1   1 
ATOM 1281 C CG2   . ILE A 1 177 ? 3.960   9.679   8.736   1.00 9.43   ? 176 ILE A CG2   1 
ATOM 1282 C CD1   . ILE A 1 177 ? 3.328   9.701   11.812  1.00 9.64   ? 176 ILE A CD1   1 
ATOM 1283 N N     . GLY A 1 178 ? 1.848   12.988  8.778   1.00 9.01   ? 177 GLY A N     1 
ATOM 1284 C CA    . GLY A 1 178 ? 2.327   14.320  8.443   1.00 9.46   ? 177 GLY A CA    1 
ATOM 1285 C C     . GLY A 1 178 ? 2.460   15.227  9.649   1.00 10.57  ? 177 GLY A C     1 
ATOM 1286 O O     . GLY A 1 178 ? 2.378   14.764  10.789  1.00 10.89  ? 177 GLY A O     1 
ATOM 1287 N N     . ASP A 1 179 ? 2.651   16.522  9.413   1.00 11.09  ? 178 ASP A N     1 
ATOM 1288 C CA    . ASP A 1 179 ? 2.807   17.443  10.532  1.00 11.94  ? 178 ASP A CA    1 
ATOM 1289 C C     . ASP A 1 179 ? 1.623   18.378  10.752  1.00 12.42  ? 178 ASP A C     1 
ATOM 1290 O O     . ASP A 1 179 ? 1.747   19.383  11.444  1.00 13.76  ? 178 ASP A O     1 
ATOM 1291 C CB    . ASP A 1 179 ? 4.079   18.279  10.369  1.00 12.99  ? 178 ASP A CB    1 
ATOM 1292 C CG    . ASP A 1 179 ? 3.982   19.271  9.233   1.00 13.86  ? 178 ASP A CG    1 
ATOM 1293 O OD1   . ASP A 1 179 ? 4.732   20.271  9.255   1.00 17.88  ? 178 ASP A OD1   1 
ATOM 1294 O OD2   . ASP A 1 179 ? 3.164   19.052  8.319   1.00 14.22  ? 178 ASP A OD2   1 
ATOM 1295 N N     . SER A 1 180 ? 0.477   18.039  10.172  1.00 11.27  ? 179 SER A N     1 
ATOM 1296 C CA    . SER A 1 180 ? -0.735  18.841  10.312  1.00 12.86  ? 179 SER A CA    1 
ATOM 1297 C C     . SER A 1 180 ? -1.945  17.923  10.222  1.00 12.34  ? 179 SER A C     1 
ATOM 1298 O O     . SER A 1 180 ? -1.839  16.797  9.741   1.00 12.79  ? 179 SER A O     1 
ATOM 1299 C CB    . SER A 1 180 ? -0.799  19.899  9.204   1.00 12.91  ? 179 SER A CB    1 
ATOM 1300 O OG    . SER A 1 180 ? -2.019  20.624  9.251   1.00 14.84  ? 179 SER A OG    1 
ATOM 1301 N N     . LEU A 1 181 ? -3.092  18.402  10.690  1.00 12.08  ? 180 LEU A N     1 
ATOM 1302 C CA    . LEU A 1 181 ? -4.325  17.624  10.648  1.00 12.89  ? 180 LEU A CA    1 
ATOM 1303 C C     . LEU A 1 181 ? -5.290  18.236  9.639   1.00 13.94  ? 180 LEU A C     1 
ATOM 1304 O O     . LEU A 1 181 ? -6.352  17.674  9.374   1.00 14.95  ? 180 LEU A O     1 
ATOM 1305 C CB    . LEU A 1 181 ? -5.004  17.631  12.020  1.00 14.08  ? 180 LEU A CB    1 
ATOM 1306 C CG    . LEU A 1 181 ? -4.273  17.023  13.216  1.00 13.99  ? 180 LEU A CG    1 
ATOM 1307 C CD1   . LEU A 1 181 ? -5.062  17.298  14.497  1.00 16.18  ? 180 LEU A CD1   1 
ATOM 1308 C CD2   . LEU A 1 181 ? -4.108  15.526  13.000  1.00 14.20  ? 180 LEU A CD2   1 
ATOM 1309 N N     . VAL A 1 182 ? -4.905  19.374  9.067   1.00 14.50  ? 181 VAL A N     1 
ATOM 1310 C CA    . VAL A 1 182 ? -5.767  20.116  8.149   1.00 15.42  ? 181 VAL A CA    1 
ATOM 1311 C C     . VAL A 1 182 ? -5.657  19.853  6.650   1.00 14.37  ? 181 VAL A C     1 
ATOM 1312 O O     . VAL A 1 182 ? -6.651  19.954  5.932   1.00 14.31  ? 181 VAL A O     1 
ATOM 1313 C CB    . VAL A 1 182 ? -5.597  21.638  8.384   1.00 17.80  ? 181 VAL A CB    1 
ATOM 1314 C CG1   . VAL A 1 182 ? -6.649  22.410  7.604   1.00 20.03  ? 181 VAL A CG1   1 
ATOM 1315 C CG2   . VAL A 1 182 ? -5.703  21.944  9.872   1.00 21.77  ? 181 VAL A CG2   1 
ATOM 1316 N N     . GLY A 1 183 ? -4.456  19.541  6.172   1.00 11.53  ? 182 GLY A N     1 
ATOM 1317 C CA    . GLY A 1 183 ? -4.283  19.273  4.754   1.00 11.36  ? 182 GLY A CA    1 
ATOM 1318 C C     . GLY A 1 183 ? -5.028  18.024  4.317   1.00 9.66   ? 182 GLY A C     1 
ATOM 1319 O O     . GLY A 1 183 ? -5.404  17.198  5.143   1.00 10.95  ? 182 GLY A O     1 
ATOM 1320 N N     . LEU A 1 184 ? -5.238  17.881  3.015   1.00 9.91   ? 183 LEU A N     1 
ATOM 1321 C CA    . LEU A 1 184 ? -5.946  16.720  2.490   1.00 11.67  ? 183 LEU A CA    1 
ATOM 1322 C C     . LEU A 1 184 ? -5.084  15.911  1.538   1.00 10.44  ? 183 LEU A C     1 
ATOM 1323 O O     . LEU A 1 184 ? -4.336  16.467  0.736   1.00 10.89  ? 183 LEU A O     1 
ATOM 1324 C CB    . LEU A 1 184 ? -7.213  17.154  1.752   1.00 13.42  ? 183 LEU A CB    1 
ATOM 1325 C CG    . LEU A 1 184 ? -8.276  17.866  2.586   1.00 14.43  ? 183 LEU A CG    1 
ATOM 1326 C CD1   . LEU A 1 184 ? -9.416  18.316  1.684   1.00 17.33  ? 183 LEU A CD1   1 
ATOM 1327 C CD2   . LEU A 1 184 ? -8.784  16.931  3.673   1.00 15.78  ? 183 LEU A CD2   1 
ATOM 1328 N N     . TRP A 1 185 ? -5.181  14.591  1.635   1.00 10.45  ? 184 TRP A N     1 
ATOM 1329 C CA    . TRP A 1 185 ? -4.429  13.732  0.738   1.00 9.58   ? 184 TRP A CA    1 
ATOM 1330 C C     . TRP A 1 185 ? -5.350  12.749  0.029   1.00 10.00  ? 184 TRP A C     1 
ATOM 1331 O O     . TRP A 1 185 ? -6.417  12.391  0.540   1.00 10.68  ? 184 TRP A O     1 
ATOM 1332 C CB    . TRP A 1 185 ? -3.312  12.977  1.480   1.00 10.09  ? 184 TRP A CB    1 
ATOM 1333 C CG    . TRP A 1 185 ? -3.767  12.048  2.564   1.00 10.71  ? 184 TRP A CG    1 
ATOM 1334 C CD1   . TRP A 1 185 ? -3.922  12.343  3.893   1.00 9.42   ? 184 TRP A CD1   1 
ATOM 1335 C CD2   . TRP A 1 185 ? -4.111  10.664  2.420   1.00 9.62   ? 184 TRP A CD2   1 
ATOM 1336 N NE1   . TRP A 1 185 ? -4.340  11.228  4.580   1.00 10.25  ? 184 TRP A NE1   1 
ATOM 1337 C CE2   . TRP A 1 185 ? -4.464  10.184  3.701   1.00 10.74  ? 184 TRP A CE2   1 
ATOM 1338 C CE3   . TRP A 1 185 ? -4.158  9.782   1.331   1.00 11.20  ? 184 TRP A CE3   1 
ATOM 1339 C CZ2   . TRP A 1 185 ? -4.855  8.859   3.923   1.00 10.33  ? 184 TRP A CZ2   1 
ATOM 1340 C CZ3   . TRP A 1 185 ? -4.548  8.463   1.552   1.00 12.02  ? 184 TRP A CZ3   1 
ATOM 1341 C CH2   . TRP A 1 185 ? -4.893  8.016   2.839   1.00 11.35  ? 184 TRP A CH2   1 
ATOM 1342 N N     . ASP A 1 186 ? -4.929  12.336  -1.161  1.00 10.06  ? 185 ASP A N     1 
ATOM 1343 C CA    . ASP A 1 186 ? -5.680  11.396  -1.979  1.00 11.59  ? 185 ASP A CA    1 
ATOM 1344 C C     . ASP A 1 186 ? -4.726  10.290  -2.398  1.00 11.27  ? 185 ASP A C     1 
ATOM 1345 O O     . ASP A 1 186 ? -3.513  10.484  -2.441  1.00 10.66  ? 185 ASP A O     1 
ATOM 1346 C CB    . ASP A 1 186 ? -6.193  12.086  -3.245  1.00 13.85  ? 185 ASP A CB    1 
ATOM 1347 C CG    . ASP A 1 186 ? -6.802  13.442  -2.964  1.00 17.63  ? 185 ASP A CG    1 
ATOM 1348 O OD1   . ASP A 1 186 ? -7.860  13.492  -2.311  1.00 17.21  ? 185 ASP A OD1   1 
ATOM 1349 O OD2   . ASP A 1 186 ? -6.210  14.459  -3.394  1.00 20.43  ? 185 ASP A OD2   1 
ATOM 1350 N N     . SER A 1 187 ? -5.271  9.124   -2.709  1.00 11.43  ? 186 SER A N     1 
ATOM 1351 C CA    . SER A 1 187 ? -4.438  8.023   -3.157  1.00 11.09  ? 186 SER A CA    1 
ATOM 1352 C C     . SER A 1 187 ? -5.276  7.108   -4.028  1.00 11.65  ? 186 SER A C     1 
ATOM 1353 O O     . SER A 1 187 ? -6.503  7.120   -3.959  1.00 12.01  ? 186 SER A O     1 
ATOM 1354 C CB    . SER A 1 187 ? -3.889  7.225   -1.965  1.00 13.43  ? 186 SER A CB    1 
ATOM 1355 O OG    . SER A 1 187 ? -4.896  6.427   -1.363  1.00 14.59  ? 186 SER A OG    1 
ATOM 1356 N N     . SER A 1 188 ? -4.603  6.347   -4.875  1.00 10.49  ? 187 SER A N     1 
ATOM 1357 C CA    . SER A 1 188 ? -5.278  5.379   -5.723  1.00 10.39  ? 187 SER A CA    1 
ATOM 1358 C C     . SER A 1 188 ? -4.274  4.254   -5.897  1.00 10.17  ? 187 SER A C     1 
ATOM 1359 O O     . SER A 1 188 ? -3.063  4.463   -5.779  1.00 9.34   ? 187 SER A O     1 
ATOM 1360 C CB    . SER A 1 188 ? -5.696  5.985   -7.067  1.00 11.64  ? 187 SER A CB    1 
ATOM 1361 O OG    . SER A 1 188 ? -4.591  6.303   -7.882  1.00 11.47  ? 187 SER A OG    1 
ATOM 1362 N N     . TYR A 1 189 ? -4.776  3.060   -6.175  1.00 9.57   ? 188 TYR A N     1 
ATOM 1363 C CA    . TYR A 1 189 ? -3.918  1.896   -6.287  1.00 9.39   ? 188 TYR A CA    1 
ATOM 1364 C C     . TYR A 1 189 ? -4.462  0.901   -7.298  1.00 10.39  ? 188 TYR A C     1 
ATOM 1365 O O     . TYR A 1 189 ? -5.674  0.756   -7.454  1.00 10.57  ? 188 TYR A O     1 
ATOM 1366 C CB    . TYR A 1 189 ? -3.828  1.245   -4.899  1.00 10.18  ? 188 TYR A CB    1 
ATOM 1367 C CG    . TYR A 1 189 ? -3.109  -0.088  -4.823  1.00 9.49   ? 188 TYR A CG    1 
ATOM 1368 C CD1   . TYR A 1 189 ? -1.715  -0.156  -4.797  1.00 9.33   ? 188 TYR A CD1   1 
ATOM 1369 C CD2   . TYR A 1 189 ? -3.830  -1.281  -4.740  1.00 8.07   ? 188 TYR A CD2   1 
ATOM 1370 C CE1   . TYR A 1 189 ? -1.054  -1.384  -4.684  1.00 9.19   ? 188 TYR A CE1   1 
ATOM 1371 C CE2   . TYR A 1 189 ? -3.180  -2.510  -4.632  1.00 8.38   ? 188 TYR A CE2   1 
ATOM 1372 C CZ    . TYR A 1 189 ? -1.795  -2.554  -4.602  1.00 9.59   ? 188 TYR A CZ    1 
ATOM 1373 O OH    . TYR A 1 189 ? -1.156  -3.767  -4.483  1.00 9.69   ? 188 TYR A OH    1 
ATOM 1374 N N     . GLU A 1 190 ? -3.548  0.229   -7.988  1.00 11.19  ? 189 GLU A N     1 
ATOM 1375 C CA    . GLU A 1 190 ? -3.903  -0.783  -8.971  1.00 12.45  ? 189 GLU A CA    1 
ATOM 1376 C C     . GLU A 1 190 ? -2.974  -1.973  -8.807  1.00 11.75  ? 189 GLU A C     1 
ATOM 1377 O O     . GLU A 1 190 ? -1.769  -1.809  -8.615  1.00 12.19  ? 189 GLU A O     1 
ATOM 1378 C CB    . GLU A 1 190 ? -3.754  -0.240  -10.395 1.00 15.16  ? 189 GLU A CB    1 
ATOM 1379 C CG    . GLU A 1 190 ? -3.519  -1.332  -11.440 1.00 19.88  ? 189 GLU A CG    1 
ATOM 1380 C CD    . GLU A 1 190 ? -3.070  -0.784  -12.783 1.00 21.26  ? 189 GLU A CD    1 
ATOM 1381 O OE1   . GLU A 1 190 ? -3.919  -0.240  -13.518 1.00 22.92  ? 189 GLU A OE1   1 
ATOM 1382 O OE2   . GLU A 1 190 ? -1.863  -0.893  -13.097 1.00 21.29  ? 189 GLU A OE2   1 
ATOM 1383 N N     . ALA A 1 191 ? -3.542  -3.170  -8.870  1.00 10.52  ? 190 ALA A N     1 
ATOM 1384 C CA    . ALA A 1 191 ? -2.755  -4.386  -8.781  1.00 9.69   ? 190 ALA A CA    1 
ATOM 1385 C C     . ALA A 1 191 ? -3.131  -5.288  -9.953  1.00 10.07  ? 190 ALA A C     1 
ATOM 1386 O O     . ALA A 1 191 ? -4.313  -5.507  -10.225 1.00 11.14  ? 190 ALA A O     1 
ATOM 1387 C CB    . ALA A 1 191 ? -3.027  -5.108  -7.461  1.00 10.23  ? 190 ALA A CB    1 
ATOM 1388 N N     . VAL A 1 192 ? -2.118  -5.765  -10.664 1.00 9.20   ? 191 VAL A N     1 
ATOM 1389 C CA    . VAL A 1 192 ? -2.303  -6.688  -11.779 1.00 9.60   ? 191 VAL A CA    1 
ATOM 1390 C C     . VAL A 1 192 ? -1.752  -7.984  -11.196 1.00 10.99  ? 191 VAL A C     1 
ATOM 1391 O O     . VAL A 1 192 ? -0.596  -8.034  -10.773 1.00 11.03  ? 191 VAL A O     1 
ATOM 1392 C CB    . VAL A 1 192 ? -1.469  -6.280  -13.012 1.00 10.22  ? 191 VAL A CB    1 
ATOM 1393 C CG1   . VAL A 1 192 ? -1.674  -7.296  -14.133 1.00 11.17  ? 191 VAL A CG1   1 
ATOM 1394 C CG2   . VAL A 1 192 ? -1.880  -4.883  -13.490 1.00 9.79   ? 191 VAL A CG2   1 
ATOM 1395 N N     . TYR A 1 193 ? -2.567  -9.034  -11.172 1.00 10.62  ? 192 TYR A N     1 
ATOM 1396 C CA    . TYR A 1 193 ? -2.142  -10.288 -10.557 1.00 10.25  ? 192 TYR A CA    1 
ATOM 1397 C C     . TYR A 1 193 ? -2.639  -11.538 -11.263 1.00 10.71  ? 192 TYR A C     1 
ATOM 1398 O O     . TYR A 1 193 ? -3.626  -11.492 -11.991 1.00 11.01  ? 192 TYR A O     1 
ATOM 1399 C CB    . TYR A 1 193 ? -2.650  -10.326 -9.111  1.00 10.74  ? 192 TYR A CB    1 
ATOM 1400 C CG    . TYR A 1 193 ? -4.164  -10.162 -8.987  1.00 9.29   ? 192 TYR A CG    1 
ATOM 1401 C CD1   . TYR A 1 193 ? -4.769  -8.907  -9.122  1.00 8.81   ? 192 TYR A CD1   1 
ATOM 1402 C CD2   . TYR A 1 193 ? -4.994  -11.265 -8.769  1.00 8.74   ? 192 TYR A CD2   1 
ATOM 1403 C CE1   . TYR A 1 193 ? -6.157  -8.758  -9.043  1.00 9.43   ? 192 TYR A CE1   1 
ATOM 1404 C CE2   . TYR A 1 193 ? -6.384  -11.127 -8.687  1.00 8.65   ? 192 TYR A CE2   1 
ATOM 1405 C CZ    . TYR A 1 193 ? -6.959  -9.869  -8.828  1.00 9.95   ? 192 TYR A CZ    1 
ATOM 1406 O OH    . TYR A 1 193 ? -8.332  -9.721  -8.762  1.00 10.17  ? 192 TYR A OH    1 
ATOM 1407 N N     . THR A 1 194 ? -1.948  -12.653 -11.042 1.00 10.10  ? 193 THR A N     1 
ATOM 1408 C CA    . THR A 1 194 ? -2.394  -13.921 -11.603 1.00 10.21  ? 193 THR A CA    1 
ATOM 1409 C C     . THR A 1 194 ? -3.076  -14.633 -10.439 1.00 10.54  ? 193 THR A C     1 
ATOM 1410 O O     . THR A 1 194 ? -2.804  -14.336 -9.271  1.00 9.94   ? 193 THR A O     1 
ATOM 1411 C CB    . THR A 1 194 ? -1.239  -14.771 -12.181 1.00 10.40  ? 193 THR A CB    1 
ATOM 1412 O OG1   . THR A 1 194 ? -0.255  -15.024 -11.174 1.00 11.73  ? 193 THR A OG1   1 
ATOM 1413 C CG2   . THR A 1 194 ? -0.596  -14.048 -13.354 1.00 11.08  ? 193 THR A CG2   1 
ATOM 1414 N N     . ASP A 1 195 ? -3.957  -15.570 -10.759 1.00 9.80   ? 194 ASP A N     1 
ATOM 1415 C CA    . ASP A 1 195 ? -4.738  -16.263 -9.746  1.00 9.78   ? 194 ASP A CA    1 
ATOM 1416 C C     . ASP A 1 195 ? -4.930  -17.731 -10.135 1.00 11.79  ? 194 ASP A C     1 
ATOM 1417 O O     . ASP A 1 195 ? -6.043  -18.253 -10.083 1.00 12.25  ? 194 ASP A O     1 
ATOM 1418 C CB    . ASP A 1 195 ? -6.088  -15.542 -9.650  1.00 10.38  ? 194 ASP A CB    1 
ATOM 1419 C CG    . ASP A 1 195 ? -6.958  -16.039 -8.523  1.00 10.78  ? 194 ASP A CG    1 
ATOM 1420 O OD1   . ASP A 1 195 ? -8.193  -15.982 -8.679  1.00 11.36  ? 194 ASP A OD1   1 
ATOM 1421 O OD2   . ASP A 1 195 ? -6.425  -16.464 -7.481  1.00 9.01   ? 194 ASP A OD2   1 
ATOM 1422 N N     . ALA A 1 196 ? -3.839  -18.391 -10.513 1.00 13.08  ? 195 ALA A N     1 
ATOM 1423 C CA    . ALA A 1 196 ? -3.885  -19.794 -10.930 1.00 13.90  ? 195 ALA A CA    1 
ATOM 1424 C C     . ALA A 1 196 ? -3.680  -20.765 -9.770  1.00 16.84  ? 195 ALA A C     1 
ATOM 1425 O O     . ALA A 1 196 ? -3.514  -20.358 -8.620  1.00 17.09  ? 195 ALA A O     1 
ATOM 1426 C CB    . ALA A 1 196 ? -2.840  -20.042 -12.004 1.00 15.15  ? 195 ALA A CB    1 
ATOM 1427 O OXT   . ALA A 1 196 ? -3.700  -21.985 -10.048 1.00 14.32  ? 195 ALA A OXT   1 
ATOM 1428 O OP3   . A   B 2 1   ? 5.988   -3.456  -35.467 0.50 220.88 ? 196 A   B OP3   1 
ATOM 1429 P P     . A   B 2 1   ? 6.103   -4.512  -34.248 0.50 220.71 ? 196 A   B P     1 
ATOM 1430 O OP1   . A   B 2 1   ? 4.800   -5.233  -34.014 0.50 220.58 ? 196 A   B OP1   1 
ATOM 1431 O OP2   . A   B 2 1   ? 7.317   -5.323  -34.629 0.50 220.88 ? 196 A   B OP2   1 
ATOM 1432 O "O5'" . A   B 2 1   ? 6.525   -3.638  -32.958 0.50 218.41 ? 196 A   B "O5'" 1 
ATOM 1433 C "C5'" . A   B 2 1   ? 7.783   -2.893  -32.910 0.50 213.59 ? 196 A   B "C5'" 1 
ATOM 1434 C "C4'" . A   B 2 1   ? 8.098   -2.299  -31.511 0.50 209.49 ? 196 A   B "C4'" 1 
ATOM 1435 O "O4'" . A   B 2 1   ? 7.492   -3.157  -30.487 0.50 210.92 ? 196 A   B "O4'" 1 
ATOM 1436 C "C3'" . A   B 2 1   ? 9.579   -2.103  -31.137 0.50 205.96 ? 196 A   B "C3'" 1 
ATOM 1437 O "O3'" . A   B 2 1   ? 9.968   -0.698  -31.539 0.50 195.87 ? 196 A   B "O3'" 1 
ATOM 1438 C "C2'" . A   B 2 1   ? 9.603   -2.465  -29.620 0.50 208.37 ? 196 A   B "C2'" 1 
ATOM 1439 O "O2'" . A   B 2 1   ? 9.580   -1.340  -28.740 0.50 208.39 ? 196 A   B "O2'" 1 
ATOM 1440 C "C1'" . A   B 2 1   ? 8.362   -3.364  -29.378 0.50 210.17 ? 196 A   B "C1'" 1 
ATOM 1441 N N9    . A   B 2 1   ? 8.519   -4.846  -29.146 0.50 210.86 ? 196 A   B N9    1 
ATOM 1442 C C8    . A   B 2 1   ? 8.344   -5.831  -30.123 0.50 211.59 ? 196 A   B C8    1 
ATOM 1443 N N7    . A   B 2 1   ? 8.553   -7.066  -29.702 0.50 211.57 ? 196 A   B N7    1 
ATOM 1444 C C5    . A   B 2 1   ? 8.875   -6.915  -28.360 0.50 211.51 ? 196 A   B C5    1 
ATOM 1445 C C6    . A   B 2 1   ? 9.234   -7.872  -27.376 0.50 210.82 ? 196 A   B C6    1 
ATOM 1446 N N6    . A   B 2 1   ? 9.308   -9.200  -27.619 0.50 210.21 ? 196 A   B N6    1 
ATOM 1447 N N1    . A   B 2 1   ? 9.518   -7.406  -26.135 0.50 210.14 ? 196 A   B N1    1 
ATOM 1448 C C2    . A   B 2 1   ? 9.445   -6.074  -25.911 0.50 210.39 ? 196 A   B C2    1 
ATOM 1449 N N3    . A   B 2 1   ? 9.133   -5.084  -26.749 0.50 210.42 ? 196 A   B N3    1 
ATOM 1450 C C4    . A   B 2 1   ? 8.853   -5.558  -27.985 0.50 211.23 ? 196 A   B C4    1 
ATOM 1451 P P     . A   B 2 2   ? 11.517  -0.145  -31.506 0.50 188.90 ? 197 A   B P     1 
ATOM 1452 O OP1   . A   B 2 2   ? 11.864  1.266   -31.894 0.50 187.72 ? 197 A   B OP1   1 
ATOM 1453 O OP2   . A   B 2 2   ? 11.919  -1.250  -32.413 0.50 188.39 ? 197 A   B OP2   1 
ATOM 1454 O "O5'" . A   B 2 2   ? 12.081  -0.543  -30.054 0.50 181.96 ? 197 A   B "O5'" 1 
ATOM 1455 C "C5'" . A   B 2 2   ? 12.047  0.296   -28.874 0.50 170.98 ? 197 A   B "C5'" 1 
ATOM 1456 C "C4'" . A   B 2 2   ? 12.918  -0.320  -27.768 0.50 162.21 ? 197 A   B "C4'" 1 
ATOM 1457 O "O4'" . A   B 2 2   ? 12.191  -1.393  -27.064 0.50 161.03 ? 197 A   B "O4'" 1 
ATOM 1458 C "C3'" . A   B 2 2   ? 14.246  -0.964  -28.201 0.50 156.62 ? 197 A   B "C3'" 1 
ATOM 1459 O "O3'" . A   B 2 2   ? 15.287  0.060   -28.503 0.50 146.43 ? 197 A   B "O3'" 1 
ATOM 1460 C "C2'" . A   B 2 2   ? 14.505  -1.877  -26.977 0.50 158.01 ? 197 A   B "C2'" 1 
ATOM 1461 O "O2'" . A   B 2 2   ? 14.942  -1.322  -25.743 0.50 157.26 ? 197 A   B "O2'" 1 
ATOM 1462 C "C1'" . A   B 2 2   ? 13.111  -2.393  -26.613 0.50 159.76 ? 197 A   B "C1'" 1 
ATOM 1463 N N9    . A   B 2 2   ? 12.869  -3.682  -27.283 0.50 160.99 ? 197 A   B N9    1 
ATOM 1464 C C8    . A   B 2 2   ? 12.258  -3.833  -28.505 0.50 161.41 ? 197 A   B C8    1 
ATOM 1465 N N7    . A   B 2 2   ? 12.180  -5.071  -28.928 0.50 161.54 ? 197 A   B N7    1 
ATOM 1466 C C5    . A   B 2 2   ? 12.765  -5.802  -27.907 0.50 161.39 ? 197 A   B C5    1 
ATOM 1467 C C6    . A   B 2 2   ? 13.050  -7.163  -27.815 0.50 161.31 ? 197 A   B C6    1 
ATOM 1468 N N6    . A   B 2 2   ? 12.653  -8.068  -28.750 0.50 161.54 ? 197 A   B N6    1 
ATOM 1469 N N1    . A   B 2 2   ? 13.748  -7.573  -26.720 0.50 161.58 ? 197 A   B N1    1 
ATOM 1470 C C2    . A   B 2 2   ? 14.116  -6.652  -25.792 0.50 161.23 ? 197 A   B C2    1 
ATOM 1471 N N3    . A   B 2 2   ? 13.887  -5.334  -25.769 0.50 160.54 ? 197 A   B N3    1 
ATOM 1472 C C4    . A   B 2 2   ? 13.200  -4.964  -26.873 0.50 161.30 ? 197 A   B C4    1 
ATOM 1473 P P     . A   B 2 3   ? 16.675  -0.250  -29.346 0.50 138.73 ? 198 A   B P     1 
ATOM 1474 O OP1   . A   B 2 3   ? 17.351  1.083   -29.406 0.50 138.11 ? 198 A   B OP1   1 
ATOM 1475 O OP2   . A   B 2 3   ? 16.352  -0.983  -30.605 0.50 137.65 ? 198 A   B OP2   1 
ATOM 1476 O "O5'" . A   B 2 3   ? 17.448  -1.227  -28.336 0.50 130.29 ? 198 A   B "O5'" 1 
ATOM 1477 C "C5'" . A   B 2 3   ? 17.567  -0.896  -26.934 0.50 116.39 ? 198 A   B "C5'" 1 
ATOM 1478 C "C4'" . A   B 2 3   ? 18.313  -1.979  -26.133 0.50 106.17 ? 198 A   B "C4'" 1 
ATOM 1479 O "O4'" . A   B 2 3   ? 17.429  -3.128  -25.867 0.50 103.51 ? 198 A   B "O4'" 1 
ATOM 1480 C "C3'" . A   B 2 3   ? 19.536  -2.599  -26.807 0.50 99.31  ? 198 A   B "C3'" 1 
ATOM 1481 O "O3'" . A   B 2 3   ? 20.688  -1.676  -26.897 0.50 89.67  ? 198 A   B "O3'" 1 
ATOM 1482 C "C2'" . A   B 2 3   ? 19.650  -3.900  -25.977 0.50 99.20  ? 198 A   B "C2'" 1 
ATOM 1483 O "O2'" . A   B 2 3   ? 20.267  -3.825  -24.668 0.50 98.38  ? 198 A   B "O2'" 1 
ATOM 1484 C "C1'" . A   B 2 3   ? 18.171  -4.345  -25.856 0.50 99.70  ? 198 A   B "C1'" 1 
ATOM 1485 N N9    . A   B 2 3   ? 17.622  -5.284  -26.894 0.50 96.33  ? 198 A   B N9    1 
ATOM 1486 C C8    . A   B 2 3   ? 16.898  -4.991  -28.056 0.50 94.51  ? 198 A   B C8    1 
ATOM 1487 N N7    . A   B 2 3   ? 16.563  -6.046  -28.773 0.50 93.25  ? 198 A   B N7    1 
ATOM 1488 C C5    . A   B 2 3   ? 17.076  -7.119  -28.049 0.50 93.47  ? 198 A   B C5    1 
ATOM 1489 C C6    . A   B 2 3   ? 17.132  -8.506  -28.332 0.50 92.56  ? 198 A   B C6    1 
ATOM 1490 N N6    . A   B 2 3   ? 16.529  -9.096  -29.410 0.50 91.90  ? 198 A   B N6    1 
ATOM 1491 N N1    . A   B 2 3   ? 17.833  -9.277  -27.451 0.50 92.08  ? 198 A   B N1    1 
ATOM 1492 C C2    . A   B 2 3   ? 18.417  -8.706  -26.374 0.50 91.53  ? 198 A   B C2    1 
ATOM 1493 N N3    . A   B 2 3   ? 18.422  -7.436  -26.003 0.50 92.44  ? 198 A   B N3    1 
ATOM 1494 C C4    . A   B 2 3   ? 17.732  -6.674  -26.889 0.50 94.08  ? 198 A   B C4    1 
ATOM 1495 P P     . U   C 3 1   ? 18.389  -18.638 -29.726 0.50 21.59  ? 199 U   C P     1 
ATOM 1496 O OP1   . U   C 3 1   ? 17.151  -18.215 -30.475 0.50 24.68  ? 199 U   C OP1   1 
ATOM 1497 O OP2   . U   C 3 1   ? 18.485  -19.959 -29.010 0.50 19.77  ? 199 U   C OP2   1 
ATOM 1498 O "O5'" . U   C 3 1   ? 18.794  -17.611 -28.582 0.50 21.46  ? 199 U   C "O5'" 1 
ATOM 1499 C "C5'" . U   C 3 1   ? 19.647  -18.059 -27.499 0.50 23.90  ? 199 U   C "C5'" 1 
ATOM 1500 C "C4'" . U   C 3 1   ? 20.099  -16.915 -26.619 0.50 25.46  ? 199 U   C "C4'" 1 
ATOM 1501 O "O4'" . U   C 3 1   ? 20.528  -15.835 -27.461 0.50 25.52  ? 199 U   C "O4'" 1 
ATOM 1502 C "C3'" . U   C 3 1   ? 19.025  -16.280 -25.734 0.50 27.93  ? 199 U   C "C3'" 1 
ATOM 1503 O "O3'" . U   C 3 1   ? 18.850  -17.015 -24.534 0.50 33.96  ? 199 U   C "O3'" 1 
ATOM 1504 C "C2'" . U   C 3 1   ? 19.599  -14.899 -25.468 0.50 25.58  ? 199 U   C "C2'" 1 
ATOM 1505 O "O2'" . U   C 3 1   ? 20.643  -14.849 -24.501 0.50 25.49  ? 199 U   C "O2'" 1 
ATOM 1506 C "C1'" . U   C 3 1   ? 20.215  -14.615 -26.833 0.50 25.89  ? 199 U   C "C1'" 1 
ATOM 1507 N N1    . U   C 3 1   ? 19.218  -13.940 -27.642 0.50 29.27  ? 199 U   C N1    1 
ATOM 1508 C C2    . U   C 3 1   ? 19.042  -12.612 -27.371 0.50 31.39  ? 199 U   C C2    1 
ATOM 1509 O O2    . U   C 3 1   ? 19.665  -12.007 -26.495 0.50 35.37  ? 199 U   C O2    1 
ATOM 1510 N N3    . U   C 3 1   ? 18.100  -11.997 -28.141 0.50 30.18  ? 199 U   C N3    1 
ATOM 1511 C C4    . U   C 3 1   ? 17.341  -12.580 -29.157 0.50 30.88  ? 199 U   C C4    1 
ATOM 1512 O O4    . U   C 3 1   ? 16.537  -11.887 -29.799 0.50 32.21  ? 199 U   C O4    1 
ATOM 1513 C C5    . U   C 3 1   ? 17.601  -13.970 -29.371 0.50 29.90  ? 199 U   C C5    1 
ATOM 1514 C C6    . U   C 3 1   ? 18.508  -14.584 -28.627 0.50 29.03  ? 199 U   C C6    1 
ATOM 1515 P P     . U   C 3 2   ? 17.400  -17.222 -23.938 0.50 38.04  ? 200 U   C P     1 
ATOM 1516 O OP1   . U   C 3 2   ? 17.640  -18.165 -22.779 0.50 41.24  ? 200 U   C OP1   1 
ATOM 1517 O OP2   . U   C 3 2   ? 16.346  -17.494 -24.966 0.50 38.93  ? 200 U   C OP2   1 
ATOM 1518 O "O5'" . U   C 3 2   ? 17.245  -15.734 -23.366 0.50 47.36  ? 200 U   C "O5'" 1 
ATOM 1519 C "C5'" . U   C 3 2   ? 18.050  -15.186 -22.266 0.50 60.81  ? 200 U   C "C5'" 1 
ATOM 1520 C "C4'" . U   C 3 2   ? 17.895  -13.672 -22.111 0.50 72.88  ? 200 U   C "C4'" 1 
ATOM 1521 O "O4'" . U   C 3 2   ? 18.073  -13.024 -23.394 0.50 74.20  ? 200 U   C "O4'" 1 
ATOM 1522 C "C3'" . U   C 3 2   ? 16.519  -13.178 -21.668 0.50 81.39  ? 200 U   C "C3'" 1 
ATOM 1523 O "O3'" . U   C 3 2   ? 16.334  -13.393 -20.241 0.50 97.05  ? 200 U   C "O3'" 1 
ATOM 1524 C "C2'" . U   C 3 2   ? 16.555  -11.710 -22.139 0.50 78.62  ? 200 U   C "C2'" 1 
ATOM 1525 O "O2'" . U   C 3 2   ? 17.346  -10.774 -21.401 0.50 78.20  ? 200 U   C "O2'" 1 
ATOM 1526 C "C1'" . U   C 3 2   ? 17.231  -11.876 -23.493 0.50 74.21  ? 200 U   C "C1'" 1 
ATOM 1527 N N1    . U   C 3 2   ? 16.272  -12.043 -24.612 0.50 69.72  ? 200 U   C N1    1 
ATOM 1528 C C2    . U   C 3 2   ? 15.692  -10.877 -25.088 0.50 67.60  ? 200 U   C C2    1 
ATOM 1529 O O2    . U   C 3 2   ? 15.910  -9.755  -24.587 0.50 66.90  ? 200 U   C O2    1 
ATOM 1530 N N3    . U   C 3 2   ? 14.842  -11.060 -26.161 0.50 66.96  ? 200 U   C N3    1 
ATOM 1531 C C4    . U   C 3 2   ? 14.516  -12.283 -26.802 0.50 67.63  ? 200 U   C C4    1 
ATOM 1532 O O4    . U   C 3 2   ? 13.778  -12.298 -27.804 0.50 67.15  ? 200 U   C O4    1 
ATOM 1533 C C5    . U   C 3 2   ? 15.138  -13.433 -26.233 0.50 66.87  ? 200 U   C C5    1 
ATOM 1534 C C6    . U   C 3 2   ? 15.968  -13.288 -25.194 0.50 68.52  ? 200 U   C C6    1 
ATOM 1535 P P     . U   C 3 3   ? 14.839  -13.573 -19.598 0.50 108.09 ? 201 U   C P     1 
ATOM 1536 O OP1   . U   C 3 3   ? 14.850  -13.724 -18.112 0.50 108.41 ? 201 U   C OP1   1 
ATOM 1537 O OP2   . U   C 3 3   ? 14.113  -14.590 -20.417 0.50 106.86 ? 201 U   C OP2   1 
ATOM 1538 O "O5'" . U   C 3 3   ? 14.071  -12.226 -20.069 0.50 118.32 ? 201 U   C "O5'" 1 
ATOM 1539 C "C5'" . U   C 3 3   ? 14.549  -10.841 -19.777 0.50 135.44 ? 201 U   C "C5'" 1 
ATOM 1540 C "C4'" . U   C 3 3   ? 13.488  -9.732  -20.005 0.50 147.40 ? 201 U   C "C4'" 1 
ATOM 1541 O "O4'" . U   C 3 3   ? 13.619  -9.074  -21.307 0.50 149.44 ? 201 U   C "O4'" 1 
ATOM 1542 C "C3'" . U   C 3 3   ? 12.021  -10.121 -19.877 0.50 155.23 ? 201 U   C "C3'" 1 
ATOM 1543 O "O3'" . U   C 3 3   ? 11.814  -10.188 -18.446 0.50 167.38 ? 201 U   C "O3'" 1 
ATOM 1544 C "C2'" . U   C 3 3   ? 11.345  -8.956  -20.621 0.50 153.86 ? 201 U   C "C2'" 1 
ATOM 1545 O "O2'" . U   C 3 3   ? 11.257  -7.756  -19.865 0.50 154.78 ? 201 U   C "O2'" 1 
ATOM 1546 C "C1'" . U   C 3 3   ? 12.329  -8.688  -21.773 0.50 151.26 ? 201 U   C "C1'" 1 
ATOM 1547 N N1    . U   C 3 3   ? 11.974  -9.444  -22.997 0.50 149.91 ? 201 U   C N1    1 
ATOM 1548 C C2    . U   C 3 3   ? 11.246  -8.760  -23.960 0.50 149.10 ? 201 U   C C2    1 
ATOM 1549 O O2    . U   C 3 3   ? 10.937  -7.559  -23.835 0.50 148.37 ? 201 U   C O2    1 
ATOM 1550 N N3    . U   C 3 3   ? 10.898  -9.523  -25.069 0.50 149.00 ? 201 U   C N3    1 
ATOM 1551 C C4    . U   C 3 3   ? 11.215  -10.881 -25.321 0.50 148.42 ? 201 U   C C4    1 
ATOM 1552 O O4    . U   C 3 3   ? 10.817  -11.447 -26.358 0.50 147.88 ? 201 U   C O4    1 
ATOM 1553 C C5    . U   C 3 3   ? 11.993  -11.494 -24.297 0.50 147.84 ? 201 U   C C5    1 
ATOM 1554 C C6    . U   C 3 3   ? 12.336  -10.785 -23.203 0.50 148.84 ? 201 U   C C6    1 
ATOM 1555 P P     . U   C 3 4   ? 10.354  -10.454 -17.798 0.50 175.73 ? 202 U   C P     1 
ATOM 1556 O OP1   . U   C 3 4   ? 10.478  -10.417 -16.306 0.50 175.60 ? 202 U   C OP1   1 
ATOM 1557 O OP2   . U   C 3 4   ? 9.711   -11.650 -18.446 0.50 175.45 ? 202 U   C OP2   1 
ATOM 1558 O "O5'" . U   C 3 4   ? 9.350   -9.323  -18.399 0.50 182.15 ? 202 U   C "O5'" 1 
ATOM 1559 C "C5'" . U   C 3 4   ? 9.269   -7.928  -17.931 0.50 192.91 ? 202 U   C "C5'" 1 
ATOM 1560 C "C4'" . U   C 3 4   ? 7.965   -7.153  -18.302 0.50 200.36 ? 202 U   C "C4'" 1 
ATOM 1561 O "O4'" . U   C 3 4   ? 7.918   -6.814  -19.734 0.50 203.51 ? 202 U   C "O4'" 1 
ATOM 1562 C "C3'" . U   C 3 4   ? 6.565   -7.717  -18.014 0.50 203.32 ? 202 U   C "C3'" 1 
ATOM 1563 O "O3'" . U   C 3 4   ? 6.100   -7.689  -16.612 0.50 203.85 ? 202 U   C "O3'" 1 
ATOM 1564 C "C2'" . U   C 3 4   ? 5.680   -6.800  -18.880 0.50 205.39 ? 202 U   C "C2'" 1 
ATOM 1565 O "O2'" . U   C 3 4   ? 5.374   -5.528  -18.285 0.50 205.45 ? 202 U   C "O2'" 1 
ATOM 1566 C "C1'" . U   C 3 4   ? 6.548   -6.633  -20.149 0.50 206.18 ? 202 U   C "C1'" 1 
ATOM 1567 N N1    . U   C 3 4   ? 6.217   -7.586  -21.248 0.50 208.90 ? 202 U   C N1    1 
ATOM 1568 C C2    . U   C 3 4   ? 5.247   -7.212  -22.228 0.50 209.94 ? 202 U   C C2    1 
ATOM 1569 O O2    . U   C 3 4   ? 4.630   -6.132  -22.230 0.50 210.36 ? 202 U   C O2    1 
ATOM 1570 N N3    . U   C 3 4   ? 5.016   -8.166  -23.211 0.50 210.77 ? 202 U   C N3    1 
ATOM 1571 C C4    . U   C 3 4   ? 5.622   -9.426  -23.341 0.50 210.76 ? 202 U   C C4    1 
ATOM 1572 O O4    . U   C 3 4   ? 5.309   -10.173 -24.285 0.50 211.67 ? 202 U   C O4    1 
ATOM 1573 C C5    . U   C 3 4   ? 6.584   -9.737  -22.320 0.50 210.46 ? 202 U   C C5    1 
ATOM 1574 C C6    . U   C 3 4   ? 6.848   -8.842  -21.342 0.50 209.53 ? 202 U   C C6    1 
# 
